data_3NTB
#
_entry.id   3NTB
#
_cell.length_a   181.197
_cell.length_b   134.225
_cell.length_c   121.990
_cell.angle_alpha   90.00
_cell.angle_beta   90.00
_cell.angle_gamma   90.00
#
_symmetry.space_group_name_H-M   'P 21 21 2'
#
loop_
_entity.id
_entity.type
_entity.pdbx_description
1 polymer 'Prostaglandin-endoperoxide synthase 2'
2 branched 2-acetamido-2-deoxy-beta-D-glucopyranose-(1-4)-2-acetamido-2-deoxy-beta-D-glucopyranose-(1-4)-2-acetamido-2-deoxy-beta-D-glucopyranose
3 non-polymer 'PROTOPORPHYRIN IX CONTAINING FE'
4 non-polymer 2-acetamido-2-deoxy-beta-D-glucopyranose
5 non-polymer 'octyl beta-D-glucopyranoside'
6 non-polymer '(2S)-2-[6-(methylsulfanyl)naphthalen-2-yl]propanoic acid'
7 water water
#
_entity_poly.entity_id   1
_entity_poly.type   'polypeptide(L)'
_entity_poly.pdbx_seq_one_letter_code
;ANPCCSNPCQNRGECMSTGFDQYKCDCTRTGFYGENCTTPEFLTRIKLLLKPTPNTVHYILTHFKGVWNIVNNIPFLRSL
IMKYVLTSRSYLIDSPPTYNVHYGYKSWEAFSNLSYYTRALPPVADDCPTPMGVKGNKELPDSKEVLEKVLLRREFIPDP
QGSNMMFAFFAQHFTHQFFKTDHKRGPGFTRGLGHGVDLNHIYGETLDRQHKLRLFKDGKLKYQVIGGEVYPPTVKDTQV
EMIYPPHIPENLQFAVGQEVFGLVPGLMMYATIWLREHNRVCDILKQEHPEWGDEQLFQTSRLILIGETIKIVIEDYVQH
LSGYHFKLKFDPELLFNQQFQYQNRIASEFNTLYHWHPLLPDTFNIEDQEYSFKQFLYNNSILLEHGLTQFVESFTRQIA
GRVAGGRNVPIAVQAVAKASIDQSREMKYQSLNEYRKRFSLKPYTSFEELTGEKEMAAELKALYSDIDVMELYPALLVEK
PRPDAIFGETMVELGAPFSLKGLMGNPICSPQYWKPSTFGGEVGFKIINTASIQSLICNNVKGCPFTSFNVQDPQPTKTA
TINASASHSRLDDINPTVLIKRRSTEL
;
_entity_poly.pdbx_strand_id   A,B,C,D
#
loop_
_chem_comp.id
_chem_comp.type
_chem_comp.name
_chem_comp.formula
BOG D-saccharide 'octyl beta-D-glucopyranoside' 'C14 H28 O6'
HEM non-polymer 'PROTOPORPHYRIN IX CONTAINING FE' 'C34 H32 Fe N4 O4'
NAG D-saccharide, beta linking 2-acetamido-2-deoxy-beta-D-glucopyranose 'C8 H15 N O6'
T1N non-polymer '(2S)-2-[6-(methylsulfanyl)naphthalen-2-yl]propanoic acid' 'C14 H14 O2 S'
#
# COMPACT_ATOMS: atom_id res chain seq x y z
N ALA A 1 -12.04 -15.55 59.72
CA ALA A 1 -11.11 -14.98 60.75
C ALA A 1 -10.14 -13.97 60.14
N ASN A 2 -9.87 -14.11 58.84
CA ASN A 2 -9.04 -13.17 58.10
C ASN A 2 -9.73 -11.80 58.00
N PRO A 3 -9.04 -10.73 58.46
CA PRO A 3 -9.59 -9.38 58.47
C PRO A 3 -9.85 -8.77 57.09
N CYS A 4 -9.29 -9.38 56.04
CA CYS A 4 -9.47 -8.91 54.68
C CYS A 4 -10.63 -9.58 53.94
N CYS A 5 -11.42 -10.37 54.67
CA CYS A 5 -12.57 -11.09 54.11
C CYS A 5 -13.69 -10.16 53.64
N SER A 6 -13.82 -9.01 54.32
CA SER A 6 -14.87 -8.05 54.00
C SER A 6 -14.58 -7.23 52.74
N ASN A 7 -13.36 -7.37 52.21
CA ASN A 7 -12.85 -6.57 51.09
C ASN A 7 -12.96 -5.06 51.37
N PRO A 8 -12.29 -4.60 52.45
CA PRO A 8 -12.46 -3.22 52.93
C PRO A 8 -11.79 -2.15 52.08
N CYS A 9 -10.67 -2.50 51.44
CA CYS A 9 -9.90 -1.54 50.65
C CYS A 9 -10.60 -1.23 49.33
N GLN A 10 -10.88 0.04 49.10
CA GLN A 10 -11.61 0.49 47.92
C GLN A 10 -10.68 1.10 46.87
N ASN A 11 -11.19 1.24 45.66
CA ASN A 11 -10.47 1.86 44.53
C ASN A 11 -9.14 1.20 44.18
N ARG A 12 -9.15 -0.13 44.11
CA ARG A 12 -7.98 -0.94 43.77
C ARG A 12 -6.84 -0.87 44.80
N GLY A 13 -7.18 -0.47 46.03
CA GLY A 13 -6.26 -0.54 47.15
C GLY A 13 -6.06 -2.00 47.55
N GLU A 14 -4.92 -2.30 48.17
CA GLU A 14 -4.59 -3.68 48.51
C GLU A 14 -4.70 -3.94 50.01
N CYS A 15 -5.42 -5.00 50.36
CA CYS A 15 -5.58 -5.40 51.76
C CYS A 15 -4.45 -6.29 52.22
N MET A 16 -3.91 -5.98 53.39
CA MET A 16 -2.87 -6.77 54.03
C MET A 16 -3.14 -6.82 55.53
N SER A 17 -3.16 -8.04 56.07
CA SER A 17 -3.39 -8.24 57.50
C SER A 17 -2.18 -7.79 58.32
N THR A 18 -2.45 -7.09 59.41
CA THR A 18 -1.40 -6.62 60.34
C THR A 18 -1.66 -7.18 61.74
N GLY A 19 -2.02 -8.45 61.80
CA GLY A 19 -2.47 -9.10 63.04
C GLY A 19 -3.63 -10.02 62.74
N PHE A 20 -4.09 -10.74 63.76
CA PHE A 20 -5.20 -11.69 63.59
C PHE A 20 -6.53 -11.01 63.28
N ASP A 21 -6.72 -9.79 63.79
CA ASP A 21 -7.99 -9.07 63.63
C ASP A 21 -7.81 -7.65 63.08
N GLN A 22 -6.61 -7.33 62.62
CA GLN A 22 -6.30 -6.00 62.08
C GLN A 22 -5.84 -6.07 60.62
N TYR A 23 -6.23 -5.06 59.83
CA TYR A 23 -5.82 -4.98 58.43
C TYR A 23 -5.19 -3.62 58.09
N LYS A 24 -4.61 -3.55 56.90
CA LYS A 24 -3.97 -2.34 56.40
C LYS A 24 -4.23 -2.23 54.89
N CYS A 25 -4.66 -1.04 54.46
CA CYS A 25 -4.90 -0.78 53.04
C CYS A 25 -3.75 -0.01 52.41
N ASP A 26 -3.18 -0.58 51.35
CA ASP A 26 -2.11 0.07 50.61
C ASP A 26 -2.71 0.91 49.48
N CYS A 27 -2.72 2.22 49.68
CA CYS A 27 -3.36 3.15 48.75
C CYS A 27 -2.40 3.72 47.69
N THR A 28 -1.21 3.12 47.57
CA THR A 28 -0.17 3.59 46.66
C THR A 28 -0.67 3.73 45.21
N ARG A 29 -0.52 4.94 44.67
CA ARG A 29 -0.87 5.28 43.28
C ARG A 29 -2.34 5.05 42.89
N THR A 30 -3.22 4.94 43.88
CA THR A 30 -4.64 4.74 43.64
C THR A 30 -5.35 6.06 43.33
N GLY A 31 -4.78 7.17 43.83
CA GLY A 31 -5.41 8.48 43.73
C GLY A 31 -6.25 8.78 44.96
N PHE A 32 -6.23 7.84 45.91
CA PHE A 32 -7.03 7.94 47.13
C PHE A 32 -6.14 7.71 48.35
N TYR A 33 -6.64 8.12 49.52
CA TYR A 33 -5.97 7.85 50.79
C TYR A 33 -6.99 7.56 51.90
N GLY A 34 -6.50 7.28 53.11
CA GLY A 34 -7.36 6.95 54.24
C GLY A 34 -7.33 5.47 54.57
N GLU A 35 -8.03 5.10 55.64
CA GLU A 35 -8.04 3.72 56.15
C GLU A 35 -8.50 2.70 55.11
N ASN A 36 -9.45 3.09 54.27
CA ASN A 36 -10.02 2.20 53.25
C ASN A 36 -9.77 2.66 51.81
N CYS A 37 -8.83 3.60 51.64
CA CYS A 37 -8.54 4.26 50.36
C CYS A 37 -9.81 4.85 49.72
N THR A 38 -10.54 5.65 50.49
CA THR A 38 -11.82 6.21 50.04
C THR A 38 -11.80 7.74 49.89
N THR A 39 -10.86 8.40 50.58
CA THR A 39 -10.73 9.85 50.49
C THR A 39 -9.89 10.22 49.26
N PRO A 40 -10.51 10.93 48.30
CA PRO A 40 -9.84 11.22 47.03
C PRO A 40 -8.85 12.39 47.12
N GLU A 41 -7.88 12.39 46.22
CA GLU A 41 -6.95 13.51 46.08
C GLU A 41 -7.61 14.65 45.32
N PHE A 42 -6.98 15.82 45.33
CA PHE A 42 -7.51 17.01 44.66
C PHE A 42 -7.78 16.76 43.17
N LEU A 43 -6.77 16.23 42.47
CA LEU A 43 -6.89 15.94 41.05
C LEU A 43 -7.80 14.73 40.76
N THR A 44 -7.91 13.84 41.75
CA THR A 44 -8.79 12.67 41.65
C THR A 44 -10.26 13.11 41.69
N ARG A 45 -10.56 14.08 42.56
CA ARG A 45 -11.91 14.63 42.67
C ARG A 45 -12.35 15.33 41.39
N ILE A 46 -11.42 16.06 40.77
CA ILE A 46 -11.66 16.72 39.49
C ILE A 46 -11.93 15.71 38.37
N LYS A 47 -11.11 14.66 38.32
CA LYS A 47 -11.25 13.59 37.32
C LYS A 47 -12.59 12.86 37.43
N LEU A 48 -13.09 12.69 38.64
CA LEU A 48 -14.37 12.02 38.88
C LEU A 48 -15.58 12.87 38.50
N LEU A 49 -15.40 14.18 38.44
CA LEU A 49 -16.45 15.10 37.99
C LEU A 49 -16.60 15.11 36.47
N LEU A 50 -15.47 15.08 35.75
CA LEU A 50 -15.47 15.14 34.29
C LEU A 50 -15.65 13.77 33.63
N LYS A 51 -15.40 12.71 34.38
CA LYS A 51 -15.53 11.34 33.87
C LYS A 51 -16.99 10.94 33.66
N PRO A 52 -17.38 10.66 32.40
CA PRO A 52 -18.75 10.26 32.13
C PRO A 52 -18.98 8.77 32.44
N THR A 53 -20.23 8.38 32.63
CA THR A 53 -20.59 6.99 32.90
C THR A 53 -20.47 6.15 31.62
N PRO A 54 -20.18 4.84 31.77
CA PRO A 54 -20.14 3.92 30.63
C PRO A 54 -21.43 3.94 29.79
N ASN A 55 -22.57 4.11 30.46
CA ASN A 55 -23.86 4.22 29.77
C ASN A 55 -23.97 5.48 28.91
N THR A 56 -23.39 6.59 29.39
CA THR A 56 -23.38 7.85 28.66
C THR A 56 -22.44 7.78 27.44
N VAL A 57 -21.26 7.17 27.65
CA VAL A 57 -20.29 6.97 26.58
C VAL A 57 -20.85 6.04 25.49
N HIS A 58 -21.52 4.97 25.93
CA HIS A 58 -22.18 4.03 25.02
C HIS A 58 -23.26 4.72 24.19
N TYR A 59 -24.01 5.62 24.81
CA TYR A 59 -25.04 6.39 24.12
C TYR A 59 -24.46 7.21 22.96
N ILE A 60 -23.42 7.99 23.26
CA ILE A 60 -22.77 8.85 22.27
C ILE A 60 -22.17 8.05 21.12
N LEU A 61 -21.62 6.87 21.44
CA LEU A 61 -21.03 5.99 20.44
C LEU A 61 -22.06 5.27 19.56
N THR A 62 -23.27 5.09 20.10
CA THR A 62 -24.34 4.41 19.37
C THR A 62 -25.38 5.36 18.77
N HIS A 63 -25.19 6.66 18.99
CA HIS A 63 -26.03 7.69 18.40
C HIS A 63 -25.18 8.69 17.60
N PHE A 64 -25.84 9.65 16.97
CA PHE A 64 -25.18 10.68 16.15
C PHE A 64 -24.37 10.09 14.99
N LYS A 65 -25.01 9.19 14.24
CA LYS A 65 -24.37 8.49 13.12
C LYS A 65 -23.79 9.42 12.06
N GLY A 66 -24.49 10.53 11.79
CA GLY A 66 -24.02 11.55 10.85
C GLY A 66 -22.72 12.21 11.27
N VAL A 67 -22.52 12.34 12.60
CA VAL A 67 -21.31 12.92 13.17
C VAL A 67 -20.14 11.94 13.09
N TRP A 68 -20.38 10.68 13.42
CA TRP A 68 -19.34 9.65 13.37
C TRP A 68 -18.88 9.34 11.95
N ASN A 69 -19.77 9.51 10.97
CA ASN A 69 -19.44 9.33 9.56
C ASN A 69 -18.45 10.37 9.05
N ILE A 70 -18.48 11.56 9.65
CA ILE A 70 -17.48 12.60 9.37
C ILE A 70 -16.19 12.30 10.12
N VAL A 71 -16.34 11.86 11.38
CA VAL A 71 -15.21 11.53 12.25
C VAL A 71 -14.35 10.39 11.68
N ASN A 72 -15.01 9.35 11.16
CA ASN A 72 -14.32 8.20 10.58
C ASN A 72 -13.49 8.54 9.33
N ASN A 73 -13.88 9.60 8.63
CA ASN A 73 -13.18 10.04 7.42
C ASN A 73 -12.07 11.07 7.67
N ILE A 74 -11.93 11.48 8.93
CA ILE A 74 -10.82 12.34 9.35
C ILE A 74 -9.80 11.47 10.08
N PRO A 75 -8.69 11.11 9.38
CA PRO A 75 -7.76 10.08 9.85
C PRO A 75 -7.07 10.37 11.17
N PHE A 76 -6.74 11.63 11.43
CA PHE A 76 -6.05 12.00 12.68
C PHE A 76 -6.99 11.95 13.88
N LEU A 77 -8.27 12.20 13.64
CA LEU A 77 -9.29 12.16 14.69
C LEU A 77 -9.70 10.72 14.98
N ARG A 78 -9.77 9.90 13.94
CA ARG A 78 -10.03 8.46 14.07
C ARG A 78 -8.91 7.78 14.86
N SER A 79 -7.67 8.18 14.56
CA SER A 79 -6.50 7.66 15.25
C SER A 79 -6.45 8.09 16.72
N LEU A 80 -6.76 9.37 16.96
CA LEU A 80 -6.76 9.94 18.31
C LEU A 80 -7.73 9.20 19.24
N ILE A 81 -8.95 8.96 18.75
CA ILE A 81 -9.98 8.29 19.53
C ILE A 81 -9.63 6.81 19.77
N MET A 82 -9.22 6.12 18.71
CA MET A 82 -8.82 4.72 18.81
C MET A 82 -7.64 4.52 19.75
N LYS A 83 -6.70 5.46 19.73
CA LYS A 83 -5.58 5.47 20.66
C LYS A 83 -6.09 5.53 22.11
N TYR A 84 -7.08 6.39 22.35
CA TYR A 84 -7.67 6.55 23.68
C TYR A 84 -8.41 5.31 24.14
N VAL A 85 -9.17 4.69 23.25
CA VAL A 85 -9.92 3.48 23.61
C VAL A 85 -8.99 2.30 23.92
N LEU A 86 -7.79 2.31 23.34
CA LEU A 86 -6.80 1.26 23.60
C LEU A 86 -6.10 1.48 24.94
N THR A 87 -5.68 2.72 25.20
CA THR A 87 -4.93 3.05 26.41
C THR A 87 -5.80 3.03 27.67
N SER A 88 -7.01 3.60 27.57
CA SER A 88 -7.92 3.69 28.72
C SER A 88 -8.50 2.33 29.11
N ARG A 89 -8.66 1.44 28.15
CA ARG A 89 -9.13 0.07 28.43
C ARG A 89 -8.01 -0.78 29.03
N SER A 90 -6.82 -0.71 28.45
CA SER A 90 -5.67 -1.50 28.90
C SER A 90 -5.20 -1.15 30.30
N TYR A 91 -5.46 0.10 30.71
CA TYR A 91 -5.10 0.59 32.04
C TYR A 91 -5.76 -0.21 33.17
N LEU A 92 -6.90 -0.83 32.86
CA LEU A 92 -7.65 -1.62 33.84
C LEU A 92 -7.07 -3.02 34.07
N ILE A 93 -6.11 -3.42 33.24
CA ILE A 93 -5.49 -4.73 33.34
C ILE A 93 -4.11 -4.65 34.00
N ASP A 94 -3.89 -5.49 35.01
CA ASP A 94 -2.58 -5.61 35.64
C ASP A 94 -1.63 -6.34 34.71
N SER A 95 -0.53 -5.66 34.36
CA SER A 95 0.49 -6.23 33.48
C SER A 95 1.85 -5.65 33.85
N PRO A 96 2.78 -6.50 34.33
CA PRO A 96 2.70 -7.96 34.56
C PRO A 96 1.56 -8.38 35.48
N PRO A 97 1.01 -9.59 35.27
CA PRO A 97 -0.13 -10.12 36.01
C PRO A 97 0.15 -10.35 37.49
N THR A 98 -0.92 -10.44 38.29
CA THR A 98 -0.79 -10.58 39.73
C THR A 98 -1.33 -11.91 40.28
N TYR A 99 -2.62 -11.93 40.62
CA TYR A 99 -3.20 -13.03 41.39
C TYR A 99 -3.63 -14.22 40.54
N ASN A 100 -3.81 -15.37 41.20
CA ASN A 100 -4.48 -16.52 40.59
C ASN A 100 -5.41 -17.23 41.59
N VAL A 101 -5.91 -18.40 41.20
CA VAL A 101 -6.85 -19.15 42.04
C VAL A 101 -6.30 -19.51 43.42
N HIS A 102 -4.99 -19.73 43.51
CA HIS A 102 -4.36 -20.13 44.77
C HIS A 102 -3.66 -19.00 45.53
N TYR A 103 -3.53 -17.84 44.91
CA TYR A 103 -2.82 -16.72 45.53
C TYR A 103 -3.59 -15.40 45.55
N GLY A 104 -4.01 -14.99 46.74
CA GLY A 104 -4.69 -13.71 46.95
C GLY A 104 -3.73 -12.58 47.29
N TYR A 105 -2.44 -12.91 47.29
CA TYR A 105 -1.36 -11.95 47.47
C TYR A 105 -0.36 -12.16 46.34
N LYS A 106 0.42 -11.13 46.02
CA LYS A 106 1.44 -11.24 44.98
C LYS A 106 2.59 -12.14 45.40
N SER A 107 2.99 -13.03 44.49
CA SER A 107 4.08 -13.97 44.72
C SER A 107 4.76 -14.32 43.41
N TRP A 108 5.98 -14.84 43.48
CA TRP A 108 6.70 -15.24 42.27
C TRP A 108 6.04 -16.46 41.62
N GLU A 109 5.50 -17.36 42.44
CA GLU A 109 4.79 -18.52 41.95
C GLU A 109 3.59 -18.12 41.09
N ALA A 110 2.84 -17.12 41.55
CA ALA A 110 1.69 -16.60 40.82
C ALA A 110 2.11 -15.93 39.51
N PHE A 111 3.24 -15.24 39.52
CA PHE A 111 3.74 -14.60 38.30
C PHE A 111 4.30 -15.60 37.30
N SER A 112 5.16 -16.52 37.76
CA SER A 112 5.94 -17.37 36.88
C SER A 112 5.17 -18.55 36.29
N ASN A 113 4.22 -19.09 37.04
CA ASN A 113 3.50 -20.31 36.62
C ASN A 113 2.44 -20.04 35.56
N LEU A 114 2.77 -20.38 34.32
CA LEU A 114 1.92 -20.12 33.15
C LEU A 114 0.72 -21.07 33.05
N SER A 115 0.72 -22.13 33.86
CA SER A 115 -0.38 -23.09 33.88
C SER A 115 -1.67 -22.53 34.49
N TYR A 116 -1.54 -21.44 35.26
CA TYR A 116 -2.67 -20.77 35.88
C TYR A 116 -3.30 -19.74 34.96
N TYR A 117 -4.63 -19.63 35.01
CA TYR A 117 -5.31 -18.42 34.58
C TYR A 117 -5.00 -17.35 35.63
N THR A 118 -4.79 -16.11 35.20
CA THR A 118 -4.61 -15.02 36.15
C THR A 118 -5.97 -14.56 36.69
N ARG A 119 -5.96 -13.67 37.67
CA ARG A 119 -7.20 -13.17 38.26
C ARG A 119 -7.21 -11.64 38.34
N ALA A 120 -8.30 -11.05 37.86
CA ALA A 120 -8.49 -9.60 37.94
C ALA A 120 -8.70 -9.16 39.38
N LEU A 121 -9.46 -9.96 40.12
CA LEU A 121 -9.62 -9.82 41.56
C LEU A 121 -9.14 -11.08 42.26
N PRO A 122 -8.49 -10.92 43.43
CA PRO A 122 -8.04 -12.08 44.21
C PRO A 122 -9.20 -12.95 44.68
N PRO A 123 -8.96 -14.25 44.86
CA PRO A 123 -10.00 -15.13 45.40
C PRO A 123 -10.34 -14.78 46.85
N VAL A 124 -11.57 -15.08 47.25
CA VAL A 124 -11.98 -14.99 48.64
C VAL A 124 -11.18 -16.05 49.41
N ALA A 125 -10.58 -15.64 50.52
CA ALA A 125 -9.74 -16.53 51.33
C ALA A 125 -10.52 -17.74 51.85
N ASP A 126 -9.83 -18.88 51.96
CA ASP A 126 -10.43 -20.14 52.39
C ASP A 126 -11.05 -20.08 53.80
N ASP A 127 -10.52 -19.22 54.66
CA ASP A 127 -10.98 -19.14 56.06
C ASP A 127 -12.10 -18.12 56.30
N CYS A 128 -12.57 -17.48 55.24
CA CYS A 128 -13.68 -16.51 55.32
C CYS A 128 -15.00 -17.21 55.68
N PRO A 129 -15.82 -16.59 56.56
CA PRO A 129 -17.06 -17.20 57.06
C PRO A 129 -18.13 -17.45 56.00
N THR A 130 -18.18 -16.62 54.96
CA THR A 130 -19.12 -16.80 53.85
C THR A 130 -18.39 -16.86 52.50
N PRO A 131 -19.00 -17.53 51.50
CA PRO A 131 -18.41 -17.66 50.16
C PRO A 131 -17.98 -16.34 49.53
N MET A 132 -18.71 -15.26 49.79
CA MET A 132 -18.39 -13.93 49.27
C MET A 132 -17.53 -13.10 50.21
N GLY A 133 -17.31 -13.60 51.43
CA GLY A 133 -16.52 -12.90 52.43
C GLY A 133 -17.18 -12.89 53.79
N VAL A 134 -17.95 -11.83 54.06
CA VAL A 134 -18.70 -11.71 55.32
C VAL A 134 -20.21 -11.60 55.10
N LYS A 135 -20.61 -11.03 53.97
CA LYS A 135 -22.01 -10.82 53.64
C LYS A 135 -22.67 -12.09 53.10
N GLY A 136 -23.98 -12.20 53.30
CA GLY A 136 -24.77 -13.33 52.81
C GLY A 136 -24.86 -14.49 53.78
N ASN A 137 -25.45 -15.58 53.32
CA ASN A 137 -25.59 -16.80 54.13
C ASN A 137 -24.37 -17.71 54.00
N LYS A 138 -24.30 -18.72 54.87
CA LYS A 138 -23.19 -19.69 54.89
C LYS A 138 -23.01 -20.39 53.54
N GLU A 139 -24.12 -20.63 52.86
CA GLU A 139 -24.10 -21.26 51.55
C GLU A 139 -24.80 -20.37 50.51
N LEU A 140 -24.24 -20.32 49.31
CA LEU A 140 -24.86 -19.62 48.18
C LEU A 140 -26.07 -20.43 47.68
N PRO A 141 -27.02 -19.77 46.99
CA PRO A 141 -28.25 -20.43 46.52
C PRO A 141 -27.98 -21.63 45.62
N ASP A 142 -28.86 -22.63 45.68
CA ASP A 142 -28.77 -23.82 44.83
C ASP A 142 -28.58 -23.40 43.37
N SER A 143 -27.50 -23.87 42.76
CA SER A 143 -27.15 -23.53 41.39
C SER A 143 -28.18 -24.04 40.37
N LYS A 144 -28.85 -25.15 40.72
CA LYS A 144 -29.95 -25.69 39.91
C LYS A 144 -31.11 -24.70 39.87
N GLU A 145 -31.48 -24.17 41.03
CA GLU A 145 -32.54 -23.16 41.14
C GLU A 145 -32.22 -21.90 40.34
N VAL A 146 -31.01 -21.39 40.51
CA VAL A 146 -30.54 -20.20 39.78
C VAL A 146 -30.65 -20.42 38.26
N LEU A 147 -30.15 -21.59 37.81
CA LEU A 147 -30.20 -21.98 36.41
C LEU A 147 -31.63 -22.05 35.87
N GLU A 148 -32.47 -22.80 36.56
CA GLU A 148 -33.84 -23.09 36.11
C GLU A 148 -34.78 -21.88 36.15
N LYS A 149 -34.57 -20.99 37.13
CA LYS A 149 -35.44 -19.84 37.31
C LYS A 149 -35.17 -18.69 36.32
N VAL A 150 -33.92 -18.26 36.22
CA VAL A 150 -33.59 -17.04 35.49
C VAL A 150 -32.67 -17.22 34.26
N LEU A 151 -32.11 -18.40 34.08
CA LEU A 151 -31.15 -18.64 33.00
C LEU A 151 -31.71 -19.45 31.83
N LEU A 152 -32.46 -20.50 32.14
CA LEU A 152 -32.96 -21.42 31.11
C LEU A 152 -33.93 -20.76 30.11
N ARG A 153 -33.82 -21.17 28.85
CA ARG A 153 -34.64 -20.64 27.76
C ARG A 153 -36.05 -21.24 27.80
N ARG A 154 -37.05 -20.37 27.76
CA ARG A 154 -38.44 -20.80 27.59
C ARG A 154 -38.70 -20.89 26.10
N GLU A 155 -38.76 -19.73 25.44
CA GLU A 155 -38.73 -19.65 23.99
C GLU A 155 -37.51 -18.86 23.53
N PHE A 156 -37.07 -19.12 22.30
CA PHE A 156 -35.87 -18.48 21.73
C PHE A 156 -36.01 -16.96 21.67
N ILE A 157 -35.06 -16.28 22.30
CA ILE A 157 -34.99 -14.81 22.25
C ILE A 157 -33.85 -14.41 21.32
N PRO A 158 -34.18 -13.88 20.13
CA PRO A 158 -33.16 -13.48 19.16
C PRO A 158 -32.42 -12.22 19.58
N ASP A 159 -31.18 -12.07 19.11
CA ASP A 159 -30.38 -10.87 19.36
C ASP A 159 -30.90 -9.70 18.52
N PRO A 160 -31.20 -8.56 19.17
CA PRO A 160 -31.65 -7.33 18.50
C PRO A 160 -30.57 -6.66 17.64
N GLN A 161 -29.30 -6.93 17.95
CA GLN A 161 -28.18 -6.40 17.16
C GLN A 161 -27.99 -7.15 15.84
N GLY A 162 -28.61 -8.32 15.74
CA GLY A 162 -28.64 -9.06 14.48
C GLY A 162 -27.54 -10.09 14.31
N SER A 163 -26.84 -10.42 15.41
CA SER A 163 -25.76 -11.41 15.38
C SER A 163 -26.25 -12.73 14.77
N ASN A 164 -25.42 -13.29 13.89
CA ASN A 164 -25.76 -14.55 13.22
C ASN A 164 -24.90 -15.72 13.72
N MET A 165 -25.03 -16.86 13.07
CA MET A 165 -24.26 -18.05 13.45
C MET A 165 -22.80 -18.01 13.00
N MET A 166 -22.52 -17.21 11.98
CA MET A 166 -21.13 -16.91 11.60
C MET A 166 -20.41 -16.21 12.75
N PHE A 167 -21.11 -15.29 13.41
CA PHE A 167 -20.59 -14.59 14.58
C PHE A 167 -20.41 -15.53 15.77
N ALA A 168 -21.45 -16.31 16.07
CA ALA A 168 -21.45 -17.25 17.19
C ALA A 168 -20.31 -18.25 17.11
N PHE A 169 -20.13 -18.85 15.93
CA PHE A 169 -19.08 -19.85 15.74
C PHE A 169 -17.68 -19.25 15.61
N PHE A 170 -17.59 -18.01 15.15
CA PHE A 170 -16.31 -17.30 15.13
C PHE A 170 -15.85 -17.05 16.56
N ALA A 171 -16.77 -16.59 17.40
CA ALA A 171 -16.51 -16.36 18.82
C ALA A 171 -16.00 -17.63 19.51
N GLN A 172 -16.67 -18.75 19.25
CA GLN A 172 -16.28 -20.04 19.84
C GLN A 172 -14.90 -20.49 19.33
N HIS A 173 -14.70 -20.40 18.02
CA HIS A 173 -13.45 -20.81 17.37
C HIS A 173 -12.26 -19.98 17.84
N PHE A 174 -12.41 -18.65 17.78
CA PHE A 174 -11.36 -17.71 18.17
C PHE A 174 -10.94 -17.84 19.63
N THR A 175 -11.91 -17.84 20.54
CA THR A 175 -11.61 -17.82 21.98
C THR A 175 -11.06 -19.15 22.50
N HIS A 176 -11.35 -20.24 21.80
CA HIS A 176 -10.92 -21.56 22.21
C HIS A 176 -9.44 -21.86 21.90
N GLN A 177 -8.71 -20.83 21.48
CA GLN A 177 -7.26 -20.92 21.40
C GLN A 177 -6.60 -20.50 22.71
N PHE A 178 -7.27 -19.63 23.46
CA PHE A 178 -6.75 -19.20 24.77
C PHE A 178 -7.59 -19.65 25.98
N PHE A 179 -8.86 -19.95 25.76
CA PHE A 179 -9.69 -20.58 26.79
C PHE A 179 -9.64 -22.09 26.60
N LYS A 180 -8.68 -22.73 27.28
CA LYS A 180 -8.48 -24.18 27.17
C LYS A 180 -8.23 -24.75 28.56
N THR A 181 -9.30 -24.87 29.33
CA THR A 181 -9.20 -25.26 30.74
C THR A 181 -8.64 -26.68 30.91
N ASP A 182 -7.60 -26.78 31.72
CA ASP A 182 -6.99 -28.06 32.06
C ASP A 182 -7.78 -28.69 33.21
N HIS A 183 -8.81 -29.46 32.86
CA HIS A 183 -9.70 -30.08 33.84
C HIS A 183 -9.05 -31.17 34.69
N LYS A 184 -7.86 -31.62 34.25
CA LYS A 184 -7.05 -32.57 35.04
C LYS A 184 -6.51 -31.87 36.29
N ARG A 185 -6.21 -30.58 36.16
CA ARG A 185 -5.66 -29.79 37.25
C ARG A 185 -6.74 -29.05 38.04
N GLY A 186 -7.74 -28.51 37.33
CA GLY A 186 -8.81 -27.74 37.93
C GLY A 186 -9.28 -26.60 37.05
N PRO A 187 -10.40 -25.96 37.40
CA PRO A 187 -11.01 -24.86 36.64
C PRO A 187 -10.12 -23.62 36.48
N GLY A 188 -9.21 -23.41 37.44
CA GLY A 188 -8.31 -22.25 37.41
C GLY A 188 -7.03 -22.46 36.62
N PHE A 189 -6.97 -23.55 35.86
CA PHE A 189 -5.78 -23.91 35.10
C PHE A 189 -6.03 -23.97 33.60
N THR A 190 -5.03 -23.58 32.82
CA THR A 190 -5.12 -23.54 31.37
C THR A 190 -4.10 -24.46 30.67
N ARG A 191 -4.44 -24.89 29.47
CA ARG A 191 -3.52 -25.60 28.59
C ARG A 191 -2.87 -24.64 27.60
N GLY A 192 -3.47 -23.45 27.45
CA GLY A 192 -3.00 -22.44 26.50
C GLY A 192 -1.89 -21.59 27.09
N LEU A 193 -0.68 -22.14 27.11
CA LEU A 193 0.47 -21.50 27.75
C LEU A 193 0.98 -20.27 27.00
N GLY A 194 0.46 -20.03 25.80
CA GLY A 194 0.74 -18.81 25.05
C GLY A 194 -0.03 -17.61 25.54
N HIS A 195 -1.12 -17.87 26.27
CA HIS A 195 -1.96 -16.83 26.89
C HIS A 195 -2.39 -15.70 25.94
N GLY A 196 -2.77 -16.06 24.72
CA GLY A 196 -3.21 -15.08 23.74
C GLY A 196 -3.39 -15.62 22.34
N VAL A 197 -3.37 -14.71 21.38
CA VAL A 197 -3.59 -15.03 19.98
C VAL A 197 -2.31 -15.58 19.34
N ASP A 198 -2.06 -16.87 19.53
CA ASP A 198 -0.91 -17.54 18.93
C ASP A 198 -1.32 -18.47 17.79
N LEU A 199 -2.63 -18.67 17.65
CA LEU A 199 -3.21 -19.58 16.65
C LEU A 199 -2.84 -21.04 16.85
N ASN A 200 -2.72 -21.45 18.12
CA ASN A 200 -2.46 -22.85 18.47
C ASN A 200 -3.63 -23.76 18.11
N HIS A 201 -4.81 -23.18 17.92
CA HIS A 201 -6.00 -23.92 17.52
C HIS A 201 -5.96 -24.33 16.05
N ILE A 202 -4.97 -23.80 15.31
CA ILE A 202 -4.71 -24.20 13.93
C ILE A 202 -3.42 -25.02 13.85
N TYR A 203 -2.38 -24.55 14.54
CA TYR A 203 -1.03 -25.10 14.38
C TYR A 203 -0.62 -26.09 15.48
N GLY A 204 -1.45 -26.22 16.52
CA GLY A 204 -1.13 -27.07 17.65
C GLY A 204 -0.45 -26.30 18.77
N GLU A 205 -0.64 -26.77 20.00
CA GLU A 205 -0.04 -26.16 21.19
C GLU A 205 1.44 -26.54 21.30
N THR A 206 1.75 -27.80 21.01
CA THR A 206 3.12 -28.31 21.10
C THR A 206 3.78 -28.43 19.73
N LEU A 207 5.12 -28.48 19.74
CA LEU A 207 5.92 -28.63 18.52
C LEU A 207 5.69 -29.98 17.83
N ASP A 208 5.53 -31.03 18.64
CA ASP A 208 5.27 -32.38 18.15
C ASP A 208 3.95 -32.45 17.39
N ARG A 209 2.92 -31.79 17.91
CA ARG A 209 1.61 -31.74 17.28
C ARG A 209 1.65 -30.91 15.99
N GLN A 210 2.43 -29.84 16.00
CA GLN A 210 2.63 -28.99 14.82
C GLN A 210 3.21 -29.76 13.64
N HIS A 211 4.27 -30.53 13.90
CA HIS A 211 4.96 -31.28 12.86
C HIS A 211 4.11 -32.41 12.26
N LYS A 212 3.23 -32.99 13.08
CA LYS A 212 2.27 -34.00 12.61
C LYS A 212 1.20 -33.40 11.69
N LEU A 213 0.98 -32.09 11.83
CA LEU A 213 0.00 -31.37 11.01
C LEU A 213 0.63 -30.72 9.76
N ARG A 214 1.95 -30.62 9.75
CA ARG A 214 2.68 -29.97 8.65
C ARG A 214 3.05 -30.93 7.53
N LEU A 215 2.91 -30.44 6.29
CA LEU A 215 3.27 -31.22 5.10
C LEU A 215 4.78 -31.25 4.87
N PHE A 216 5.47 -30.22 5.37
CA PHE A 216 6.92 -30.03 5.17
C PHE A 216 7.30 -29.81 3.71
N LYS A 217 6.39 -29.15 2.99
CA LYS A 217 6.61 -28.75 1.61
C LYS A 217 5.89 -27.42 1.38
N ASP A 218 6.65 -26.43 0.90
CA ASP A 218 6.13 -25.09 0.62
C ASP A 218 5.55 -24.37 1.85
N GLY A 219 5.90 -24.84 3.04
CA GLY A 219 5.42 -24.27 4.29
C GLY A 219 4.01 -24.67 4.66
N LYS A 220 3.43 -25.60 3.90
CA LYS A 220 2.01 -25.93 4.01
C LYS A 220 1.65 -26.90 5.13
N LEU A 221 0.37 -26.85 5.51
CA LEU A 221 -0.21 -27.81 6.43
C LEU A 221 -0.83 -28.95 5.62
N LYS A 222 -0.80 -30.15 6.20
CA LYS A 222 -1.40 -31.34 5.58
C LYS A 222 -2.90 -31.15 5.37
N TYR A 223 -3.40 -31.70 4.26
CA TYR A 223 -4.80 -31.58 3.87
C TYR A 223 -5.21 -32.75 3.00
N GLN A 224 -6.51 -32.96 2.87
CA GLN A 224 -7.04 -33.94 1.93
C GLN A 224 -8.08 -33.30 1.02
N VAL A 225 -8.34 -33.96 -0.12
CA VAL A 225 -9.33 -33.50 -1.07
C VAL A 225 -10.50 -34.49 -1.10
N ILE A 226 -11.66 -34.03 -0.66
CA ILE A 226 -12.88 -34.83 -0.67
C ILE A 226 -13.91 -34.16 -1.58
N GLY A 227 -14.13 -34.75 -2.75
CA GLY A 227 -15.08 -34.24 -3.74
C GLY A 227 -14.64 -32.91 -4.35
N GLY A 228 -13.36 -32.80 -4.67
CA GLY A 228 -12.79 -31.58 -5.25
C GLY A 228 -12.67 -30.42 -4.27
N GLU A 229 -12.82 -30.72 -2.98
CA GLU A 229 -12.80 -29.71 -1.92
C GLU A 229 -11.76 -30.05 -0.85
N VAL A 230 -11.07 -29.03 -0.35
CA VAL A 230 -9.97 -29.19 0.60
C VAL A 230 -10.48 -29.25 2.06
N TYR A 231 -10.13 -30.34 2.74
CA TYR A 231 -10.51 -30.54 4.14
C TYR A 231 -9.29 -30.94 4.99
N PRO A 232 -9.41 -30.83 6.33
CA PRO A 232 -8.33 -31.28 7.22
C PRO A 232 -8.02 -32.77 7.03
N PRO A 233 -6.79 -33.19 7.36
CA PRO A 233 -6.45 -34.61 7.27
C PRO A 233 -7.09 -35.40 8.40
N THR A 234 -6.91 -36.72 8.39
CA THR A 234 -7.51 -37.58 9.41
C THR A 234 -6.58 -37.87 10.57
N VAL A 235 -7.15 -38.30 11.69
CA VAL A 235 -6.38 -38.81 12.83
C VAL A 235 -5.54 -40.02 12.40
N LYS A 236 -6.13 -40.89 11.59
CA LYS A 236 -5.47 -42.11 11.10
C LYS A 236 -4.19 -41.83 10.32
N ASP A 237 -4.23 -40.83 9.44
CA ASP A 237 -3.10 -40.52 8.55
C ASP A 237 -2.00 -39.69 9.21
N THR A 238 -2.34 -38.99 10.29
CA THR A 238 -1.42 -38.02 10.92
C THR A 238 -1.01 -38.36 12.36
N GLN A 239 -1.84 -39.14 13.04
CA GLN A 239 -1.65 -39.53 14.46
C GLN A 239 -1.72 -38.37 15.46
N VAL A 240 -2.35 -37.26 15.06
CA VAL A 240 -2.64 -36.18 16.02
C VAL A 240 -3.91 -36.51 16.79
N GLU A 241 -3.84 -36.35 18.11
CA GLU A 241 -4.93 -36.67 19.02
C GLU A 241 -6.11 -35.71 18.86
N MET A 242 -7.30 -36.28 18.74
CA MET A 242 -8.55 -35.50 18.69
C MET A 242 -9.59 -36.13 19.61
N ILE A 243 -10.50 -35.31 20.14
CA ILE A 243 -11.59 -35.79 20.97
C ILE A 243 -12.80 -36.15 20.09
N TYR A 244 -13.02 -37.45 19.92
CA TYR A 244 -14.18 -37.97 19.19
C TYR A 244 -14.81 -39.13 19.94
N PRO A 245 -16.15 -39.26 19.86
CA PRO A 245 -16.83 -40.45 20.39
C PRO A 245 -16.39 -41.70 19.62
N PRO A 246 -16.38 -42.87 20.30
CA PRO A 246 -15.89 -44.11 19.70
C PRO A 246 -16.61 -44.56 18.43
N HIS A 247 -17.84 -44.08 18.22
CA HIS A 247 -18.66 -44.52 17.08
C HIS A 247 -18.35 -43.81 15.75
N ILE A 248 -17.53 -42.76 15.81
CA ILE A 248 -17.18 -41.97 14.62
C ILE A 248 -16.16 -42.73 13.76
N PRO A 249 -16.50 -42.94 12.46
CA PRO A 249 -15.61 -43.62 11.49
C PRO A 249 -14.30 -42.88 11.28
N GLU A 250 -13.26 -43.62 10.90
CA GLU A 250 -11.91 -43.06 10.70
C GLU A 250 -11.88 -41.93 9.68
N ASN A 251 -12.60 -42.11 8.57
CA ASN A 251 -12.66 -41.11 7.49
C ASN A 251 -13.38 -39.81 7.86
N LEU A 252 -13.93 -39.77 9.06
CA LEU A 252 -14.67 -38.59 9.54
C LEU A 252 -14.02 -37.94 10.76
N GLN A 253 -12.89 -38.50 11.20
CA GLN A 253 -12.14 -37.95 12.33
C GLN A 253 -11.08 -36.96 11.83
N PHE A 254 -11.52 -35.74 11.54
CA PHE A 254 -10.62 -34.67 11.08
C PHE A 254 -9.69 -34.22 12.20
N ALA A 255 -8.44 -33.96 11.84
CA ALA A 255 -7.41 -33.55 12.78
C ALA A 255 -6.99 -32.11 12.55
N VAL A 256 -7.16 -31.28 13.57
CA VAL A 256 -6.77 -29.87 13.52
C VAL A 256 -5.99 -29.47 14.78
N GLY A 257 -5.48 -28.24 14.80
CA GLY A 257 -4.69 -27.73 15.93
C GLY A 257 -5.31 -27.95 17.29
N GLN A 258 -6.59 -27.64 17.41
CA GLN A 258 -7.34 -27.79 18.66
C GLN A 258 -8.07 -29.13 18.72
N GLU A 259 -7.84 -29.89 19.80
CA GLU A 259 -8.35 -31.25 19.94
C GLU A 259 -9.88 -31.38 20.07
N VAL A 260 -10.53 -30.30 20.50
CA VAL A 260 -11.98 -30.32 20.75
C VAL A 260 -12.83 -29.84 19.56
N PHE A 261 -12.17 -29.40 18.48
CA PHE A 261 -12.86 -28.78 17.33
C PHE A 261 -13.73 -29.72 16.48
N GLY A 262 -13.72 -31.01 16.80
CA GLY A 262 -14.61 -31.98 16.16
C GLY A 262 -15.98 -32.02 16.84
N LEU A 263 -16.12 -31.24 17.91
CA LEU A 263 -17.36 -31.15 18.69
C LEU A 263 -18.55 -30.69 17.87
N VAL A 264 -18.35 -29.65 17.05
CA VAL A 264 -19.40 -29.11 16.20
C VAL A 264 -18.88 -28.72 14.82
N PRO A 265 -19.67 -29.00 13.76
CA PRO A 265 -19.34 -28.65 12.38
C PRO A 265 -19.07 -27.16 12.18
N GLY A 266 -19.61 -26.32 13.07
CA GLY A 266 -19.38 -24.87 13.05
C GLY A 266 -17.94 -24.51 13.37
N LEU A 267 -17.33 -25.27 14.28
CA LEU A 267 -15.90 -25.10 14.60
C LEU A 267 -15.02 -25.66 13.48
N MET A 268 -15.41 -26.84 12.97
CA MET A 268 -14.70 -27.49 11.88
C MET A 268 -14.76 -26.67 10.58
N MET A 269 -15.85 -25.93 10.39
CA MET A 269 -15.99 -25.00 9.25
C MET A 269 -14.88 -23.95 9.28
N TYR A 270 -14.72 -23.29 10.44
CA TYR A 270 -13.69 -22.26 10.61
C TYR A 270 -12.28 -22.85 10.61
N ALA A 271 -12.14 -24.06 11.14
CA ALA A 271 -10.88 -24.79 11.09
C ALA A 271 -10.45 -25.03 9.65
N THR A 272 -11.40 -25.46 8.82
CA THR A 272 -11.15 -25.72 7.40
C THR A 272 -10.81 -24.43 6.64
N ILE A 273 -11.56 -23.36 6.91
CA ILE A 273 -11.32 -22.06 6.28
C ILE A 273 -9.91 -21.54 6.58
N TRP A 274 -9.54 -21.54 7.85
CA TRP A 274 -8.22 -21.05 8.28
C TRP A 274 -7.06 -21.92 7.78
N LEU A 275 -7.28 -23.24 7.76
CA LEU A 275 -6.34 -24.18 7.15
C LEU A 275 -6.10 -23.84 5.68
N ARG A 276 -7.18 -23.59 4.96
CA ARG A 276 -7.11 -23.19 3.56
C ARG A 276 -6.44 -21.83 3.37
N GLU A 277 -6.66 -20.93 4.32
CA GLU A 277 -6.01 -19.61 4.33
C GLU A 277 -4.49 -19.71 4.48
N HIS A 278 -4.02 -20.57 5.39
CA HIS A 278 -2.60 -20.75 5.63
C HIS A 278 -1.86 -21.21 4.36
N ASN A 279 -2.39 -22.24 3.71
CA ASN A 279 -1.83 -22.78 2.48
C ASN A 279 -1.91 -21.80 1.29
N ARG A 280 -2.94 -20.95 1.30
CA ARG A 280 -3.09 -19.90 0.28
C ARG A 280 -1.99 -18.84 0.44
N VAL A 281 -1.72 -18.46 1.69
CA VAL A 281 -0.66 -17.50 2.03
C VAL A 281 0.72 -18.10 1.71
N CYS A 282 0.84 -19.42 1.87
CA CYS A 282 2.06 -20.15 1.49
C CYS A 282 2.36 -20.05 0.00
N ASP A 283 1.32 -20.10 -0.83
CA ASP A 283 1.47 -19.96 -2.27
C ASP A 283 1.85 -18.54 -2.67
N ILE A 284 1.25 -17.56 -2.00
CA ILE A 284 1.55 -16.14 -2.22
C ILE A 284 3.01 -15.84 -1.88
N LEU A 285 3.46 -16.34 -0.72
CA LEU A 285 4.83 -16.12 -0.25
C LEU A 285 5.89 -16.85 -1.08
N LYS A 286 5.52 -18.00 -1.65
CA LYS A 286 6.42 -18.75 -2.54
C LYS A 286 6.64 -18.02 -3.87
N GLN A 287 5.60 -17.33 -4.35
CA GLN A 287 5.68 -16.50 -5.55
C GLN A 287 6.65 -15.33 -5.32
N GLU A 288 6.58 -14.73 -4.14
CA GLU A 288 7.45 -13.61 -3.77
C GLU A 288 8.87 -14.08 -3.41
N HIS A 289 8.96 -15.26 -2.80
CA HIS A 289 10.25 -15.81 -2.38
C HIS A 289 10.46 -17.25 -2.87
N PRO A 290 10.96 -17.41 -4.11
CA PRO A 290 11.31 -18.73 -4.63
C PRO A 290 12.50 -19.36 -3.91
N GLU A 291 13.31 -18.54 -3.26
CA GLU A 291 14.52 -18.98 -2.56
C GLU A 291 14.25 -19.49 -1.14
N TRP A 292 13.05 -19.22 -0.63
CA TRP A 292 12.68 -19.61 0.73
C TRP A 292 12.43 -21.11 0.86
N GLY A 293 12.86 -21.67 1.99
CA GLY A 293 12.61 -23.07 2.30
C GLY A 293 11.26 -23.27 2.96
N ASP A 294 10.94 -24.53 3.26
CA ASP A 294 9.67 -24.89 3.90
C ASP A 294 9.47 -24.24 5.27
N GLU A 295 10.52 -24.26 6.09
CA GLU A 295 10.44 -23.75 7.46
C GLU A 295 10.10 -22.26 7.51
N GLN A 296 10.74 -21.46 6.66
CA GLN A 296 10.49 -20.02 6.63
C GLN A 296 9.12 -19.67 6.08
N LEU A 297 8.68 -20.41 5.06
CA LEU A 297 7.35 -20.22 4.47
C LEU A 297 6.23 -20.52 5.48
N PHE A 298 6.42 -21.54 6.29
CA PHE A 298 5.46 -21.89 7.34
C PHE A 298 5.39 -20.81 8.43
N GLN A 299 6.56 -20.40 8.91
CA GLN A 299 6.65 -19.45 10.03
C GLN A 299 6.16 -18.05 9.67
N THR A 300 6.42 -17.65 8.42
CA THR A 300 6.00 -16.34 7.95
C THR A 300 4.48 -16.29 7.71
N SER A 301 3.93 -17.39 7.21
CA SER A 301 2.48 -17.53 7.02
C SER A 301 1.73 -17.49 8.36
N ARG A 302 2.28 -18.14 9.38
CA ARG A 302 1.72 -18.11 10.73
C ARG A 302 1.62 -16.69 11.27
N LEU A 303 2.73 -15.94 11.17
CA LEU A 303 2.76 -14.55 11.64
C LEU A 303 1.75 -13.68 10.89
N ILE A 304 1.56 -13.95 9.60
CA ILE A 304 0.58 -13.25 8.78
C ILE A 304 -0.84 -13.55 9.23
N LEU A 305 -1.15 -14.83 9.44
CA LEU A 305 -2.48 -15.26 9.90
C LEU A 305 -2.81 -14.77 11.31
N ILE A 306 -1.77 -14.62 12.14
CA ILE A 306 -1.92 -13.98 13.45
C ILE A 306 -2.33 -12.52 13.25
N GLY A 307 -1.67 -11.84 12.31
CA GLY A 307 -2.01 -10.47 11.95
C GLY A 307 -3.42 -10.33 11.42
N GLU A 308 -3.80 -11.24 10.52
CA GLU A 308 -5.16 -11.27 9.96
C GLU A 308 -6.23 -11.45 11.03
N THR A 309 -5.97 -12.36 11.98
CA THR A 309 -6.89 -12.65 13.06
C THR A 309 -7.19 -11.41 13.91
N ILE A 310 -6.15 -10.74 14.39
CA ILE A 310 -6.28 -9.55 15.21
C ILE A 310 -6.98 -8.41 14.44
N LYS A 311 -6.70 -8.34 13.14
CA LYS A 311 -7.35 -7.37 12.24
C LYS A 311 -8.85 -7.62 12.14
N ILE A 312 -9.23 -8.87 11.88
CA ILE A 312 -10.63 -9.28 11.76
C ILE A 312 -11.38 -9.15 13.08
N VAL A 313 -10.73 -9.54 14.17
CA VAL A 313 -11.35 -9.45 15.50
C VAL A 313 -11.69 -8.00 15.88
N ILE A 314 -10.78 -7.07 15.59
CA ILE A 314 -11.01 -5.66 15.92
C ILE A 314 -12.00 -4.99 14.94
N GLU A 315 -11.76 -5.12 13.65
CA GLU A 315 -12.49 -4.32 12.64
C GLU A 315 -13.80 -4.92 12.13
N ASP A 316 -14.06 -6.18 12.45
CA ASP A 316 -15.29 -6.84 12.03
C ASP A 316 -16.07 -7.44 13.21
N TYR A 317 -15.35 -8.19 14.06
CA TYR A 317 -15.95 -8.93 15.17
C TYR A 317 -16.32 -8.00 16.32
N VAL A 318 -15.33 -7.34 16.91
CA VAL A 318 -15.54 -6.38 18.00
C VAL A 318 -16.36 -5.17 17.52
N GLN A 319 -16.13 -4.75 16.27
CA GLN A 319 -16.90 -3.68 15.64
C GLN A 319 -18.40 -3.96 15.73
N HIS A 320 -18.79 -5.17 15.34
CA HIS A 320 -20.20 -5.58 15.36
C HIS A 320 -20.80 -5.66 16.76
N LEU A 321 -20.10 -6.32 17.68
CA LEU A 321 -20.64 -6.52 19.04
C LEU A 321 -20.67 -5.24 19.88
N SER A 322 -19.83 -4.28 19.56
CA SER A 322 -19.82 -2.99 20.25
C SER A 322 -21.03 -2.15 19.85
N GLY A 323 -21.42 -2.26 18.59
CA GLY A 323 -22.57 -1.52 18.07
C GLY A 323 -22.29 -0.06 17.81
N TYR A 324 -21.00 0.31 17.84
CA TYR A 324 -20.59 1.70 17.65
C TYR A 324 -20.65 2.12 16.20
N HIS A 325 -20.93 3.40 15.97
CA HIS A 325 -20.87 3.98 14.63
C HIS A 325 -19.44 4.37 14.29
N PHE A 326 -18.62 4.56 15.33
CA PHE A 326 -17.20 4.85 15.17
C PHE A 326 -16.46 3.64 14.60
N LYS A 327 -15.73 3.86 13.51
CA LYS A 327 -15.00 2.79 12.83
C LYS A 327 -13.70 2.47 13.57
N LEU A 328 -13.67 1.30 14.21
CA LEU A 328 -12.50 0.85 14.95
C LEU A 328 -11.34 0.51 14.01
N LYS A 329 -10.12 0.58 14.53
CA LYS A 329 -8.93 0.42 13.71
C LYS A 329 -7.88 -0.49 14.36
N PHE A 330 -7.35 -1.42 13.57
CA PHE A 330 -6.18 -2.19 13.98
C PHE A 330 -4.92 -1.51 13.47
N ASP A 331 -4.23 -0.82 14.37
CA ASP A 331 -3.02 -0.08 14.04
C ASP A 331 -2.09 -0.05 15.27
N PRO A 332 -1.11 -0.96 15.32
CA PRO A 332 -0.10 -1.01 16.38
C PRO A 332 0.68 0.29 16.56
N GLU A 333 0.81 1.08 15.50
CA GLU A 333 1.54 2.36 15.52
C GLU A 333 0.93 3.39 16.48
N LEU A 334 -0.35 3.18 16.83
CA LEU A 334 -1.05 4.05 17.78
C LEU A 334 -0.48 3.99 19.20
N LEU A 335 0.20 2.89 19.53
CA LEU A 335 0.72 2.67 20.88
C LEU A 335 2.23 2.90 21.01
N PHE A 336 2.89 3.29 19.92
CA PHE A 336 4.35 3.47 19.91
C PHE A 336 4.84 4.69 20.69
N ASN A 337 3.96 5.67 20.90
CA ASN A 337 4.28 6.83 21.75
C ASN A 337 3.50 6.80 23.07
N GLN A 338 2.99 5.62 23.41
CA GLN A 338 2.19 5.43 24.63
C GLN A 338 2.82 4.38 25.53
N GLN A 339 2.53 4.48 26.83
CA GLN A 339 2.94 3.46 27.79
C GLN A 339 2.07 2.22 27.64
N PHE A 340 2.68 1.13 27.18
CA PHE A 340 1.96 -0.12 26.93
C PHE A 340 2.88 -1.33 27.09
N GLN A 341 2.36 -2.37 27.73
CA GLN A 341 3.12 -3.61 27.95
C GLN A 341 2.77 -4.66 26.90
N TYR A 342 3.74 -5.03 26.08
CA TYR A 342 3.54 -6.03 25.03
C TYR A 342 3.65 -7.46 25.58
N GLN A 343 2.69 -7.79 26.44
CA GLN A 343 2.55 -9.12 27.04
C GLN A 343 1.11 -9.26 27.52
N ASN A 344 0.68 -10.50 27.71
CA ASN A 344 -0.69 -10.78 28.17
C ASN A 344 -0.77 -12.09 28.94
N ARG A 345 -1.62 -12.09 29.97
CA ARG A 345 -1.97 -13.31 30.70
C ARG A 345 -3.49 -13.43 30.73
N ILE A 346 -4.00 -14.60 30.37
CA ILE A 346 -5.45 -14.81 30.28
C ILE A 346 -6.07 -14.93 31.67
N ALA A 347 -7.09 -14.10 31.92
CA ALA A 347 -7.78 -14.09 33.21
C ALA A 347 -8.94 -15.07 33.24
N SER A 348 -9.14 -15.68 34.40
CA SER A 348 -10.22 -16.62 34.64
C SER A 348 -11.59 -15.99 34.41
N GLU A 349 -11.73 -14.73 34.86
CA GLU A 349 -12.98 -13.98 34.73
C GLU A 349 -13.34 -13.67 33.27
N PHE A 350 -12.32 -13.54 32.43
CA PHE A 350 -12.51 -13.32 30.99
C PHE A 350 -13.07 -14.60 30.35
N ASN A 351 -12.54 -15.75 30.77
CA ASN A 351 -13.08 -17.05 30.40
C ASN A 351 -14.53 -17.17 30.83
N THR A 352 -14.80 -16.84 32.10
CA THR A 352 -16.15 -16.92 32.68
C THR A 352 -17.19 -16.09 31.92
N LEU A 353 -16.88 -14.81 31.70
CA LEU A 353 -17.80 -13.91 30.99
C LEU A 353 -18.07 -14.31 29.53
N TYR A 354 -17.12 -15.02 28.93
CA TYR A 354 -17.20 -15.36 27.51
C TYR A 354 -18.00 -16.64 27.24
N HIS A 355 -18.66 -17.16 28.28
CA HIS A 355 -19.57 -18.30 28.13
C HIS A 355 -20.88 -17.81 27.51
N TRP A 356 -20.87 -17.64 26.19
CA TRP A 356 -22.00 -17.06 25.47
C TRP A 356 -22.89 -18.12 24.84
N HIS A 357 -23.33 -19.08 25.65
CA HIS A 357 -24.17 -20.18 25.17
C HIS A 357 -25.60 -19.78 24.78
N PRO A 358 -26.13 -18.66 25.33
CA PRO A 358 -27.41 -18.15 24.84
C PRO A 358 -27.44 -17.80 23.34
N LEU A 359 -26.27 -17.55 22.76
CA LEU A 359 -26.14 -17.31 21.30
C LEU A 359 -26.67 -18.48 20.47
N LEU A 360 -26.55 -19.69 21.01
CA LEU A 360 -26.94 -20.91 20.31
C LEU A 360 -28.45 -21.01 20.11
N PRO A 361 -28.89 -21.35 18.89
CA PRO A 361 -30.31 -21.52 18.59
C PRO A 361 -30.81 -22.88 19.05
N ASP A 362 -32.12 -23.13 18.91
CA ASP A 362 -32.71 -24.41 19.26
C ASP A 362 -32.36 -25.48 18.22
N THR A 363 -32.34 -25.07 16.95
CA THR A 363 -31.92 -25.93 15.86
C THR A 363 -30.89 -25.23 14.99
N PHE A 364 -30.01 -26.00 14.36
CA PHE A 364 -29.01 -25.45 13.45
C PHE A 364 -29.49 -25.63 12.01
N ASN A 365 -29.77 -24.51 11.35
CA ASN A 365 -30.42 -24.50 10.04
C ASN A 365 -29.43 -24.39 8.88
N ILE A 366 -29.23 -25.50 8.17
CA ILE A 366 -28.35 -25.54 7.00
C ILE A 366 -29.15 -26.00 5.78
N GLU A 367 -29.18 -25.14 4.76
CA GLU A 367 -29.99 -25.34 3.55
C GLU A 367 -31.47 -25.46 3.94
N ASP A 368 -32.10 -26.59 3.62
CA ASP A 368 -33.48 -26.85 4.00
C ASP A 368 -33.62 -27.86 5.14
N GLN A 369 -32.52 -28.07 5.86
CA GLN A 369 -32.48 -29.02 6.98
C GLN A 369 -32.32 -28.27 8.31
N GLU A 370 -33.05 -28.74 9.33
CA GLU A 370 -32.92 -28.20 10.68
C GLU A 370 -32.39 -29.27 11.63
N TYR A 371 -31.16 -29.09 12.09
CA TYR A 371 -30.50 -30.09 12.92
C TYR A 371 -30.64 -29.81 14.40
N SER A 372 -31.01 -30.83 15.16
CA SER A 372 -31.02 -30.75 16.62
C SER A 372 -29.59 -30.86 17.14
N PHE A 373 -29.40 -30.53 18.42
CA PHE A 373 -28.10 -30.66 19.06
C PHE A 373 -27.53 -32.08 18.97
N LYS A 374 -28.40 -33.07 19.16
CA LYS A 374 -28.04 -34.49 19.08
C LYS A 374 -27.55 -34.86 17.68
N GLN A 375 -28.20 -34.30 16.67
CA GLN A 375 -27.82 -34.54 15.26
C GLN A 375 -26.57 -33.75 14.86
N PHE A 376 -26.40 -32.57 15.45
CA PHE A 376 -25.33 -31.66 15.06
C PHE A 376 -23.97 -32.02 15.67
N LEU A 377 -23.95 -32.29 16.98
CA LEU A 377 -22.71 -32.56 17.72
C LEU A 377 -21.93 -33.78 17.21
N TYR A 378 -20.62 -33.59 17.10
CA TYR A 378 -19.69 -34.62 16.61
C TYR A 378 -20.10 -35.25 15.27
N ASN A 379 -20.63 -34.42 14.37
CA ASN A 379 -21.13 -34.91 13.09
C ASN A 379 -20.54 -34.13 11.92
N ASN A 380 -19.34 -34.52 11.51
CA ASN A 380 -18.63 -33.87 10.41
C ASN A 380 -19.16 -34.23 9.02
N SER A 381 -20.00 -35.27 8.95
CA SER A 381 -20.61 -35.68 7.69
C SER A 381 -21.59 -34.63 7.16
N ILE A 382 -22.14 -33.82 8.07
CA ILE A 382 -23.00 -32.68 7.72
C ILE A 382 -22.21 -31.66 6.90
N LEU A 383 -20.97 -31.42 7.31
CA LEU A 383 -20.08 -30.50 6.62
C LEU A 383 -19.74 -31.00 5.20
N LEU A 384 -19.51 -32.30 5.07
CA LEU A 384 -19.19 -32.92 3.78
C LEU A 384 -20.41 -32.98 2.86
N GLU A 385 -21.60 -33.14 3.46
CA GLU A 385 -22.85 -33.23 2.70
C GLU A 385 -23.22 -31.90 2.06
N HIS A 386 -23.13 -30.82 2.85
CA HIS A 386 -23.54 -29.49 2.40
C HIS A 386 -22.42 -28.68 1.76
N GLY A 387 -21.21 -28.79 2.33
CA GLY A 387 -20.06 -28.03 1.86
C GLY A 387 -19.89 -26.73 2.62
N LEU A 388 -18.74 -26.08 2.43
CA LEU A 388 -18.43 -24.83 3.12
C LEU A 388 -19.27 -23.65 2.63
N THR A 389 -19.54 -23.61 1.32
CA THR A 389 -20.34 -22.56 0.71
C THR A 389 -21.74 -22.49 1.34
N GLN A 390 -22.42 -23.63 1.39
CA GLN A 390 -23.75 -23.72 1.96
C GLN A 390 -23.74 -23.44 3.46
N PHE A 391 -22.69 -23.88 4.15
CA PHE A 391 -22.47 -23.56 5.57
C PHE A 391 -22.38 -22.06 5.83
N VAL A 392 -21.56 -21.37 5.02
CA VAL A 392 -21.40 -19.92 5.15
C VAL A 392 -22.71 -19.20 4.84
N GLU A 393 -23.36 -19.58 3.74
CA GLU A 393 -24.64 -18.98 3.34
C GLU A 393 -25.73 -19.16 4.39
N SER A 394 -25.82 -20.37 4.93
CA SER A 394 -26.84 -20.71 5.94
C SER A 394 -26.61 -20.00 7.28
N PHE A 395 -25.36 -20.00 7.74
CA PHE A 395 -25.02 -19.40 9.03
C PHE A 395 -25.06 -17.87 9.04
N THR A 396 -24.92 -17.27 7.87
CA THR A 396 -25.07 -15.82 7.71
C THR A 396 -26.53 -15.40 7.87
N ARG A 397 -27.44 -16.28 7.48
CA ARG A 397 -28.88 -16.03 7.56
C ARG A 397 -29.50 -16.32 8.93
N GLN A 398 -28.96 -17.32 9.63
CA GLN A 398 -29.55 -17.75 10.90
C GLN A 398 -29.21 -16.83 12.07
N ILE A 399 -30.25 -16.27 12.67
CA ILE A 399 -30.11 -15.36 13.82
C ILE A 399 -29.57 -16.10 15.05
N ALA A 400 -28.68 -15.44 15.78
CA ALA A 400 -28.18 -15.95 17.05
C ALA A 400 -28.99 -15.38 18.21
N GLY A 401 -28.88 -16.00 19.38
CA GLY A 401 -29.66 -15.58 20.54
C GLY A 401 -29.05 -14.42 21.32
N ARG A 402 -29.90 -13.73 22.07
CA ARG A 402 -29.48 -12.64 22.96
C ARG A 402 -28.80 -13.24 24.20
N VAL A 403 -27.63 -12.71 24.54
CA VAL A 403 -26.85 -13.22 25.67
C VAL A 403 -27.40 -12.72 27.00
N ALA A 404 -27.51 -11.39 27.14
CA ALA A 404 -28.07 -10.77 28.33
C ALA A 404 -29.60 -10.73 28.25
N GLY A 405 -30.24 -10.24 29.30
CA GLY A 405 -31.69 -10.12 29.34
C GLY A 405 -32.39 -11.30 30.01
N GLY A 406 -31.61 -12.33 30.32
CA GLY A 406 -32.11 -13.48 31.07
C GLY A 406 -32.86 -14.52 30.28
N ARG A 407 -32.94 -15.73 30.84
CA ARG A 407 -33.78 -16.82 30.32
C ARG A 407 -33.60 -17.13 28.84
N ASN A 408 -32.37 -17.35 28.42
CA ASN A 408 -32.08 -17.68 27.01
C ASN A 408 -31.03 -18.77 26.80
N VAL A 409 -30.65 -19.46 27.87
CA VAL A 409 -29.70 -20.57 27.78
C VAL A 409 -30.41 -21.81 27.25
N PRO A 410 -29.93 -22.37 26.12
CA PRO A 410 -30.54 -23.56 25.53
C PRO A 410 -30.47 -24.74 26.50
N ILE A 411 -31.60 -25.45 26.63
CA ILE A 411 -31.72 -26.58 27.57
C ILE A 411 -30.73 -27.71 27.28
N ALA A 412 -30.38 -27.88 26.00
CA ALA A 412 -29.41 -28.89 25.58
C ALA A 412 -28.04 -28.72 26.23
N VAL A 413 -27.69 -27.46 26.55
CA VAL A 413 -26.42 -27.15 27.21
C VAL A 413 -26.60 -26.60 28.64
N GLN A 414 -27.63 -27.10 29.34
CA GLN A 414 -27.91 -26.65 30.70
C GLN A 414 -26.84 -27.04 31.72
N ALA A 415 -26.22 -28.21 31.50
CA ALA A 415 -25.15 -28.71 32.36
C ALA A 415 -23.89 -27.83 32.30
N VAL A 416 -23.65 -27.23 31.13
CA VAL A 416 -22.51 -26.34 30.93
C VAL A 416 -22.70 -25.02 31.70
N ALA A 417 -23.93 -24.49 31.65
CA ALA A 417 -24.28 -23.25 32.36
C ALA A 417 -24.30 -23.42 33.87
N LYS A 418 -24.67 -24.62 34.33
CA LYS A 418 -24.62 -24.96 35.75
C LYS A 418 -23.17 -25.11 36.23
N ALA A 419 -22.34 -25.68 35.36
CA ALA A 419 -20.91 -25.84 35.65
C ALA A 419 -20.20 -24.50 35.81
N SER A 420 -20.61 -23.52 35.02
CA SER A 420 -20.05 -22.17 35.10
C SER A 420 -20.32 -21.50 36.43
N ILE A 421 -21.51 -21.73 37.00
CA ILE A 421 -21.86 -21.23 38.32
C ILE A 421 -21.04 -21.97 39.39
N ASP A 422 -21.01 -23.30 39.27
CA ASP A 422 -20.33 -24.17 40.24
C ASP A 422 -18.81 -23.94 40.27
N GLN A 423 -18.19 -23.84 39.10
CA GLN A 423 -16.75 -23.64 38.98
C GLN A 423 -16.30 -22.26 39.45
N SER A 424 -17.15 -21.25 39.26
CA SER A 424 -16.89 -19.90 39.78
C SER A 424 -16.90 -19.88 41.31
N ARG A 425 -17.79 -20.67 41.89
CA ARG A 425 -17.83 -20.86 43.35
C ARG A 425 -16.60 -21.64 43.82
N GLU A 426 -16.22 -22.65 43.05
CA GLU A 426 -15.04 -23.47 43.33
C GLU A 426 -13.75 -22.64 43.31
N MET A 427 -13.68 -21.69 42.37
CA MET A 427 -12.54 -20.78 42.25
C MET A 427 -12.64 -19.58 43.20
N LYS A 428 -13.62 -19.63 44.10
CA LYS A 428 -13.86 -18.59 45.13
C LYS A 428 -13.93 -17.17 44.56
N TYR A 429 -14.79 -16.98 43.56
CA TYR A 429 -15.01 -15.69 42.92
C TYR A 429 -15.64 -14.68 43.88
N GLN A 430 -15.16 -13.43 43.82
CA GLN A 430 -15.80 -12.33 44.53
C GLN A 430 -17.13 -11.98 43.85
N SER A 431 -17.95 -11.19 44.55
CA SER A 431 -19.29 -10.86 44.06
C SER A 431 -19.29 -9.99 42.80
N LEU A 432 -20.44 -9.94 42.13
CA LEU A 432 -20.66 -9.07 40.96
C LEU A 432 -20.28 -7.61 41.24
N ASN A 433 -20.76 -7.08 42.37
CA ASN A 433 -20.50 -5.69 42.74
C ASN A 433 -19.04 -5.39 43.04
N GLU A 434 -18.29 -6.41 43.49
CA GLU A 434 -16.85 -6.27 43.70
C GLU A 434 -16.13 -6.12 42.36
N TYR A 435 -16.54 -6.93 41.37
CA TYR A 435 -15.99 -6.86 40.03
C TYR A 435 -16.41 -5.59 39.29
N ARG A 436 -17.60 -5.09 39.61
CA ARG A 436 -18.08 -3.82 39.08
C ARG A 436 -17.22 -2.67 39.57
N LYS A 437 -16.98 -2.62 40.88
CA LYS A 437 -16.11 -1.60 41.49
C LYS A 437 -14.67 -1.68 40.94
N ARG A 438 -14.20 -2.91 40.74
CA ARG A 438 -12.87 -3.16 40.19
C ARG A 438 -12.70 -2.56 38.79
N PHE A 439 -13.76 -2.55 38.00
CA PHE A 439 -13.73 -1.99 36.65
C PHE A 439 -14.45 -0.63 36.57
N SER A 440 -14.38 0.13 37.65
CA SER A 440 -14.88 1.51 37.75
C SER A 440 -16.38 1.68 37.47
N LEU A 441 -17.17 0.72 37.95
CA LEU A 441 -18.63 0.76 37.80
C LEU A 441 -19.30 0.95 39.15
N LYS A 442 -20.42 1.66 39.16
CA LYS A 442 -21.22 1.83 40.36
C LYS A 442 -21.93 0.52 40.72
N PRO A 443 -21.87 0.11 42.00
CA PRO A 443 -22.51 -1.13 42.41
C PRO A 443 -24.03 -1.02 42.36
N TYR A 444 -24.69 -2.09 41.95
CA TYR A 444 -26.15 -2.14 41.91
C TYR A 444 -26.72 -2.16 43.33
N THR A 445 -27.80 -1.39 43.54
CA THR A 445 -28.40 -1.24 44.86
C THR A 445 -29.60 -2.16 45.06
N SER A 446 -30.07 -2.76 43.98
CA SER A 446 -31.17 -3.72 44.00
C SER A 446 -31.09 -4.68 42.81
N PHE A 447 -31.85 -5.77 42.89
CA PHE A 447 -31.93 -6.73 41.78
C PHE A 447 -32.76 -6.19 40.62
N GLU A 448 -33.65 -5.23 40.92
CA GLU A 448 -34.44 -4.54 39.90
C GLU A 448 -33.58 -3.62 39.05
N GLU A 449 -32.58 -3.00 39.66
CA GLU A 449 -31.64 -2.13 38.95
C GLU A 449 -30.72 -2.96 38.05
N LEU A 450 -30.44 -4.19 38.46
CA LEU A 450 -29.61 -5.13 37.70
C LEU A 450 -30.34 -5.65 36.46
N THR A 451 -31.58 -6.09 36.63
CA THR A 451 -32.34 -6.70 35.53
C THR A 451 -33.12 -5.69 34.68
N GLY A 452 -33.47 -4.55 35.28
CA GLY A 452 -34.34 -3.57 34.63
C GLY A 452 -35.76 -4.07 34.51
N GLU A 453 -36.05 -5.14 35.26
CA GLU A 453 -37.31 -5.88 35.16
C GLU A 453 -37.66 -6.37 36.57
N LYS A 454 -38.93 -6.71 36.78
CA LYS A 454 -39.44 -6.99 38.12
C LYS A 454 -39.55 -8.47 38.52
N GLU A 455 -39.78 -9.34 37.54
CA GLU A 455 -40.04 -10.76 37.80
C GLU A 455 -38.78 -11.55 38.17
N MET A 456 -37.77 -11.51 37.32
CA MET A 456 -36.50 -12.19 37.58
C MET A 456 -35.80 -11.63 38.82
N ALA A 457 -35.95 -10.32 39.02
CA ALA A 457 -35.39 -9.64 40.19
C ALA A 457 -35.92 -10.23 41.50
N ALA A 458 -37.23 -10.44 41.57
CA ALA A 458 -37.88 -11.01 42.75
C ALA A 458 -37.48 -12.47 42.98
N GLU A 459 -37.26 -13.20 41.89
CA GLU A 459 -36.77 -14.58 41.95
C GLU A 459 -35.35 -14.65 42.51
N LEU A 460 -34.51 -13.69 42.10
CA LEU A 460 -33.12 -13.60 42.55
C LEU A 460 -33.02 -13.08 43.99
N LYS A 461 -33.96 -12.22 44.37
CA LYS A 461 -33.99 -11.66 45.73
C LYS A 461 -34.43 -12.70 46.76
N ALA A 462 -35.25 -13.65 46.33
CA ALA A 462 -35.68 -14.77 47.18
C ALA A 462 -34.55 -15.77 47.39
N LEU A 463 -33.66 -15.86 46.41
CA LEU A 463 -32.52 -16.78 46.46
C LEU A 463 -31.30 -16.17 47.16
N TYR A 464 -30.92 -14.95 46.78
CA TYR A 464 -29.69 -14.31 47.25
C TYR A 464 -29.86 -13.41 48.47
N SER A 465 -31.05 -12.80 48.60
CA SER A 465 -31.39 -11.88 49.70
C SER A 465 -30.73 -10.50 49.59
N ASP A 466 -29.42 -10.48 49.31
CA ASP A 466 -28.67 -9.24 49.20
C ASP A 466 -28.02 -9.09 47.82
N ILE A 467 -28.03 -7.87 47.30
CA ILE A 467 -27.46 -7.56 45.98
C ILE A 467 -25.93 -7.67 45.97
N ASP A 468 -25.30 -7.42 47.12
CA ASP A 468 -23.85 -7.52 47.26
C ASP A 468 -23.34 -8.96 47.31
N VAL A 469 -24.27 -9.92 47.21
CA VAL A 469 -23.94 -11.34 47.26
C VAL A 469 -24.20 -12.03 45.91
N MET A 470 -24.77 -11.27 44.97
CA MET A 470 -25.04 -11.76 43.62
C MET A 470 -23.74 -12.17 42.90
N GLU A 471 -23.77 -13.33 42.26
CA GLU A 471 -22.60 -13.89 41.58
C GLU A 471 -22.41 -13.26 40.20
N LEU A 472 -21.17 -13.26 39.71
CA LEU A 472 -20.81 -12.58 38.46
C LEU A 472 -21.42 -13.20 37.21
N TYR A 473 -21.22 -14.51 37.03
CA TYR A 473 -21.68 -15.21 35.82
C TYR A 473 -23.20 -15.12 35.58
N PRO A 474 -24.02 -15.55 36.57
CA PRO A 474 -25.48 -15.49 36.37
C PRO A 474 -25.98 -14.06 36.11
N ALA A 475 -25.35 -13.08 36.76
CA ALA A 475 -25.73 -11.68 36.62
C ALA A 475 -25.48 -11.13 35.21
N LEU A 476 -24.43 -11.64 34.56
CA LEU A 476 -24.09 -11.24 33.20
C LEU A 476 -25.16 -11.64 32.20
N LEU A 477 -25.76 -12.81 32.43
CA LEU A 477 -26.78 -13.35 31.53
C LEU A 477 -28.18 -12.79 31.79
N VAL A 478 -28.41 -12.27 33.00
CA VAL A 478 -29.71 -11.69 33.36
C VAL A 478 -29.73 -10.16 33.43
N GLU A 479 -28.57 -9.54 33.20
CA GLU A 479 -28.43 -8.08 33.28
C GLU A 479 -29.30 -7.36 32.26
N LYS A 480 -29.80 -6.19 32.65
CA LYS A 480 -30.53 -5.30 31.75
C LYS A 480 -29.62 -4.93 30.58
N PRO A 481 -30.03 -5.31 29.36
CA PRO A 481 -29.23 -4.95 28.20
C PRO A 481 -29.41 -3.48 27.86
N ARG A 482 -28.39 -2.90 27.22
CA ARG A 482 -28.50 -1.58 26.62
C ARG A 482 -29.57 -1.63 25.51
N PRO A 483 -30.17 -0.46 25.17
CA PRO A 483 -31.22 -0.41 24.14
C PRO A 483 -30.84 -1.17 22.86
N ASP A 484 -31.67 -2.14 22.50
CA ASP A 484 -31.47 -2.97 21.29
C ASP A 484 -30.10 -3.66 21.20
N ALA A 485 -29.47 -3.87 22.35
CA ALA A 485 -28.13 -4.44 22.40
C ALA A 485 -28.11 -5.88 22.92
N ILE A 486 -26.98 -6.56 22.70
CA ILE A 486 -26.81 -7.95 23.08
C ILE A 486 -26.30 -8.13 24.52
N PHE A 487 -25.51 -7.16 25.00
CA PHE A 487 -24.93 -7.22 26.34
C PHE A 487 -25.39 -6.06 27.23
N GLY A 488 -25.27 -6.27 28.54
CA GLY A 488 -25.48 -5.21 29.51
C GLY A 488 -24.17 -4.48 29.81
N GLU A 489 -24.22 -3.57 30.77
CA GLU A 489 -23.07 -2.74 31.15
C GLU A 489 -21.86 -3.57 31.60
N THR A 490 -22.08 -4.49 32.53
CA THR A 490 -21.00 -5.27 33.13
C THR A 490 -20.20 -6.09 32.11
N MET A 491 -20.90 -6.75 31.18
CA MET A 491 -20.24 -7.55 30.15
C MET A 491 -19.27 -6.73 29.29
N VAL A 492 -19.72 -5.54 28.87
CA VAL A 492 -18.91 -4.65 28.04
C VAL A 492 -17.71 -4.09 28.82
N GLU A 493 -17.95 -3.65 30.05
CA GLU A 493 -16.92 -2.96 30.83
C GLU A 493 -15.86 -3.89 31.44
N LEU A 494 -16.18 -5.18 31.55
CA LEU A 494 -15.17 -6.17 31.90
C LEU A 494 -14.54 -6.71 30.62
N GLY A 495 -15.38 -7.04 29.64
CA GLY A 495 -14.95 -7.67 28.40
C GLY A 495 -13.97 -6.87 27.56
N ALA A 496 -14.24 -5.58 27.39
CA ALA A 496 -13.41 -4.70 26.56
C ALA A 496 -11.95 -4.59 27.01
N PRO A 497 -11.70 -4.31 28.31
CA PRO A 497 -10.32 -4.29 28.80
C PRO A 497 -9.57 -5.61 28.58
N PHE A 498 -10.19 -6.74 28.91
CA PHE A 498 -9.58 -8.06 28.68
C PHE A 498 -9.30 -8.33 27.22
N SER A 499 -10.29 -8.00 26.36
CA SER A 499 -10.21 -8.27 24.92
C SER A 499 -9.11 -7.48 24.22
N LEU A 500 -9.12 -6.15 24.40
CA LEU A 500 -8.20 -5.25 23.71
C LEU A 500 -6.75 -5.43 24.16
N LYS A 501 -6.56 -5.70 25.45
CA LYS A 501 -5.25 -5.97 26.01
C LYS A 501 -4.66 -7.27 25.44
N GLY A 502 -5.51 -8.28 25.26
CA GLY A 502 -5.10 -9.54 24.67
C GLY A 502 -4.66 -9.42 23.22
N LEU A 503 -5.34 -8.55 22.47
CA LEU A 503 -5.08 -8.37 21.04
C LEU A 503 -3.87 -7.49 20.75
N MET A 504 -3.77 -6.37 21.46
CA MET A 504 -2.67 -5.42 21.27
C MET A 504 -1.39 -5.82 21.99
N GLY A 505 -1.53 -6.67 23.01
CA GLY A 505 -0.38 -7.16 23.77
C GLY A 505 0.44 -8.21 23.05
N ASN A 506 -0.02 -8.63 21.87
CA ASN A 506 0.69 -9.57 21.03
C ASN A 506 2.01 -8.98 20.53
N PRO A 507 3.11 -9.75 20.59
CA PRO A 507 4.43 -9.30 20.16
C PRO A 507 4.49 -8.73 18.74
N ILE A 508 3.61 -9.18 17.84
CA ILE A 508 3.60 -8.68 16.47
C ILE A 508 3.19 -7.21 16.40
N CYS A 509 2.58 -6.71 17.48
CA CYS A 509 2.15 -5.32 17.58
C CYS A 509 3.25 -4.42 18.15
N SER A 510 4.34 -5.02 18.62
CA SER A 510 5.47 -4.25 19.14
C SER A 510 6.30 -3.66 18.00
N PRO A 511 6.98 -2.51 18.25
CA PRO A 511 7.69 -1.79 17.19
C PRO A 511 8.74 -2.59 16.41
N GLN A 512 9.41 -3.53 17.07
CA GLN A 512 10.43 -4.35 16.40
C GLN A 512 9.84 -5.43 15.49
N TYR A 513 8.59 -5.80 15.75
CA TYR A 513 7.89 -6.77 14.90
C TYR A 513 7.01 -6.11 13.83
N TRP A 514 6.37 -4.99 14.17
CA TRP A 514 5.40 -4.35 13.26
C TRP A 514 6.08 -3.62 12.09
N LYS A 515 6.55 -4.39 11.13
CA LYS A 515 7.22 -3.87 9.93
C LYS A 515 7.17 -4.91 8.81
N PRO A 516 7.18 -4.46 7.54
CA PRO A 516 7.04 -5.34 6.37
C PRO A 516 7.94 -6.58 6.37
N SER A 517 9.18 -6.41 6.83
CA SER A 517 10.19 -7.49 6.83
C SER A 517 9.77 -8.74 7.60
N THR A 518 9.02 -8.56 8.68
CA THR A 518 8.56 -9.67 9.52
C THR A 518 7.60 -10.58 8.76
N PHE A 519 6.82 -9.99 7.86
CA PHE A 519 5.75 -10.71 7.16
C PHE A 519 6.08 -11.01 5.69
N GLY A 520 7.36 -11.00 5.36
CA GLY A 520 7.83 -11.39 4.04
C GLY A 520 7.79 -10.29 3.00
N GLY A 521 7.71 -9.04 3.46
CA GLY A 521 7.69 -7.88 2.57
C GLY A 521 6.35 -7.18 2.52
N GLU A 522 6.20 -6.28 1.55
CA GLU A 522 5.00 -5.44 1.43
C GLU A 522 3.76 -6.23 1.04
N VAL A 523 3.96 -7.36 0.34
CA VAL A 523 2.86 -8.22 -0.10
C VAL A 523 2.21 -8.93 1.08
N GLY A 524 3.02 -9.56 1.93
CA GLY A 524 2.53 -10.24 3.13
C GLY A 524 1.97 -9.28 4.17
N PHE A 525 2.53 -8.07 4.20
CA PHE A 525 2.08 -7.01 5.10
C PHE A 525 0.70 -6.50 4.70
N LYS A 526 0.45 -6.41 3.40
CA LYS A 526 -0.83 -5.98 2.85
C LYS A 526 -1.96 -6.97 3.18
N ILE A 527 -1.65 -8.26 3.14
CA ILE A 527 -2.60 -9.31 3.50
C ILE A 527 -3.22 -9.05 4.89
N ILE A 528 -2.38 -8.66 5.84
CA ILE A 528 -2.84 -8.32 7.20
C ILE A 528 -3.69 -7.05 7.22
N ASN A 529 -3.18 -5.97 6.61
CA ASN A 529 -3.83 -4.67 6.67
C ASN A 529 -5.11 -4.54 5.83
N THR A 530 -5.34 -5.51 4.94
CA THR A 530 -6.55 -5.54 4.11
C THR A 530 -7.49 -6.69 4.48
N ALA A 531 -7.13 -7.43 5.53
CA ALA A 531 -7.88 -8.61 5.95
C ALA A 531 -9.27 -8.25 6.49
N SER A 532 -10.25 -9.08 6.14
CA SER A 532 -11.61 -8.97 6.65
C SER A 532 -12.25 -10.35 6.72
N ILE A 533 -13.40 -10.45 7.38
CA ILE A 533 -14.14 -11.71 7.42
C ILE A 533 -14.71 -12.06 6.04
N GLN A 534 -15.08 -11.04 5.28
CA GLN A 534 -15.55 -11.23 3.90
C GLN A 534 -14.42 -11.76 2.99
N SER A 535 -13.23 -11.18 3.11
CA SER A 535 -12.08 -11.58 2.30
C SER A 535 -11.59 -13.00 2.66
N LEU A 536 -11.65 -13.34 3.94
CA LEU A 536 -11.26 -14.67 4.42
C LEU A 536 -12.12 -15.77 3.79
N ILE A 537 -13.42 -15.52 3.69
CA ILE A 537 -14.37 -16.44 3.07
C ILE A 537 -14.27 -16.42 1.54
N CYS A 538 -14.12 -15.21 0.97
CA CYS A 538 -14.06 -15.04 -0.48
C CYS A 538 -12.88 -15.78 -1.12
N ASN A 539 -11.73 -15.75 -0.46
CA ASN A 539 -10.51 -16.37 -0.97
C ASN A 539 -10.43 -17.88 -0.78
N ASN A 540 -11.22 -18.41 0.16
CA ASN A 540 -11.09 -19.80 0.58
C ASN A 540 -12.33 -20.66 0.44
N VAL A 541 -13.47 -20.03 0.13
CA VAL A 541 -14.73 -20.75 -0.05
C VAL A 541 -15.23 -20.55 -1.48
N LYS A 542 -15.54 -21.65 -2.15
CA LYS A 542 -15.96 -21.64 -3.56
C LYS A 542 -17.19 -20.77 -3.80
N GLY A 543 -17.09 -19.90 -4.80
CA GLY A 543 -18.19 -19.02 -5.19
C GLY A 543 -18.20 -17.67 -4.49
N CYS A 544 -17.19 -17.42 -3.66
CA CYS A 544 -17.07 -16.19 -2.87
C CYS A 544 -18.45 -15.73 -2.35
N PRO A 545 -19.07 -16.54 -1.46
CA PRO A 545 -20.40 -16.17 -0.98
C PRO A 545 -20.34 -14.97 -0.05
N PHE A 546 -21.41 -14.18 -0.02
CA PHE A 546 -21.51 -13.07 0.92
C PHE A 546 -21.54 -13.59 2.35
N THR A 547 -20.75 -12.97 3.21
CA THR A 547 -20.79 -13.27 4.64
C THR A 547 -20.70 -12.01 5.49
N SER A 548 -21.21 -12.11 6.70
CA SER A 548 -21.25 -11.00 7.65
C SER A 548 -21.43 -11.56 9.05
N PHE A 549 -21.18 -10.75 10.07
CA PHE A 549 -21.44 -11.15 11.45
C PHE A 549 -22.86 -10.81 11.86
N ASN A 550 -23.58 -10.11 10.99
CA ASN A 550 -24.99 -9.78 11.22
C ASN A 550 -25.90 -10.27 10.09
N VAL A 551 -27.19 -10.41 10.41
CA VAL A 551 -28.21 -10.84 9.46
C VAL A 551 -28.59 -9.67 8.54
N GLN A 552 -28.81 -9.99 7.27
CA GLN A 552 -29.14 -8.99 6.25
C GLN A 552 -30.65 -8.73 6.16
N ALA B 1 24.64 -18.87 -1.18
CA ALA B 1 23.36 -18.69 -1.94
C ALA B 1 22.53 -17.54 -1.39
N ASN B 2 22.52 -17.39 -0.06
CA ASN B 2 21.78 -16.32 0.62
C ASN B 2 22.44 -14.96 0.37
N PRO B 3 21.69 -14.02 -0.25
CA PRO B 3 22.23 -12.69 -0.57
C PRO B 3 22.41 -11.78 0.65
N CYS B 4 21.90 -12.21 1.81
CA CYS B 4 22.02 -11.44 3.04
C CYS B 4 23.26 -11.83 3.87
N CYS B 5 24.09 -12.69 3.31
CA CYS B 5 25.30 -13.19 3.99
C CYS B 5 26.30 -12.10 4.36
N SER B 6 26.40 -11.08 3.52
CA SER B 6 27.34 -9.98 3.73
C SER B 6 26.91 -8.98 4.80
N ASN B 7 25.74 -9.21 5.39
CA ASN B 7 25.11 -8.27 6.33
C ASN B 7 25.06 -6.83 5.78
N PRO B 8 24.37 -6.63 4.65
CA PRO B 8 24.41 -5.36 3.92
C PRO B 8 23.62 -4.23 4.58
N CYS B 9 22.57 -4.57 5.33
CA CYS B 9 21.70 -3.59 5.95
C CYS B 9 22.33 -3.01 7.21
N GLN B 10 22.35 -1.68 7.29
CA GLN B 10 23.04 -0.97 8.36
C GLN B 10 22.07 -0.32 9.34
N ASN B 11 22.61 0.10 10.50
CA ASN B 11 21.87 0.87 11.50
C ASN B 11 20.57 0.22 11.99
N ARG B 12 20.67 -1.04 12.40
CA ARG B 12 19.53 -1.84 12.91
C ARG B 12 18.50 -2.20 11.84
N GLY B 13 18.90 -2.08 10.58
CA GLY B 13 18.04 -2.47 9.45
C GLY B 13 17.97 -3.98 9.31
N GLU B 14 16.92 -4.46 8.65
CA GLU B 14 16.68 -5.89 8.51
C GLU B 14 16.74 -6.37 7.06
N CYS B 15 17.58 -7.37 6.82
CA CYS B 15 17.76 -7.93 5.49
C CYS B 15 16.73 -9.01 5.18
N MET B 16 16.26 -9.00 3.93
CA MET B 16 15.30 -9.98 3.44
C MET B 16 15.57 -10.26 1.96
N SER B 17 15.72 -11.53 1.64
CA SER B 17 15.97 -11.96 0.26
C SER B 17 14.74 -11.77 -0.62
N THR B 18 14.93 -11.14 -1.77
CA THR B 18 13.86 -10.91 -2.75
C THR B 18 14.18 -11.63 -4.06
N GLY B 19 14.59 -12.89 -3.94
CA GLY B 19 15.07 -13.68 -5.06
C GLY B 19 16.31 -14.46 -4.65
N PHE B 20 16.89 -15.20 -5.60
CA PHE B 20 18.07 -16.01 -5.32
C PHE B 20 19.35 -15.19 -5.13
N ASP B 21 19.41 -14.02 -5.76
CA ASP B 21 20.58 -13.16 -5.70
C ASP B 21 20.24 -11.69 -5.39
N GLN B 22 19.01 -11.46 -4.92
CA GLN B 22 18.55 -10.11 -4.61
C GLN B 22 18.11 -9.98 -3.15
N TYR B 23 18.27 -8.78 -2.59
CA TYR B 23 17.83 -8.50 -1.22
C TYR B 23 17.17 -7.13 -1.09
N LYS B 24 16.51 -6.91 0.04
CA LYS B 24 15.92 -5.61 0.37
C LYS B 24 16.08 -5.32 1.87
N CYS B 25 16.44 -4.08 2.18
CA CYS B 25 16.58 -3.64 3.56
C CYS B 25 15.32 -2.94 4.04
N ASP B 26 14.88 -3.28 5.25
CA ASP B 26 13.76 -2.60 5.90
C ASP B 26 14.30 -1.56 6.87
N CYS B 27 14.16 -0.28 6.50
CA CYS B 27 14.74 0.83 7.24
C CYS B 27 13.76 1.47 8.24
N THR B 28 12.67 0.76 8.53
CA THR B 28 11.61 1.25 9.42
C THR B 28 12.12 1.57 10.83
N ARG B 29 11.92 2.82 11.25
CA ARG B 29 12.27 3.32 12.59
C ARG B 29 13.77 3.23 12.94
N THR B 30 14.61 3.33 11.92
CA THR B 30 16.06 3.30 12.11
C THR B 30 16.63 4.73 12.19
N GLY B 31 15.94 5.66 11.54
CA GLY B 31 16.42 7.03 11.40
C GLY B 31 17.23 7.20 10.12
N PHE B 32 17.24 6.14 9.32
CA PHE B 32 18.00 6.10 8.07
C PHE B 32 17.13 5.60 6.92
N TYR B 33 17.59 5.82 5.70
CA TYR B 33 16.91 5.28 4.51
C TYR B 33 17.92 4.90 3.41
N GLY B 34 17.41 4.44 2.28
CA GLY B 34 18.25 4.01 1.16
C GLY B 34 18.29 2.51 1.01
N GLU B 35 19.13 2.04 0.08
CA GLU B 35 19.26 0.61 -0.22
C GLU B 35 19.79 -0.19 0.97
N ASN B 36 20.73 0.41 1.72
CA ASN B 36 21.37 -0.26 2.84
C ASN B 36 21.09 0.40 4.20
N CYS B 37 20.08 1.27 4.23
CA CYS B 37 19.74 2.08 5.42
C CYS B 37 20.96 2.86 5.93
N THR B 38 21.60 3.59 5.02
CA THR B 38 22.82 4.33 5.34
C THR B 38 22.67 5.85 5.23
N THR B 39 21.72 6.30 4.40
CA THR B 39 21.45 7.73 4.22
C THR B 39 20.61 8.25 5.39
N PRO B 40 21.18 9.17 6.19
CA PRO B 40 20.54 9.61 7.43
C PRO B 40 19.41 10.63 7.21
N GLU B 41 18.42 10.59 8.10
CA GLU B 41 17.32 11.57 8.09
C GLU B 41 17.75 12.84 8.80
N PHE B 42 17.00 13.92 8.60
CA PHE B 42 17.33 15.25 9.12
C PHE B 42 17.50 15.27 10.64
N LEU B 43 16.61 14.60 11.36
CA LEU B 43 16.66 14.53 12.82
C LEU B 43 17.82 13.66 13.31
N THR B 44 18.23 12.71 12.47
CA THR B 44 19.29 11.76 12.81
C THR B 44 20.69 12.36 12.66
N ARG B 45 20.90 13.15 11.61
CA ARG B 45 22.19 13.78 11.35
C ARG B 45 22.57 14.82 12.42
N ILE B 46 21.56 15.42 13.05
CA ILE B 46 21.78 16.33 14.16
C ILE B 46 22.14 15.55 15.44
N LYS B 47 21.47 14.42 15.64
CA LYS B 47 21.73 13.56 16.79
C LYS B 47 23.11 12.90 16.74
N LEU B 48 23.60 12.62 15.53
CA LEU B 48 24.93 12.02 15.34
C LEU B 48 26.06 12.99 15.63
N LEU B 49 25.85 14.27 15.29
CA LEU B 49 26.84 15.32 15.57
C LEU B 49 26.90 15.69 17.05
N LEU B 50 25.75 15.63 17.73
CA LEU B 50 25.65 15.99 19.15
C LEU B 50 25.96 14.82 20.10
N LYS B 51 25.90 13.59 19.57
CA LYS B 51 26.13 12.39 20.37
C LYS B 51 27.62 12.19 20.69
N PRO B 52 27.97 12.21 21.98
CA PRO B 52 29.36 11.96 22.38
C PRO B 52 29.71 10.48 22.32
N THR B 53 30.98 10.18 22.08
CA THR B 53 31.46 8.79 22.02
C THR B 53 31.47 8.17 23.43
N PRO B 54 31.27 6.84 23.52
CA PRO B 54 31.28 6.15 24.81
C PRO B 54 32.54 6.42 25.64
N ASN B 55 33.68 6.60 24.97
CA ASN B 55 34.93 6.93 25.64
C ASN B 55 34.93 8.32 26.29
N THR B 56 34.27 9.28 25.64
CA THR B 56 34.12 10.63 26.18
C THR B 56 33.15 10.64 27.36
N VAL B 57 32.07 9.86 27.26
CA VAL B 57 31.08 9.73 28.32
C VAL B 57 31.70 9.04 29.54
N HIS B 58 32.49 7.99 29.29
CA HIS B 58 33.23 7.29 30.34
C HIS B 58 34.23 8.21 31.03
N TYR B 59 34.85 9.10 30.26
CA TYR B 59 35.81 10.06 30.80
C TYR B 59 35.15 11.02 31.79
N ILE B 60 33.99 11.56 31.41
CA ILE B 60 33.25 12.50 32.25
C ILE B 60 32.75 11.83 33.54
N LEU B 61 32.37 10.56 33.44
CA LEU B 61 31.88 9.79 34.58
C LEU B 61 32.98 9.31 35.53
N THR B 62 34.23 9.28 35.03
CA THR B 62 35.37 8.82 35.83
C THR B 62 36.32 9.96 36.24
N HIS B 63 35.92 11.19 35.96
CA HIS B 63 36.68 12.37 36.36
C HIS B 63 35.77 13.40 37.04
N PHE B 64 36.33 14.56 37.39
CA PHE B 64 35.59 15.64 38.05
C PHE B 64 34.86 15.17 39.31
N LYS B 65 35.59 14.49 40.19
CA LYS B 65 35.03 13.87 41.39
C LYS B 65 34.30 14.86 42.30
N GLY B 66 34.84 16.07 42.39
CA GLY B 66 34.25 17.15 43.19
C GLY B 66 32.87 17.55 42.71
N VAL B 67 32.71 17.64 41.40
CA VAL B 67 31.43 17.98 40.78
C VAL B 67 30.39 16.87 41.00
N TRP B 68 30.79 15.63 40.76
CA TRP B 68 29.91 14.47 40.96
C TRP B 68 29.48 14.29 42.41
N ASN B 69 30.35 14.66 43.34
CA ASN B 69 30.06 14.60 44.76
C ASN B 69 28.91 15.53 45.15
N ILE B 70 28.86 16.70 44.49
CA ILE B 70 27.74 17.63 44.63
C ILE B 70 26.49 17.11 43.91
N VAL B 71 26.70 16.53 42.72
CA VAL B 71 25.61 15.95 41.92
C VAL B 71 24.92 14.80 42.64
N ASN B 72 25.69 13.96 43.32
CA ASN B 72 25.17 12.80 44.07
C ASN B 72 24.32 13.20 45.29
N ASN B 73 24.49 14.43 45.75
CA ASN B 73 23.76 14.92 46.92
C ASN B 73 22.58 15.85 46.59
N ILE B 74 22.23 15.92 45.30
CA ILE B 74 21.03 16.62 44.85
C ILE B 74 20.06 15.58 44.25
N PRO B 75 18.99 15.25 45.00
CA PRO B 75 18.09 14.13 44.69
C PRO B 75 17.47 14.15 43.29
N PHE B 76 16.98 15.30 42.84
CA PHE B 76 16.31 15.39 41.54
C PHE B 76 17.29 15.22 40.36
N LEU B 77 18.52 15.68 40.57
CA LEU B 77 19.57 15.60 39.54
C LEU B 77 20.13 14.18 39.44
N ARG B 78 20.31 13.52 40.59
CA ARG B 78 20.76 12.14 40.65
C ARG B 78 19.72 11.21 40.00
N SER B 79 18.45 11.51 40.25
CA SER B 79 17.34 10.74 39.70
C SER B 79 17.23 10.91 38.18
N LEU B 80 17.44 12.14 37.70
CA LEU B 80 17.34 12.47 36.28
C LEU B 80 18.42 11.77 35.45
N ILE B 81 19.64 11.73 35.98
CA ILE B 81 20.77 11.09 35.30
C ILE B 81 20.60 9.57 35.30
N MET B 82 20.24 9.01 36.45
CA MET B 82 19.98 7.58 36.58
C MET B 82 18.80 7.16 35.69
N LYS B 83 17.81 8.04 35.55
CA LYS B 83 16.69 7.79 34.65
C LYS B 83 17.18 7.68 33.21
N TYR B 84 18.08 8.57 32.81
CA TYR B 84 18.64 8.58 31.47
C TYR B 84 19.47 7.33 31.16
N VAL B 85 20.27 6.88 32.12
CA VAL B 85 21.11 5.68 31.90
C VAL B 85 20.27 4.41 31.74
N LEU B 86 19.13 4.35 32.42
CA LEU B 86 18.23 3.21 32.33
C LEU B 86 17.49 3.16 30.99
N THR B 87 17.10 4.32 30.48
CA THR B 87 16.35 4.39 29.23
C THR B 87 17.24 4.26 27.99
N SER B 88 18.42 4.89 28.04
CA SER B 88 19.35 4.87 26.91
C SER B 88 20.04 3.52 26.73
N ARG B 89 20.18 2.77 27.81
CA ARG B 89 20.74 1.42 27.70
C ARG B 89 19.69 0.41 27.24
N SER B 90 18.46 0.59 27.72
CA SER B 90 17.38 -0.37 27.46
C SER B 90 16.84 -0.36 26.03
N TYR B 91 16.88 0.80 25.36
CA TYR B 91 16.39 0.91 23.99
C TYR B 91 17.28 0.16 22.99
N LEU B 92 18.48 -0.20 23.44
CA LEU B 92 19.39 -1.05 22.66
C LEU B 92 18.97 -2.51 22.64
N ILE B 93 18.07 -2.89 23.56
CA ILE B 93 17.59 -4.27 23.67
C ILE B 93 16.21 -4.42 23.02
N ASP B 94 16.05 -5.47 22.20
CA ASP B 94 14.77 -5.80 21.59
C ASP B 94 13.88 -6.52 22.59
N SER B 95 12.73 -5.91 22.90
CA SER B 95 11.79 -6.46 23.87
C SER B 95 10.36 -6.13 23.44
N PRO B 96 9.53 -7.16 23.14
CA PRO B 96 9.78 -8.62 23.15
C PRO B 96 10.92 -9.06 22.22
N PRO B 97 11.56 -10.19 22.55
CA PRO B 97 12.76 -10.68 21.85
C PRO B 97 12.48 -11.14 20.42
N THR B 98 13.55 -11.28 19.64
CA THR B 98 13.44 -11.59 18.22
C THR B 98 14.13 -12.91 17.84
N TYR B 99 15.42 -12.84 17.52
CA TYR B 99 16.15 -13.97 16.93
C TYR B 99 16.68 -14.96 17.96
N ASN B 100 17.00 -16.17 17.48
CA ASN B 100 17.74 -17.15 18.27
C ASN B 100 18.70 -17.96 17.40
N VAL B 101 19.30 -19.02 17.96
CA VAL B 101 20.30 -19.81 17.24
C VAL B 101 19.79 -20.45 15.93
N HIS B 102 18.51 -20.82 15.90
CA HIS B 102 17.92 -21.47 14.72
C HIS B 102 17.14 -20.53 13.80
N TYR B 103 16.95 -19.29 14.22
CA TYR B 103 16.15 -18.34 13.44
C TYR B 103 16.81 -16.99 13.19
N GLY B 104 17.20 -16.76 11.94
CA GLY B 104 17.76 -15.48 11.50
C GLY B 104 16.69 -14.52 11.02
N TYR B 105 15.44 -14.95 11.15
CA TYR B 105 14.26 -14.14 10.86
C TYR B 105 13.28 -14.29 12.03
N LYS B 106 12.33 -13.37 12.14
CA LYS B 106 11.34 -13.44 13.22
C LYS B 106 10.30 -14.52 12.94
N SER B 107 9.94 -15.25 13.98
CA SER B 107 8.97 -16.34 13.89
C SER B 107 8.31 -16.54 15.24
N TRP B 108 7.15 -17.21 15.24
CA TRP B 108 6.47 -17.50 16.50
C TRP B 108 7.23 -18.49 17.36
N GLU B 109 7.97 -19.39 16.70
CA GLU B 109 8.81 -20.37 17.40
C GLU B 109 9.93 -19.67 18.18
N ALA B 110 10.56 -18.69 17.55
CA ALA B 110 11.64 -17.93 18.20
C ALA B 110 11.12 -17.11 19.38
N PHE B 111 9.93 -16.53 19.24
CA PHE B 111 9.34 -15.77 20.35
C PHE B 111 8.85 -16.67 21.50
N SER B 112 8.14 -17.74 21.15
CA SER B 112 7.41 -18.54 22.14
C SER B 112 8.24 -19.57 22.89
N ASN B 113 9.26 -20.11 22.23
CA ASN B 113 10.09 -21.17 22.82
C ASN B 113 11.12 -20.61 23.81
N LEU B 114 10.81 -20.77 25.10
CA LEU B 114 11.62 -20.22 26.18
C LEU B 114 12.92 -20.99 26.45
N SER B 115 13.04 -22.18 25.84
CA SER B 115 14.24 -23.01 25.97
C SER B 115 15.45 -22.45 25.21
N TYR B 116 15.20 -21.56 24.26
CA TYR B 116 16.27 -20.87 23.54
C TYR B 116 16.80 -19.67 24.33
N TYR B 117 18.08 -19.38 24.15
CA TYR B 117 18.61 -18.05 24.44
C TYR B 117 18.23 -17.17 23.26
N THR B 118 17.91 -15.91 23.52
CA THR B 118 17.64 -14.97 22.42
C THR B 118 18.97 -14.49 21.83
N ARG B 119 18.91 -13.77 20.71
CA ARG B 119 20.11 -13.27 20.05
C ARG B 119 19.99 -11.79 19.73
N ALA B 120 21.00 -11.02 20.14
CA ALA B 120 21.09 -9.60 19.82
C ALA B 120 21.26 -9.41 18.31
N LEU B 121 22.09 -10.25 17.70
CA LEU B 121 22.22 -10.30 16.26
C LEU B 121 21.88 -11.68 15.73
N PRO B 122 21.19 -11.76 14.58
CA PRO B 122 20.81 -13.05 13.99
C PRO B 122 22.03 -13.90 13.63
N PRO B 123 21.87 -15.23 13.62
CA PRO B 123 23.00 -16.09 13.26
C PRO B 123 23.33 -15.99 11.78
N VAL B 124 24.59 -16.26 11.45
CA VAL B 124 25.03 -16.36 10.06
C VAL B 124 24.38 -17.61 9.47
N ALA B 125 23.75 -17.45 8.31
CA ALA B 125 23.04 -18.54 7.64
C ALA B 125 23.98 -19.70 7.30
N ASP B 126 23.43 -20.91 7.29
CA ASP B 126 24.20 -22.14 7.07
C ASP B 126 24.85 -22.21 5.69
N ASP B 127 24.22 -21.56 4.71
CA ASP B 127 24.68 -21.61 3.32
C ASP B 127 25.60 -20.46 2.92
N CYS B 128 26.05 -19.69 3.91
CA CYS B 128 27.03 -18.61 3.68
C CYS B 128 28.42 -19.20 3.41
N PRO B 129 29.14 -18.66 2.40
CA PRO B 129 30.44 -19.20 1.97
C PRO B 129 31.51 -19.18 3.07
N THR B 130 31.51 -18.16 3.92
CA THR B 130 32.44 -18.08 5.05
C THR B 130 31.65 -18.04 6.36
N PRO B 131 32.27 -18.48 7.48
CA PRO B 131 31.60 -18.46 8.79
C PRO B 131 31.10 -17.09 9.23
N MET B 132 31.78 -16.04 8.80
CA MET B 132 31.42 -14.66 9.15
C MET B 132 30.54 -13.99 8.09
N GLY B 133 30.23 -14.74 7.03
CA GLY B 133 29.40 -14.24 5.93
C GLY B 133 30.06 -14.44 4.59
N VAL B 134 30.80 -13.43 4.14
CA VAL B 134 31.54 -13.49 2.88
C VAL B 134 33.03 -13.17 3.06
N LYS B 135 33.35 -12.48 4.15
CA LYS B 135 34.72 -12.04 4.44
C LYS B 135 35.56 -13.13 5.07
N GLY B 136 36.87 -13.07 4.83
CA GLY B 136 37.82 -14.01 5.42
C GLY B 136 37.97 -15.31 4.66
N ASN B 137 38.66 -16.26 5.28
CA ASN B 137 38.88 -17.58 4.69
C ASN B 137 37.69 -18.52 4.93
N LYS B 138 37.70 -19.66 4.24
CA LYS B 138 36.64 -20.67 4.36
C LYS B 138 36.52 -21.21 5.79
N GLU B 139 37.63 -21.19 6.52
CA GLU B 139 37.65 -21.60 7.93
C GLU B 139 38.31 -20.53 8.80
N LEU B 140 37.81 -20.39 10.02
CA LEU B 140 38.41 -19.50 11.01
C LEU B 140 39.68 -20.13 11.59
N PRO B 141 40.61 -19.30 12.09
CA PRO B 141 41.86 -19.82 12.66
C PRO B 141 41.62 -20.78 13.82
N ASP B 142 42.48 -21.78 13.96
CA ASP B 142 42.34 -22.81 15.00
C ASP B 142 42.16 -22.16 16.37
N SER B 143 41.12 -22.60 17.08
CA SER B 143 40.76 -22.05 18.38
C SER B 143 41.85 -22.19 19.43
N LYS B 144 42.59 -23.30 19.39
CA LYS B 144 43.69 -23.55 20.31
C LYS B 144 44.86 -22.60 20.07
N GLU B 145 45.10 -22.24 18.81
CA GLU B 145 46.12 -21.26 18.45
C GLU B 145 45.77 -19.86 18.95
N VAL B 146 44.48 -19.51 18.89
CA VAL B 146 43.99 -18.24 19.40
C VAL B 146 44.06 -18.22 20.94
N LEU B 147 43.68 -19.33 21.56
CA LEU B 147 43.72 -19.49 23.01
C LEU B 147 45.13 -19.28 23.59
N GLU B 148 46.12 -19.92 22.96
CA GLU B 148 47.49 -19.92 23.48
C GLU B 148 48.27 -18.63 23.19
N LYS B 149 48.03 -18.03 22.03
CA LYS B 149 48.80 -16.86 21.59
C LYS B 149 48.41 -15.54 22.27
N VAL B 150 47.12 -15.34 22.52
CA VAL B 150 46.62 -14.05 23.03
C VAL B 150 45.74 -14.13 24.28
N LEU B 151 45.29 -15.32 24.65
CA LEU B 151 44.35 -15.47 25.76
C LEU B 151 44.95 -16.01 27.06
N LEU B 152 45.80 -17.04 26.94
CA LEU B 152 46.33 -17.73 28.11
C LEU B 152 47.31 -16.90 28.94
N ARG B 153 47.24 -17.08 30.25
CA ARG B 153 48.03 -16.32 31.22
C ARG B 153 49.47 -16.80 31.30
N ARG B 154 50.40 -15.86 31.16
CA ARG B 154 51.82 -16.10 31.41
C ARG B 154 52.10 -15.82 32.88
N GLU B 155 52.04 -14.54 33.25
CA GLU B 155 52.09 -14.12 34.65
C GLU B 155 50.77 -13.47 35.02
N PHE B 156 50.37 -13.60 36.29
CA PHE B 156 49.11 -13.05 36.78
C PHE B 156 49.06 -11.53 36.63
N ILE B 157 48.06 -11.06 35.89
CA ILE B 157 47.81 -9.62 35.76
C ILE B 157 46.64 -9.25 36.66
N PRO B 158 46.91 -8.47 37.73
CA PRO B 158 45.86 -8.03 38.65
C PRO B 158 44.98 -6.96 38.02
N ASP B 159 43.78 -6.81 38.54
CA ASP B 159 42.87 -5.77 38.10
C ASP B 159 43.27 -4.42 38.71
N PRO B 160 43.59 -3.43 37.86
CA PRO B 160 43.94 -2.08 38.34
C PRO B 160 42.74 -1.36 38.99
N GLN B 161 41.53 -1.79 38.64
CA GLN B 161 40.31 -1.24 39.23
C GLN B 161 40.09 -1.76 40.65
N GLY B 162 40.78 -2.85 40.99
CA GLY B 162 40.84 -3.33 42.36
C GLY B 162 39.83 -4.40 42.76
N SER B 163 39.18 -5.01 41.78
CA SER B 163 38.17 -6.05 42.04
C SER B 163 38.77 -7.22 42.83
N ASN B 164 38.06 -7.64 43.87
CA ASN B 164 38.52 -8.74 44.72
C ASN B 164 37.79 -10.05 44.44
N MET B 165 38.04 -11.07 45.25
CA MET B 165 37.42 -12.38 45.06
C MET B 165 35.96 -12.43 45.53
N MET B 166 35.58 -11.50 46.41
CA MET B 166 34.17 -11.31 46.76
C MET B 166 33.36 -10.87 45.54
N PHE B 167 33.99 -10.07 44.68
CA PHE B 167 33.37 -9.61 43.43
C PHE B 167 33.23 -10.74 42.42
N ALA B 168 34.31 -11.51 42.25
CA ALA B 168 34.38 -12.58 41.25
C ALA B 168 33.36 -13.68 41.54
N PHE B 169 33.27 -14.10 42.80
CA PHE B 169 32.33 -15.14 43.19
C PHE B 169 30.88 -14.66 43.22
N PHE B 170 30.67 -13.36 43.47
CA PHE B 170 29.33 -12.78 43.39
C PHE B 170 28.85 -12.78 41.94
N ALA B 171 29.75 -12.38 41.04
CA ALA B 171 29.50 -12.42 39.60
C ALA B 171 29.13 -13.83 39.14
N GLN B 172 29.91 -14.82 39.56
CA GLN B 172 29.63 -16.21 39.20
C GLN B 172 28.31 -16.70 39.79
N HIS B 173 28.09 -16.43 41.06
CA HIS B 173 26.87 -16.83 41.77
C HIS B 173 25.61 -16.18 41.19
N PHE B 174 25.63 -14.85 41.03
CA PHE B 174 24.49 -14.09 40.53
C PHE B 174 24.09 -14.44 39.09
N THR B 175 25.07 -14.53 38.20
CA THR B 175 24.79 -14.76 36.78
C THR B 175 24.42 -16.21 36.45
N HIS B 176 24.74 -17.13 37.36
CA HIS B 176 24.44 -18.54 37.14
C HIS B 176 22.99 -18.92 37.44
N GLN B 177 22.17 -17.93 37.81
CA GLN B 177 20.72 -18.15 37.89
C GLN B 177 20.09 -18.01 36.50
N PHE B 178 20.65 -17.13 35.66
CA PHE B 178 20.12 -16.93 34.32
C PHE B 178 20.99 -17.45 33.16
N PHE B 179 22.24 -17.79 33.46
CA PHE B 179 23.09 -18.53 32.50
C PHE B 179 23.16 -19.99 32.92
N LYS B 180 22.29 -20.80 32.32
CA LYS B 180 22.23 -22.23 32.63
C LYS B 180 22.05 -23.03 31.35
N THR B 181 23.13 -23.17 30.58
CA THR B 181 23.08 -23.80 29.27
C THR B 181 22.62 -25.25 29.34
N ASP B 182 21.60 -25.58 28.54
CA ASP B 182 21.12 -26.94 28.39
C ASP B 182 22.01 -27.68 27.41
N HIS B 183 23.01 -28.38 27.96
CA HIS B 183 24.05 -29.02 27.16
C HIS B 183 23.60 -30.21 26.33
N LYS B 184 22.52 -30.88 26.74
CA LYS B 184 21.97 -32.00 25.97
C LYS B 184 21.16 -31.53 24.76
N ARG B 185 20.83 -30.24 24.72
CA ARG B 185 20.18 -29.63 23.57
C ARG B 185 21.18 -28.89 22.69
N GLY B 186 22.02 -28.06 23.33
CA GLY B 186 23.03 -27.28 22.62
C GLY B 186 23.42 -25.99 23.34
N PRO B 187 24.49 -25.33 22.86
CA PRO B 187 25.01 -24.09 23.45
C PRO B 187 24.02 -22.92 23.43
N GLY B 188 23.08 -22.93 22.49
CA GLY B 188 22.09 -21.86 22.35
C GLY B 188 20.79 -22.10 23.13
N PHE B 189 20.79 -23.12 23.98
CA PHE B 189 19.61 -23.47 24.77
C PHE B 189 19.86 -23.29 26.26
N THR B 190 18.81 -22.90 26.98
CA THR B 190 18.89 -22.60 28.40
C THR B 190 17.92 -23.42 29.25
N ARG B 191 18.28 -23.64 30.51
CA ARG B 191 17.43 -24.31 31.49
C ARG B 191 16.71 -23.30 32.37
N GLY B 192 17.14 -22.04 32.31
CA GLY B 192 16.56 -20.96 33.10
C GLY B 192 15.38 -20.33 32.38
N LEU B 193 14.22 -20.95 32.52
CA LEU B 193 13.02 -20.54 31.80
C LEU B 193 12.42 -19.22 32.31
N GLY B 194 12.85 -18.79 33.48
CA GLY B 194 12.47 -17.49 34.03
C GLY B 194 13.17 -16.31 33.36
N HIS B 195 14.29 -16.58 32.70
CA HIS B 195 15.06 -15.59 31.94
C HIS B 195 15.38 -14.30 32.70
N GLY B 196 15.94 -14.44 33.90
CA GLY B 196 16.33 -13.26 34.69
C GLY B 196 16.52 -13.51 36.17
N VAL B 197 16.32 -12.45 36.96
CA VAL B 197 16.56 -12.49 38.41
C VAL B 197 15.33 -13.06 39.12
N ASP B 198 15.25 -14.39 39.17
CA ASP B 198 14.15 -15.08 39.84
C ASP B 198 14.61 -15.80 41.10
N LEU B 199 15.92 -15.84 41.29
CA LEU B 199 16.57 -16.54 42.42
C LEU B 199 16.32 -18.05 42.44
N ASN B 200 16.29 -18.64 41.24
CA ASN B 200 16.17 -20.09 41.11
C ASN B 200 17.44 -20.81 41.58
N HIS B 201 18.53 -20.07 41.69
CA HIS B 201 19.79 -20.61 42.19
C HIS B 201 19.78 -20.79 43.71
N ILE B 202 18.76 -20.22 44.36
CA ILE B 202 18.53 -20.41 45.80
C ILE B 202 17.31 -21.30 46.02
N TYR B 203 16.26 -21.07 45.22
CA TYR B 203 14.97 -21.72 45.42
C TYR B 203 14.64 -22.87 44.45
N GLY B 204 15.45 -23.03 43.41
CA GLY B 204 15.21 -24.07 42.42
C GLY B 204 14.38 -23.60 41.24
N GLU B 205 14.58 -24.23 40.09
CA GLU B 205 13.88 -23.88 38.85
C GLU B 205 12.42 -24.36 38.88
N THR B 206 12.20 -25.54 39.44
CA THR B 206 10.89 -26.19 39.44
C THR B 206 10.27 -26.20 40.83
N LEU B 207 8.95 -26.40 40.86
CA LEU B 207 8.20 -26.44 42.11
C LEU B 207 8.55 -27.65 42.98
N ASP B 208 8.87 -28.77 42.33
CA ASP B 208 9.27 -30.00 43.02
C ASP B 208 10.59 -29.82 43.77
N ARG B 209 11.55 -29.19 43.10
CA ARG B 209 12.86 -28.91 43.68
C ARG B 209 12.75 -27.91 44.84
N GLN B 210 11.89 -26.90 44.66
CA GLN B 210 11.64 -25.88 45.68
C GLN B 210 11.08 -26.50 46.96
N HIS B 211 10.06 -27.34 46.80
CA HIS B 211 9.40 -28.01 47.91
C HIS B 211 10.32 -28.95 48.68
N LYS B 212 11.29 -29.53 47.96
CA LYS B 212 12.31 -30.38 48.59
C LYS B 212 13.33 -29.57 49.38
N LEU B 213 13.49 -28.29 49.03
CA LEU B 213 14.43 -27.39 49.71
C LEU B 213 13.81 -26.66 50.89
N ARG B 214 12.47 -26.66 50.94
CA ARG B 214 11.73 -25.92 51.97
C ARG B 214 11.50 -26.74 53.25
N LEU B 215 11.45 -26.03 54.37
CA LEU B 215 11.19 -26.63 55.68
C LEU B 215 9.69 -26.78 55.94
N PHE B 216 8.89 -25.95 55.28
CA PHE B 216 7.43 -25.87 55.46
C PHE B 216 7.01 -25.48 56.87
N LYS B 217 7.90 -24.76 57.56
CA LYS B 217 7.59 -24.11 58.83
C LYS B 217 8.17 -22.70 58.79
N ASP B 218 7.32 -21.71 59.08
CA ASP B 218 7.71 -20.29 59.13
C ASP B 218 8.26 -19.72 57.82
N GLY B 219 7.93 -20.36 56.70
CA GLY B 219 8.37 -19.91 55.37
C GLY B 219 9.82 -20.22 55.05
N LYS B 220 10.49 -20.92 55.96
CA LYS B 220 11.94 -21.10 55.90
C LYS B 220 12.40 -22.17 54.92
N LEU B 221 13.68 -22.08 54.54
CA LEU B 221 14.35 -23.14 53.80
C LEU B 221 15.00 -24.10 54.79
N LYS B 222 15.13 -25.35 54.37
CA LYS B 222 15.84 -26.36 55.17
C LYS B 222 17.30 -25.96 55.35
N TYR B 223 17.85 -26.33 56.50
CA TYR B 223 19.25 -26.04 56.83
C TYR B 223 19.80 -27.05 57.85
N GLN B 224 21.12 -27.10 57.95
CA GLN B 224 21.78 -27.89 58.99
C GLN B 224 22.77 -26.99 59.75
N VAL B 225 23.08 -27.39 60.99
CA VAL B 225 24.04 -26.67 61.81
C VAL B 225 25.28 -27.53 62.03
N ILE B 226 26.42 -27.06 61.53
CA ILE B 226 27.71 -27.72 61.71
C ILE B 226 28.65 -26.77 62.46
N GLY B 227 29.11 -27.22 63.63
CA GLY B 227 30.00 -26.43 64.47
C GLY B 227 29.42 -25.09 64.89
N GLY B 228 28.12 -25.07 65.19
CA GLY B 228 27.43 -23.86 65.62
C GLY B 228 27.02 -22.92 64.50
N GLU B 229 27.36 -23.27 63.26
CA GLU B 229 27.10 -22.43 62.09
C GLU B 229 26.06 -23.02 61.15
N VAL B 230 25.23 -22.16 60.57
CA VAL B 230 24.15 -22.58 59.67
C VAL B 230 24.66 -22.80 58.25
N TYR B 231 24.40 -24.01 57.72
CA TYR B 231 24.78 -24.36 56.35
C TYR B 231 23.59 -24.96 55.59
N PRO B 232 23.67 -24.98 54.24
CA PRO B 232 22.64 -25.63 53.44
C PRO B 232 22.46 -27.10 53.81
N PRO B 233 21.26 -27.67 53.52
CA PRO B 233 20.99 -29.06 53.87
C PRO B 233 21.71 -30.05 52.93
N THR B 234 21.64 -31.33 53.25
CA THR B 234 22.29 -32.37 52.46
C THR B 234 21.39 -32.91 51.35
N VAL B 235 22.01 -33.62 50.40
CA VAL B 235 21.28 -34.33 49.35
C VAL B 235 20.43 -35.46 49.94
N LYS B 236 20.96 -36.13 50.96
CA LYS B 236 20.25 -37.22 51.63
C LYS B 236 18.96 -36.75 52.29
N ASP B 237 19.01 -35.58 52.93
CA ASP B 237 17.86 -35.02 53.64
C ASP B 237 16.77 -34.48 52.70
N THR B 238 17.19 -33.92 51.57
CA THR B 238 16.29 -33.20 50.66
C THR B 238 15.87 -33.99 49.43
N GLN B 239 16.73 -34.94 49.02
CA GLN B 239 16.54 -35.74 47.80
C GLN B 239 16.60 -34.93 46.48
N VAL B 240 17.10 -33.70 46.56
CA VAL B 240 17.31 -32.90 45.34
C VAL B 240 18.57 -33.41 44.64
N GLU B 241 18.60 -33.23 43.32
CA GLU B 241 19.75 -33.67 42.53
C GLU B 241 20.82 -32.58 42.48
N MET B 242 22.05 -32.97 42.77
CA MET B 242 23.20 -32.07 42.73
C MET B 242 24.33 -32.71 41.91
N ILE B 243 25.16 -31.88 41.30
CA ILE B 243 26.33 -32.35 40.57
C ILE B 243 27.52 -32.46 41.52
N TYR B 244 27.90 -33.70 41.83
CA TYR B 244 29.06 -33.99 42.66
C TYR B 244 29.82 -35.19 42.12
N PRO B 245 31.17 -35.13 42.14
CA PRO B 245 31.99 -36.30 41.84
C PRO B 245 31.76 -37.42 42.86
N PRO B 246 31.82 -38.70 42.43
CA PRO B 246 31.44 -39.86 43.24
C PRO B 246 32.14 -40.00 44.59
N HIS B 247 33.30 -39.37 44.76
CA HIS B 247 34.08 -39.52 45.99
C HIS B 247 33.63 -38.60 47.14
N ILE B 248 32.82 -37.60 46.82
CA ILE B 248 32.31 -36.67 47.83
C ILE B 248 31.34 -37.38 48.79
N PRO B 249 31.68 -37.42 50.09
CA PRO B 249 30.85 -38.13 51.07
C PRO B 249 29.49 -37.46 51.27
N GLU B 250 28.52 -38.26 51.71
CA GLU B 250 27.12 -37.82 51.83
C GLU B 250 26.92 -36.53 52.64
N ASN B 251 27.70 -36.38 53.71
CA ASN B 251 27.56 -35.21 54.59
C ASN B 251 28.07 -33.89 53.99
N LEU B 252 28.91 -33.99 52.96
CA LEU B 252 29.46 -32.81 52.29
C LEU B 252 28.71 -32.48 50.99
N GLN B 253 27.73 -33.31 50.64
CA GLN B 253 26.90 -33.06 49.46
C GLN B 253 25.80 -32.05 49.79
N PHE B 254 26.16 -30.77 49.76
CA PHE B 254 25.21 -29.70 50.06
C PHE B 254 24.19 -29.50 48.94
N ALA B 255 22.94 -29.26 49.35
CA ALA B 255 21.83 -29.10 48.43
C ALA B 255 21.35 -27.66 48.39
N VAL B 256 21.45 -27.05 47.21
CA VAL B 256 20.98 -25.68 46.99
C VAL B 256 20.16 -25.59 45.71
N GLY B 257 19.62 -24.40 45.44
CA GLY B 257 18.78 -24.16 44.27
C GLY B 257 19.40 -24.59 42.94
N GLN B 258 20.68 -24.26 42.76
CA GLN B 258 21.40 -24.64 41.55
C GLN B 258 22.27 -25.87 41.74
N GLU B 259 22.14 -26.81 40.82
CA GLU B 259 22.80 -28.11 40.87
C GLU B 259 24.34 -28.10 40.79
N VAL B 260 24.91 -27.02 40.25
CA VAL B 260 26.35 -26.95 40.04
C VAL B 260 27.11 -26.10 41.07
N PHE B 261 26.41 -25.63 42.11
CA PHE B 261 27.00 -24.71 43.07
C PHE B 261 27.94 -25.38 44.10
N GLY B 262 27.96 -26.72 44.08
CA GLY B 262 28.90 -27.48 44.90
C GLY B 262 30.28 -27.61 44.28
N LEU B 263 30.41 -27.16 43.03
CA LEU B 263 31.68 -27.18 42.29
C LEU B 263 32.74 -26.30 42.96
N VAL B 264 32.30 -25.13 43.44
CA VAL B 264 33.21 -24.12 43.96
C VAL B 264 32.77 -23.68 45.36
N PRO B 265 33.69 -23.75 46.36
CA PRO B 265 33.42 -23.26 47.71
C PRO B 265 33.07 -21.77 47.76
N GLY B 266 33.55 -21.01 46.77
CA GLY B 266 33.20 -19.60 46.63
C GLY B 266 31.72 -19.41 46.31
N LEU B 267 31.17 -20.32 45.52
CA LEU B 267 29.74 -20.33 45.21
C LEU B 267 28.90 -20.77 46.40
N MET B 268 29.38 -21.82 47.07
CA MET B 268 28.73 -22.35 48.27
C MET B 268 28.74 -21.33 49.41
N MET B 269 29.71 -20.42 49.39
CA MET B 269 29.79 -19.31 50.33
C MET B 269 28.58 -18.38 50.20
N TYR B 270 28.28 -17.95 48.97
CA TYR B 270 27.15 -17.06 48.72
C TYR B 270 25.81 -17.77 48.86
N ALA B 271 25.77 -19.05 48.47
CA ALA B 271 24.60 -19.89 48.66
C ALA B 271 24.18 -19.95 50.14
N THR B 272 25.17 -20.10 51.01
CA THR B 272 24.97 -20.13 52.45
C THR B 272 24.50 -18.77 52.97
N ILE B 273 25.14 -17.69 52.51
CA ILE B 273 24.80 -16.33 52.92
C ILE B 273 23.34 -15.96 52.56
N TRP B 274 22.93 -16.31 51.34
CA TRP B 274 21.57 -16.03 50.85
C TRP B 274 20.51 -16.90 51.52
N LEU B 275 20.87 -18.15 51.82
CA LEU B 275 19.99 -19.06 52.55
C LEU B 275 19.71 -18.50 53.94
N ARG B 276 20.78 -18.03 54.60
CA ARG B 276 20.69 -17.40 55.91
C ARG B 276 19.88 -16.10 55.85
N GLU B 277 20.03 -15.36 54.76
CA GLU B 277 19.26 -14.13 54.54
C GLU B 277 17.76 -14.40 54.43
N HIS B 278 17.40 -15.46 53.70
CA HIS B 278 16.00 -15.86 53.54
C HIS B 278 15.33 -16.19 54.88
N ASN B 279 15.97 -17.05 55.67
CA ASN B 279 15.44 -17.44 56.99
C ASN B 279 15.39 -16.27 57.97
N ARG B 280 16.32 -15.33 57.82
CA ARG B 280 16.36 -14.10 58.62
C ARG B 280 15.15 -13.21 58.32
N VAL B 281 14.83 -13.06 57.03
CA VAL B 281 13.66 -12.28 56.59
C VAL B 281 12.35 -12.95 57.03
N CYS B 282 12.34 -14.28 57.01
CA CYS B 282 11.21 -15.06 57.52
C CYS B 282 10.92 -14.73 58.99
N ASP B 283 11.97 -14.67 59.80
CA ASP B 283 11.85 -14.28 61.21
C ASP B 283 11.26 -12.88 61.37
N ILE B 284 11.73 -11.95 60.54
CA ILE B 284 11.23 -10.57 60.54
C ILE B 284 9.73 -10.51 60.19
N LEU B 285 9.35 -11.25 59.14
CA LEU B 285 7.96 -11.28 58.69
C LEU B 285 7.02 -12.05 59.62
N LYS B 286 7.55 -13.07 60.30
CA LYS B 286 6.80 -13.81 61.32
C LYS B 286 6.48 -12.89 62.51
N GLN B 287 7.46 -12.07 62.90
CA GLN B 287 7.29 -11.07 63.95
C GLN B 287 6.24 -10.02 63.54
N GLU B 288 6.31 -9.60 62.28
CA GLU B 288 5.40 -8.61 61.73
C GLU B 288 3.98 -9.19 61.53
N HIS B 289 3.92 -10.42 61.02
CA HIS B 289 2.64 -11.08 60.75
C HIS B 289 2.58 -12.45 61.44
N PRO B 290 2.14 -12.48 62.72
CA PRO B 290 1.94 -13.78 63.38
C PRO B 290 0.74 -14.55 62.83
N GLU B 291 -0.12 -13.86 62.08
CA GLU B 291 -1.31 -14.47 61.47
C GLU B 291 -1.02 -15.16 60.13
N TRP B 292 0.16 -14.90 59.57
CA TRP B 292 0.57 -15.49 58.29
C TRP B 292 0.95 -16.96 58.41
N GLY B 293 0.68 -17.72 57.36
CA GLY B 293 1.08 -19.12 57.30
C GLY B 293 2.42 -19.30 56.61
N ASP B 294 2.89 -20.56 56.58
CA ASP B 294 4.19 -20.89 55.98
C ASP B 294 4.32 -20.42 54.53
N GLU B 295 3.30 -20.67 53.71
CA GLU B 295 3.36 -20.38 52.28
C GLU B 295 3.57 -18.90 51.99
N GLN B 296 2.78 -18.03 52.61
CA GLN B 296 2.90 -16.58 52.40
C GLN B 296 4.21 -16.02 52.94
N LEU B 297 4.71 -16.60 54.04
CA LEU B 297 5.99 -16.19 54.60
C LEU B 297 7.14 -16.49 53.64
N PHE B 298 7.10 -17.67 53.02
CA PHE B 298 8.11 -18.06 52.02
C PHE B 298 8.08 -17.17 50.77
N GLN B 299 6.88 -16.96 50.23
CA GLN B 299 6.71 -16.22 48.97
C GLN B 299 7.07 -14.74 49.11
N THR B 300 6.70 -14.15 50.23
CA THR B 300 7.00 -12.74 50.51
C THR B 300 8.50 -12.55 50.74
N SER B 301 9.12 -13.50 51.46
CA SER B 301 10.57 -13.51 51.68
C SER B 301 11.34 -13.59 50.36
N ARG B 302 10.86 -14.44 49.45
CA ARG B 302 11.45 -14.57 48.13
C ARG B 302 11.42 -13.25 47.35
N LEU B 303 10.28 -12.56 47.41
CA LEU B 303 10.11 -11.27 46.75
C LEU B 303 11.04 -10.20 47.31
N ILE B 304 11.22 -10.21 48.64
CA ILE B 304 12.13 -9.30 49.33
C ILE B 304 13.58 -9.53 48.88
N LEU B 305 13.98 -10.81 48.85
CA LEU B 305 15.33 -11.19 48.43
C LEU B 305 15.64 -10.85 46.96
N ILE B 306 14.64 -10.97 46.09
CA ILE B 306 14.75 -10.53 44.70
C ILE B 306 15.04 -9.03 44.66
N GLY B 307 14.25 -8.26 45.41
CA GLY B 307 14.47 -6.82 45.58
C GLY B 307 15.85 -6.51 46.10
N GLU B 308 16.29 -7.26 47.13
CA GLU B 308 17.62 -7.11 47.71
C GLU B 308 18.72 -7.36 46.70
N THR B 309 18.56 -8.42 45.90
CA THR B 309 19.54 -8.80 44.89
C THR B 309 19.75 -7.67 43.86
N ILE B 310 18.65 -7.15 43.31
CA ILE B 310 18.71 -6.08 42.31
C ILE B 310 19.31 -4.80 42.90
N LYS B 311 18.93 -4.48 44.14
CA LYS B 311 19.49 -3.34 44.86
C LYS B 311 21.01 -3.45 45.02
N ILE B 312 21.47 -4.60 45.48
CA ILE B 312 22.90 -4.87 45.69
C ILE B 312 23.66 -4.88 44.36
N VAL B 313 23.10 -5.57 43.36
CA VAL B 313 23.71 -5.63 42.02
C VAL B 313 23.92 -4.23 41.41
N ILE B 314 22.91 -3.37 41.52
CA ILE B 314 23.01 -2.01 40.97
C ILE B 314 23.93 -1.11 41.79
N GLU B 315 23.69 -1.03 43.10
CA GLU B 315 24.32 -0.01 43.95
C GLU B 315 25.68 -0.38 44.55
N ASP B 316 26.07 -1.65 44.43
CA ASP B 316 27.37 -2.10 44.93
C ASP B 316 28.20 -2.78 43.85
N TYR B 317 27.60 -3.73 43.14
CA TYR B 317 28.27 -4.56 42.16
C TYR B 317 28.58 -3.79 40.87
N VAL B 318 27.54 -3.27 40.23
CA VAL B 318 27.66 -2.48 39.00
C VAL B 318 28.34 -1.14 39.29
N GLN B 319 28.07 -0.59 40.47
CA GLN B 319 28.70 0.65 40.93
C GLN B 319 30.22 0.55 40.92
N HIS B 320 30.74 -0.53 41.51
CA HIS B 320 32.17 -0.80 41.52
C HIS B 320 32.69 -1.13 40.11
N LEU B 321 31.85 -1.82 39.34
CA LEU B 321 32.21 -2.30 38.01
C LEU B 321 32.36 -1.18 37.00
N SER B 322 31.44 -0.21 37.06
CA SER B 322 31.46 0.94 36.16
C SER B 322 32.67 1.84 36.43
N GLY B 323 33.02 1.98 37.70
CA GLY B 323 34.11 2.86 38.13
C GLY B 323 33.74 4.32 38.07
N TYR B 324 32.44 4.62 38.07
CA TYR B 324 31.96 6.00 38.00
C TYR B 324 31.98 6.67 39.37
N HIS B 325 32.10 7.99 39.36
CA HIS B 325 31.99 8.80 40.56
C HIS B 325 30.52 9.12 40.86
N PHE B 326 29.68 9.00 39.83
CA PHE B 326 28.24 9.16 39.96
C PHE B 326 27.66 7.98 40.76
N LYS B 327 26.80 8.30 41.72
CA LYS B 327 26.16 7.30 42.57
C LYS B 327 24.90 6.76 41.89
N LEU B 328 24.98 5.51 41.44
CA LEU B 328 23.85 4.84 40.82
C LEU B 328 22.74 4.57 41.83
N LYS B 329 21.50 4.50 41.35
CA LYS B 329 20.35 4.29 42.21
C LYS B 329 19.42 3.21 41.68
N PHE B 330 19.01 2.29 42.56
CA PHE B 330 17.93 1.37 42.25
C PHE B 330 16.62 2.01 42.68
N ASP B 331 15.86 2.48 41.70
CA ASP B 331 14.56 3.08 41.93
C ASP B 331 13.64 2.83 40.73
N PRO B 332 12.70 1.87 40.88
CA PRO B 332 11.72 1.55 39.85
C PRO B 332 10.79 2.73 39.52
N GLU B 333 10.60 3.64 40.48
CA GLU B 333 9.76 4.81 40.28
C GLU B 333 10.26 5.72 39.16
N LEU B 334 11.54 5.60 38.82
CA LEU B 334 12.16 6.39 37.75
C LEU B 334 11.62 6.06 36.36
N LEU B 335 11.11 4.84 36.20
CA LEU B 335 10.62 4.38 34.91
C LEU B 335 9.09 4.47 34.75
N PHE B 336 8.41 4.95 35.80
CA PHE B 336 6.94 4.97 35.82
C PHE B 336 6.30 5.93 34.82
N ASN B 337 6.99 7.03 34.51
CA ASN B 337 6.51 7.97 33.50
C ASN B 337 7.20 7.75 32.14
N GLN B 338 7.85 6.60 32.01
CA GLN B 338 8.68 6.30 30.83
C GLN B 338 8.22 5.02 30.14
N GLN B 339 8.42 4.96 28.83
CA GLN B 339 8.15 3.73 28.07
C GLN B 339 9.18 2.67 28.40
N PHE B 340 8.72 1.56 28.97
CA PHE B 340 9.59 0.46 29.37
C PHE B 340 8.81 -0.85 29.44
N GLN B 341 9.42 -1.91 28.93
CA GLN B 341 8.80 -3.23 28.93
C GLN B 341 9.27 -4.04 30.13
N TYR B 342 8.34 -4.41 30.99
CA TYR B 342 8.65 -5.23 32.16
C TYR B 342 8.66 -6.71 31.80
N GLN B 343 9.64 -7.08 30.98
CA GLN B 343 9.89 -8.45 30.57
C GLN B 343 11.34 -8.54 30.08
N ASN B 344 11.90 -9.75 30.10
CA ASN B 344 13.28 -9.96 29.66
C ASN B 344 13.50 -11.36 29.09
N ARG B 345 14.40 -11.45 28.10
CA ARG B 345 14.84 -12.72 27.57
C ARG B 345 16.37 -12.72 27.54
N ILE B 346 16.99 -13.72 28.16
CA ILE B 346 18.44 -13.80 28.25
C ILE B 346 19.09 -14.07 26.89
N ALA B 347 19.97 -13.17 26.49
CA ALA B 347 20.67 -13.27 25.21
C ALA B 347 21.92 -14.14 25.29
N SER B 348 22.18 -14.88 24.22
CA SER B 348 23.35 -15.75 24.11
C SER B 348 24.66 -14.97 24.17
N GLU B 349 24.66 -13.76 23.58
CA GLU B 349 25.83 -12.89 23.57
C GLU B 349 26.16 -12.37 24.97
N PHE B 350 25.12 -12.14 25.77
CA PHE B 350 25.27 -11.75 27.18
C PHE B 350 25.93 -12.86 27.98
N ASN B 351 25.55 -14.11 27.69
CA ASN B 351 26.20 -15.30 28.25
C ASN B 351 27.69 -15.31 27.89
N THR B 352 27.97 -15.19 26.59
CA THR B 352 29.33 -15.23 26.06
C THR B 352 30.26 -14.16 26.65
N LEU B 353 29.80 -12.92 26.69
CA LEU B 353 30.61 -11.81 27.20
C LEU B 353 30.91 -11.93 28.69
N TYR B 354 30.07 -12.68 29.40
CA TYR B 354 30.15 -12.80 30.85
C TYR B 354 31.07 -13.93 31.33
N HIS B 355 31.75 -14.59 30.40
CA HIS B 355 32.73 -15.61 30.74
C HIS B 355 34.01 -14.94 31.26
N TRP B 356 33.95 -14.46 32.49
CA TRP B 356 35.04 -13.67 33.07
C TRP B 356 36.02 -14.53 33.85
N HIS B 357 36.55 -15.56 33.20
CA HIS B 357 37.51 -16.46 33.82
C HIS B 357 38.90 -15.85 34.09
N PRO B 358 39.28 -14.79 33.33
CA PRO B 358 40.47 -14.02 33.69
C PRO B 358 40.45 -13.45 35.12
N LEU B 359 39.27 -13.30 35.71
CA LEU B 359 39.14 -12.86 37.10
C LEU B 359 39.80 -13.81 38.09
N LEU B 360 39.84 -15.09 37.74
CA LEU B 360 40.38 -16.13 38.62
C LEU B 360 41.89 -16.04 38.80
N PRO B 361 42.35 -16.14 40.06
CA PRO B 361 43.78 -16.08 40.39
C PRO B 361 44.48 -17.41 40.16
N ASP B 362 45.79 -17.45 40.38
CA ASP B 362 46.57 -18.68 40.27
C ASP B 362 46.24 -19.64 41.40
N THR B 363 46.17 -19.11 42.63
CA THR B 363 45.79 -19.86 43.81
C THR B 363 44.72 -19.11 44.59
N PHE B 364 43.89 -19.85 45.34
CA PHE B 364 42.85 -19.26 46.16
C PHE B 364 43.35 -19.12 47.60
N ASN B 365 43.53 -17.88 48.04
CA ASN B 365 44.16 -17.58 49.33
C ASN B 365 43.16 -17.38 50.46
N ILE B 366 43.04 -18.38 51.34
CA ILE B 366 42.16 -18.31 52.50
C ILE B 366 42.96 -18.49 53.79
N GLU B 367 42.92 -17.47 54.64
CA GLU B 367 43.68 -17.44 55.90
C GLU B 367 45.19 -17.55 55.65
N ASP B 368 45.79 -18.65 56.09
CA ASP B 368 47.22 -18.89 55.92
C ASP B 368 47.53 -19.76 54.71
N GLN B 369 46.48 -20.35 54.14
CA GLN B 369 46.63 -21.35 53.08
C GLN B 369 46.43 -20.80 51.67
N GLU B 370 47.11 -21.42 50.72
CA GLU B 370 46.92 -21.13 49.29
C GLU B 370 46.49 -22.43 48.60
N TYR B 371 45.31 -22.41 47.99
CA TYR B 371 44.76 -23.60 47.35
C TYR B 371 44.81 -23.52 45.84
N SER B 372 45.35 -24.57 45.22
CA SER B 372 45.34 -24.71 43.77
C SER B 372 43.95 -25.09 43.28
N PHE B 373 43.74 -25.00 41.97
CA PHE B 373 42.44 -25.34 41.36
C PHE B 373 41.96 -26.75 41.70
N LYS B 374 42.87 -27.73 41.63
CA LYS B 374 42.55 -29.12 41.96
C LYS B 374 42.19 -29.27 43.44
N GLN B 375 42.87 -28.50 44.30
CA GLN B 375 42.61 -28.51 45.74
C GLN B 375 41.32 -27.77 46.10
N PHE B 376 41.01 -26.73 45.34
CA PHE B 376 39.88 -25.85 45.64
C PHE B 376 38.55 -26.41 45.15
N LEU B 377 38.51 -26.85 43.89
CA LEU B 377 37.28 -27.36 43.27
C LEU B 377 36.70 -28.56 43.99
N TYR B 378 35.37 -28.68 43.93
CA TYR B 378 34.57 -29.74 44.58
C TYR B 378 34.84 -29.97 46.09
N ASN B 379 35.66 -29.11 46.68
CA ASN B 379 36.15 -29.31 48.04
C ASN B 379 35.51 -28.36 49.06
N ASN B 380 34.31 -28.71 49.50
CA ASN B 380 33.57 -27.91 50.49
C ASN B 380 34.09 -28.02 51.93
N SER B 381 35.06 -28.92 52.14
CA SER B 381 35.73 -29.05 53.43
C SER B 381 36.46 -27.77 53.82
N ILE B 382 36.95 -27.07 52.80
CA ILE B 382 37.63 -25.78 52.97
C ILE B 382 36.71 -24.76 53.63
N LEU B 383 35.43 -24.77 53.22
CA LEU B 383 34.41 -23.89 53.79
C LEU B 383 34.16 -24.20 55.27
N LEU B 384 34.07 -25.49 55.60
CA LEU B 384 33.84 -25.91 56.98
C LEU B 384 35.06 -25.71 57.87
N GLU B 385 36.25 -25.87 57.30
CA GLU B 385 37.50 -25.71 58.03
C GLU B 385 37.72 -24.26 58.47
N HIS B 386 37.66 -23.33 57.51
CA HIS B 386 37.94 -21.93 57.76
C HIS B 386 36.70 -21.17 58.29
N GLY B 387 35.54 -21.49 57.74
CA GLY B 387 34.29 -20.82 58.11
C GLY B 387 33.97 -19.67 57.18
N LEU B 388 32.75 -19.15 57.32
CA LEU B 388 32.26 -18.03 56.49
C LEU B 388 32.97 -16.71 56.78
N THR B 389 33.21 -16.44 58.06
CA THR B 389 33.89 -15.22 58.49
C THR B 389 35.26 -15.09 57.85
N GLN B 390 36.05 -16.17 57.88
CA GLN B 390 37.38 -16.20 57.30
C GLN B 390 37.36 -16.15 55.78
N PHE B 391 36.32 -16.74 55.18
CA PHE B 391 36.11 -16.67 53.73
C PHE B 391 35.88 -15.24 53.27
N VAL B 392 35.04 -14.51 53.99
CA VAL B 392 34.74 -13.11 53.70
C VAL B 392 35.99 -12.25 53.86
N GLU B 393 36.68 -12.39 54.99
CA GLU B 393 37.89 -11.62 55.30
C GLU B 393 38.99 -11.84 54.27
N SER B 394 39.21 -13.09 53.88
CA SER B 394 40.27 -13.45 52.93
C SER B 394 39.97 -13.01 51.50
N PHE B 395 38.73 -13.26 51.05
CA PHE B 395 38.33 -12.94 49.68
C PHE B 395 38.12 -11.45 49.43
N THR B 396 37.95 -10.67 50.50
CA THR B 396 37.89 -9.22 50.42
C THR B 396 39.28 -8.64 50.16
N ARG B 397 40.30 -9.33 50.67
CA ARG B 397 41.69 -8.89 50.52
C ARG B 397 42.34 -9.35 49.21
N GLN B 398 41.95 -10.53 48.72
CA GLN B 398 42.60 -11.12 47.54
C GLN B 398 42.16 -10.46 46.24
N ILE B 399 43.13 -9.91 45.51
CA ILE B 399 42.90 -9.24 44.23
C ILE B 399 42.54 -10.25 43.13
N ALA B 400 41.55 -9.89 42.31
CA ALA B 400 41.16 -10.68 41.15
C ALA B 400 41.90 -10.20 39.90
N GLY B 401 41.85 -11.00 38.84
CA GLY B 401 42.56 -10.70 37.60
C GLY B 401 41.84 -9.75 36.67
N ARG B 402 42.61 -9.05 35.83
CA ARG B 402 42.06 -8.16 34.81
C ARG B 402 41.49 -8.98 33.66
N VAL B 403 40.30 -8.59 33.19
CA VAL B 403 39.60 -9.34 32.15
C VAL B 403 40.05 -8.93 30.75
N ALA B 404 40.01 -7.63 30.47
CA ALA B 404 40.52 -7.08 29.21
C ALA B 404 42.04 -6.91 29.31
N GLY B 405 42.68 -6.62 28.17
CA GLY B 405 44.12 -6.39 28.13
C GLY B 405 44.92 -7.57 27.59
N GLY B 406 44.29 -8.74 27.56
CA GLY B 406 44.90 -9.93 26.96
C GLY B 406 45.69 -10.80 27.92
N ARG B 407 45.88 -12.06 27.52
CA ARG B 407 46.77 -13.01 28.19
C ARG B 407 46.60 -13.10 29.71
N ASN B 408 45.40 -13.43 30.16
CA ASN B 408 45.13 -13.54 31.59
C ASN B 408 44.18 -14.69 31.97
N VAL B 409 43.90 -15.57 31.02
CA VAL B 409 43.08 -16.75 31.26
C VAL B 409 43.92 -17.86 31.90
N PRO B 410 43.53 -18.31 33.10
CA PRO B 410 44.22 -19.40 33.79
C PRO B 410 44.28 -20.68 32.95
N ILE B 411 45.41 -21.37 33.02
CA ILE B 411 45.65 -22.59 32.25
C ILE B 411 44.75 -23.74 32.74
N ALA B 412 44.42 -23.73 34.02
CA ALA B 412 43.53 -24.73 34.63
C ALA B 412 42.11 -24.64 34.06
N VAL B 413 41.80 -23.51 33.43
CA VAL B 413 40.48 -23.24 32.85
C VAL B 413 40.59 -23.00 31.34
N GLN B 414 41.57 -23.63 30.70
CA GLN B 414 41.83 -23.43 29.27
C GLN B 414 40.75 -24.03 28.36
N ALA B 415 40.23 -25.19 28.76
CA ALA B 415 39.20 -25.89 27.99
C ALA B 415 37.89 -25.10 27.92
N VAL B 416 37.58 -24.37 28.98
CA VAL B 416 36.38 -23.54 29.04
C VAL B 416 36.49 -22.33 28.10
N ALA B 417 37.67 -21.71 28.06
CA ALA B 417 37.93 -20.58 27.17
C ALA B 417 37.98 -21.01 25.70
N LYS B 418 38.46 -22.22 25.46
CA LYS B 418 38.45 -22.82 24.13
C LYS B 418 37.02 -23.14 23.70
N ALA B 419 36.20 -23.59 24.65
CA ALA B 419 34.79 -23.90 24.41
C ALA B 419 33.99 -22.65 24.04
N SER B 420 34.31 -21.54 24.67
CA SER B 420 33.65 -20.26 24.38
C SER B 420 33.86 -19.83 22.92
N ILE B 421 35.06 -20.08 22.41
CA ILE B 421 35.38 -19.81 21.00
C ILE B 421 34.68 -20.81 20.07
N ASP B 422 34.80 -22.09 20.39
CA ASP B 422 34.22 -23.16 19.57
C ASP B 422 32.69 -23.13 19.51
N GLN B 423 32.06 -22.84 20.64
CA GLN B 423 30.59 -22.80 20.71
C GLN B 423 29.99 -21.54 20.10
N SER B 424 30.74 -20.45 20.13
CA SER B 424 30.35 -19.22 19.43
C SER B 424 30.30 -19.46 17.93
N ARG B 425 31.25 -20.24 17.42
CA ARG B 425 31.32 -20.63 16.01
C ARG B 425 30.20 -21.61 15.65
N GLU B 426 29.87 -22.49 16.60
CA GLU B 426 28.78 -23.45 16.46
C GLU B 426 27.44 -22.73 16.35
N MET B 427 27.28 -21.65 17.11
CA MET B 427 26.06 -20.85 17.11
C MET B 427 26.06 -19.78 16.01
N LYS B 428 27.08 -19.81 15.16
CA LYS B 428 27.23 -18.92 14.00
C LYS B 428 27.15 -17.43 14.36
N TYR B 429 27.99 -17.03 15.31
CA TYR B 429 28.10 -15.62 15.72
C TYR B 429 28.65 -14.76 14.60
N GLN B 430 28.11 -13.55 14.47
CA GLN B 430 28.67 -12.54 13.58
C GLN B 430 29.94 -11.96 14.21
N SER B 431 30.71 -11.21 13.41
CA SER B 431 32.02 -10.68 13.83
C SER B 431 31.92 -9.62 14.92
N LEU B 432 33.05 -9.32 15.53
CA LEU B 432 33.16 -8.26 16.55
C LEU B 432 32.63 -6.92 16.04
N ASN B 433 33.05 -6.54 14.84
CA ASN B 433 32.65 -5.26 14.24
C ASN B 433 31.17 -5.13 13.97
N GLU B 434 30.52 -6.26 13.64
CA GLU B 434 29.07 -6.31 13.47
C GLU B 434 28.35 -6.07 14.80
N TYR B 435 28.87 -6.65 15.88
CA TYR B 435 28.31 -6.46 17.21
C TYR B 435 28.55 -5.05 17.74
N ARG B 436 29.71 -4.48 17.41
CA ARG B 436 30.03 -3.09 17.74
C ARG B 436 29.08 -2.13 17.02
N LYS B 437 28.84 -2.39 15.74
CA LYS B 437 27.88 -1.61 14.95
C LYS B 437 26.45 -1.73 15.49
N ARG B 438 26.11 -2.91 15.99
CA ARG B 438 24.81 -3.17 16.61
C ARG B 438 24.57 -2.36 17.88
N PHE B 439 25.64 -2.08 18.63
CA PHE B 439 25.54 -1.31 19.87
C PHE B 439 26.14 0.10 19.76
N SER B 440 25.96 0.72 18.60
CA SER B 440 26.35 2.11 18.33
C SER B 440 27.84 2.42 18.55
N LEU B 441 28.71 1.52 18.07
CA LEU B 441 30.15 1.70 18.21
C LEU B 441 30.82 1.71 16.84
N LYS B 442 31.92 2.46 16.75
CA LYS B 442 32.75 2.51 15.54
C LYS B 442 33.52 1.20 15.41
N PRO B 443 33.48 0.58 14.21
CA PRO B 443 34.24 -0.66 13.98
C PRO B 443 35.74 -0.38 14.01
N TYR B 444 36.51 -1.34 14.54
CA TYR B 444 37.97 -1.22 14.56
C TYR B 444 38.54 -1.31 13.16
N THR B 445 39.52 -0.45 12.89
CA THR B 445 40.16 -0.38 11.57
C THR B 445 41.41 -1.27 11.48
N SER B 446 41.92 -1.67 12.65
CA SER B 446 43.11 -2.51 12.74
C SER B 446 43.12 -3.30 14.04
N PHE B 447 43.96 -4.33 14.10
CA PHE B 447 44.14 -5.13 15.32
C PHE B 447 44.90 -4.35 16.39
N GLU B 448 45.73 -3.41 15.96
CA GLU B 448 46.49 -2.53 16.86
C GLU B 448 45.57 -1.55 17.59
N GLU B 449 44.51 -1.12 16.91
CA GLU B 449 43.51 -0.23 17.50
C GLU B 449 42.67 -0.97 18.54
N LEU B 450 42.44 -2.26 18.30
CA LEU B 450 41.70 -3.12 19.21
C LEU B 450 42.44 -3.35 20.53
N THR B 451 43.73 -3.69 20.42
CA THR B 451 44.54 -4.06 21.58
C THR B 451 45.23 -2.88 22.25
N GLY B 452 45.49 -1.84 21.46
CA GLY B 452 46.28 -0.68 21.92
C GLY B 452 47.73 -1.07 22.14
N GLU B 453 48.16 -2.10 21.41
CA GLU B 453 49.43 -2.77 21.64
C GLU B 453 49.92 -3.38 20.32
N LYS B 454 51.20 -3.78 20.28
CA LYS B 454 51.84 -4.20 19.03
C LYS B 454 52.05 -5.71 18.87
N GLU B 455 52.36 -6.39 19.97
CA GLU B 455 52.72 -7.81 19.93
C GLU B 455 51.53 -8.74 19.64
N MET B 456 50.51 -8.70 20.49
CA MET B 456 49.31 -9.52 20.34
C MET B 456 48.56 -9.21 19.05
N ALA B 457 48.56 -7.93 18.67
CA ALA B 457 47.91 -7.46 17.46
C ALA B 457 48.51 -8.10 16.20
N ALA B 458 49.83 -8.26 16.20
CA ALA B 458 50.54 -8.89 15.09
C ALA B 458 50.26 -10.40 15.03
N GLU B 459 50.07 -11.02 16.19
CA GLU B 459 49.74 -12.43 16.27
C GLU B 459 48.31 -12.70 15.78
N LEU B 460 47.40 -11.77 16.10
CA LEU B 460 46.02 -11.83 15.64
C LEU B 460 45.91 -11.47 14.15
N LYS B 461 46.86 -10.68 13.66
CA LYS B 461 46.94 -10.30 12.25
C LYS B 461 47.23 -11.51 11.37
N ALA B 462 48.11 -12.40 11.85
CA ALA B 462 48.51 -13.60 11.12
C ALA B 462 47.43 -14.68 11.12
N LEU B 463 46.60 -14.70 12.17
CA LEU B 463 45.56 -15.71 12.33
C LEU B 463 44.27 -15.36 11.59
N TYR B 464 43.78 -14.13 11.80
CA TYR B 464 42.49 -13.70 11.26
C TYR B 464 42.57 -13.00 9.90
N SER B 465 43.74 -12.42 9.61
CA SER B 465 44.00 -11.68 8.36
C SER B 465 43.27 -10.33 8.28
N ASP B 466 41.97 -10.34 8.55
CA ASP B 466 41.14 -9.14 8.48
C ASP B 466 40.48 -8.84 9.82
N ILE B 467 40.39 -7.55 10.15
CA ILE B 467 39.78 -7.09 11.39
C ILE B 467 38.25 -7.27 11.40
N ASP B 468 37.65 -7.27 10.21
CA ASP B 468 36.21 -7.47 10.05
C ASP B 468 35.80 -8.94 10.17
N VAL B 469 36.77 -9.81 10.46
CA VAL B 469 36.54 -11.24 10.64
C VAL B 469 36.85 -11.67 12.08
N MET B 470 37.33 -10.71 12.88
CA MET B 470 37.67 -10.95 14.29
C MET B 470 36.44 -11.37 15.09
N GLU B 471 36.61 -12.42 15.90
CA GLU B 471 35.51 -12.97 16.70
C GLU B 471 35.28 -12.16 17.97
N LEU B 472 34.02 -12.13 18.43
CA LEU B 472 33.60 -11.29 19.56
C LEU B 472 34.25 -11.69 20.90
N TYR B 473 34.21 -12.97 21.25
CA TYR B 473 34.70 -13.42 22.55
C TYR B 473 36.20 -13.16 22.79
N PRO B 474 37.08 -13.64 21.89
CA PRO B 474 38.51 -13.39 22.12
C PRO B 474 38.89 -11.91 22.08
N ALA B 475 38.14 -11.11 21.32
CA ALA B 475 38.37 -9.67 21.23
C ALA B 475 38.09 -8.96 22.56
N LEU B 476 37.08 -9.44 23.28
CA LEU B 476 36.68 -8.86 24.57
C LEU B 476 37.78 -9.00 25.64
N LEU B 477 38.50 -10.12 25.58
CA LEU B 477 39.56 -10.40 26.56
C LEU B 477 40.89 -9.75 26.21
N VAL B 478 41.09 -9.45 24.92
CA VAL B 478 42.35 -8.87 24.43
C VAL B 478 42.23 -7.35 24.20
N GLU B 479 40.99 -6.85 24.18
CA GLU B 479 40.69 -5.43 23.92
C GLU B 479 41.43 -4.49 24.86
N LYS B 480 41.84 -3.35 24.31
CA LYS B 480 42.45 -2.27 25.08
C LYS B 480 41.49 -1.81 26.18
N PRO B 481 41.91 -1.95 27.45
CA PRO B 481 41.07 -1.50 28.55
C PRO B 481 41.12 0.01 28.71
N ARG B 482 40.11 0.56 29.38
CA ARG B 482 40.10 1.97 29.76
C ARG B 482 41.18 2.24 30.80
N PRO B 483 41.68 3.49 30.89
CA PRO B 483 42.73 3.83 31.85
C PRO B 483 42.50 3.25 33.24
N ASP B 484 43.38 2.33 33.63
CA ASP B 484 43.32 1.62 34.92
C ASP B 484 41.95 0.98 35.20
N ALA B 485 41.36 0.39 34.16
CA ALA B 485 40.05 -0.25 34.28
C ALA B 485 40.12 -1.75 33.96
N ILE B 486 39.08 -2.48 34.35
CA ILE B 486 38.99 -3.92 34.16
C ILE B 486 38.57 -4.31 32.74
N PHE B 487 37.71 -3.50 32.13
CA PHE B 487 37.14 -3.80 30.82
C PHE B 487 37.49 -2.76 29.75
N GLY B 488 37.36 -3.16 28.49
CA GLY B 488 37.45 -2.25 27.37
C GLY B 488 36.09 -1.70 27.00
N GLU B 489 36.03 -1.00 25.87
CA GLU B 489 34.81 -0.34 25.40
C GLU B 489 33.67 -1.33 25.08
N THR B 490 33.99 -2.37 24.31
CA THR B 490 32.99 -3.33 23.84
C THR B 490 32.25 -4.04 24.99
N MET B 491 32.99 -4.43 26.02
CA MET B 491 32.40 -5.11 27.17
C MET B 491 31.37 -4.24 27.90
N VAL B 492 31.72 -2.99 28.13
CA VAL B 492 30.82 -2.04 28.82
C VAL B 492 29.60 -1.72 27.96
N GLU B 493 29.80 -1.56 26.66
CA GLU B 493 28.74 -1.14 25.75
C GLU B 493 27.79 -2.26 25.31
N LEU B 494 28.25 -3.51 25.40
CA LEU B 494 27.35 -4.64 25.19
C LEU B 494 26.71 -5.06 26.50
N GLY B 495 27.52 -5.09 27.56
CA GLY B 495 27.11 -5.59 28.86
C GLY B 495 26.07 -4.76 29.60
N ALA B 496 26.20 -3.43 29.50
CA ALA B 496 25.28 -2.51 30.19
C ALA B 496 23.82 -2.59 29.73
N PRO B 497 23.57 -2.64 28.40
CA PRO B 497 22.20 -2.83 27.92
C PRO B 497 21.56 -4.15 28.39
N PHE B 498 22.29 -5.26 28.25
CA PHE B 498 21.78 -6.56 28.69
C PHE B 498 21.53 -6.60 30.20
N SER B 499 22.47 -6.08 30.97
CA SER B 499 22.42 -6.11 32.43
C SER B 499 21.24 -5.30 33.00
N LEU B 500 21.18 -4.01 32.66
CA LEU B 500 20.18 -3.11 33.22
C LEU B 500 18.75 -3.46 32.80
N LYS B 501 18.60 -3.94 31.57
CA LYS B 501 17.31 -4.40 31.07
C LYS B 501 16.83 -5.61 31.87
N GLY B 502 17.73 -6.55 32.14
CA GLY B 502 17.42 -7.76 32.90
C GLY B 502 17.15 -7.50 34.37
N LEU B 503 17.65 -6.38 34.89
CA LEU B 503 17.44 -6.00 36.28
C LEU B 503 16.13 -5.26 36.48
N MET B 504 15.87 -4.29 35.60
CA MET B 504 14.67 -3.45 35.70
C MET B 504 13.43 -4.08 35.05
N GLY B 505 13.66 -5.03 34.15
CA GLY B 505 12.57 -5.73 33.47
C GLY B 505 11.86 -6.76 34.35
N ASN B 506 12.32 -6.89 35.58
CA ASN B 506 11.71 -7.78 36.57
C ASN B 506 10.33 -7.23 36.99
N PRO B 507 9.35 -8.13 37.19
CA PRO B 507 8.00 -7.74 37.61
C PRO B 507 7.93 -6.95 38.93
N ILE B 508 8.85 -7.20 39.86
CA ILE B 508 8.85 -6.45 41.13
C ILE B 508 9.15 -4.95 40.93
N CYS B 509 9.64 -4.60 39.74
CA CYS B 509 9.92 -3.21 39.39
C CYS B 509 8.76 -2.50 38.71
N SER B 510 7.71 -3.26 38.38
CA SER B 510 6.50 -2.70 37.75
C SER B 510 5.64 -1.96 38.77
N PRO B 511 4.80 -1.01 38.30
CA PRO B 511 3.96 -0.18 39.17
C PRO B 511 3.06 -0.94 40.14
N GLN B 512 2.44 -2.03 39.69
CA GLN B 512 1.52 -2.80 40.53
C GLN B 512 2.22 -3.68 41.57
N TYR B 513 3.52 -3.90 41.39
CA TYR B 513 4.32 -4.66 42.35
C TYR B 513 5.10 -3.78 43.31
N TRP B 514 5.61 -2.65 42.83
CA TRP B 514 6.49 -1.81 43.64
C TRP B 514 5.71 -0.98 44.67
N LYS B 515 5.31 -1.67 45.73
CA LYS B 515 4.56 -1.06 46.84
C LYS B 515 4.74 -1.91 48.11
N PRO B 516 4.67 -1.28 49.30
CA PRO B 516 4.99 -1.95 50.57
C PRO B 516 4.21 -3.26 50.82
N SER B 517 2.93 -3.30 50.47
CA SER B 517 2.09 -4.48 50.71
C SER B 517 2.58 -5.74 49.98
N THR B 518 3.25 -5.55 48.85
CA THR B 518 3.85 -6.67 48.10
C THR B 518 4.89 -7.41 48.94
N PHE B 519 5.64 -6.66 49.74
CA PHE B 519 6.74 -7.22 50.51
C PHE B 519 6.43 -7.33 52.01
N GLY B 520 5.14 -7.37 52.33
CA GLY B 520 4.67 -7.58 53.71
C GLY B 520 4.57 -6.32 54.54
N GLY B 521 4.55 -5.17 53.88
CA GLY B 521 4.44 -3.88 54.57
C GLY B 521 5.70 -3.04 54.47
N GLU B 522 5.76 -2.00 55.29
CA GLU B 522 6.89 -1.06 55.28
C GLU B 522 8.20 -1.72 55.69
N VAL B 523 8.12 -2.73 56.56
CA VAL B 523 9.30 -3.41 57.09
C VAL B 523 10.05 -4.18 55.99
N GLY B 524 9.31 -4.88 55.13
CA GLY B 524 9.90 -5.64 54.03
C GLY B 524 10.39 -4.75 52.91
N PHE B 525 9.66 -3.66 52.69
CA PHE B 525 10.02 -2.64 51.70
C PHE B 525 11.34 -1.97 52.09
N LYS B 526 11.51 -1.75 53.40
CA LYS B 526 12.74 -1.15 53.94
C LYS B 526 13.97 -2.06 53.77
N ILE B 527 13.76 -3.37 53.94
CA ILE B 527 14.84 -4.36 53.75
C ILE B 527 15.45 -4.27 52.35
N ILE B 528 14.60 -4.08 51.34
CA ILE B 528 15.05 -3.90 49.96
C ILE B 528 15.80 -2.58 49.76
N ASN B 529 15.16 -1.49 50.19
CA ASN B 529 15.68 -0.14 49.92
C ASN B 529 16.92 0.26 50.71
N THR B 530 17.28 -0.53 51.73
CA THR B 530 18.47 -0.27 52.52
C THR B 530 19.50 -1.41 52.40
N ALA B 531 19.30 -2.28 51.43
CA ALA B 531 20.17 -3.44 51.21
C ALA B 531 21.50 -3.07 50.56
N SER B 532 22.55 -3.76 50.99
CA SER B 532 23.90 -3.60 50.46
C SER B 532 24.66 -4.91 50.64
N ILE B 533 25.81 -5.02 49.96
CA ILE B 533 26.66 -6.20 50.12
C ILE B 533 27.24 -6.28 51.54
N GLN B 534 27.52 -5.12 52.14
CA GLN B 534 28.03 -5.05 53.51
C GLN B 534 27.00 -5.50 54.54
N SER B 535 25.76 -5.03 54.41
CA SER B 535 24.69 -5.37 55.34
C SER B 535 24.21 -6.82 55.17
N LEU B 536 24.32 -7.34 53.96
CA LEU B 536 24.04 -8.75 53.67
C LEU B 536 25.01 -9.64 54.45
N ILE B 537 26.29 -9.25 54.46
CA ILE B 537 27.32 -10.00 55.16
C ILE B 537 27.25 -9.76 56.68
N CYS B 538 26.98 -8.52 57.07
CA CYS B 538 26.91 -8.15 58.49
C CYS B 538 25.81 -8.90 59.25
N ASN B 539 24.66 -9.08 58.60
CA ASN B 539 23.51 -9.74 59.21
C ASN B 539 23.57 -11.27 59.20
N ASN B 540 24.38 -11.83 58.31
CA ASN B 540 24.38 -13.28 58.08
C ASN B 540 25.71 -13.97 58.34
N VAL B 541 26.77 -13.20 58.57
CA VAL B 541 28.10 -13.74 58.83
C VAL B 541 28.53 -13.33 60.24
N LYS B 542 28.98 -14.31 61.03
CA LYS B 542 29.39 -14.10 62.41
C LYS B 542 30.51 -13.07 62.54
N GLY B 543 30.35 -12.15 63.49
CA GLY B 543 31.34 -11.12 63.76
C GLY B 543 31.13 -9.83 62.98
N CYS B 544 30.19 -9.86 62.03
CA CYS B 544 29.96 -8.76 61.08
C CYS B 544 31.29 -8.23 60.50
N PRO B 545 31.96 -9.04 59.67
CA PRO B 545 33.23 -8.58 59.10
C PRO B 545 33.02 -7.53 58.01
N PHE B 546 34.02 -6.68 57.81
CA PHE B 546 33.99 -5.71 56.73
C PHE B 546 34.16 -6.40 55.38
N THR B 547 33.41 -5.94 54.39
CA THR B 547 33.53 -6.42 53.02
C THR B 547 33.14 -5.36 51.99
N SER B 548 33.74 -5.46 50.81
CA SER B 548 33.39 -4.66 49.65
C SER B 548 33.81 -5.42 48.39
N PHE B 549 33.53 -4.85 47.23
CA PHE B 549 33.89 -5.49 45.96
C PHE B 549 35.27 -5.10 45.45
N ASN B 550 36.00 -4.33 46.25
CA ASN B 550 37.37 -3.94 45.91
C ASN B 550 38.34 -4.02 47.09
N VAL B 551 39.63 -4.16 46.78
CA VAL B 551 40.68 -4.25 47.80
C VAL B 551 41.01 -2.88 48.40
N ALA C 1 -25.64 42.60 -27.78
CA ALA C 1 -24.63 43.55 -28.32
C ALA C 1 -23.65 42.88 -29.28
N ASN C 2 -23.41 41.58 -29.06
CA ASN C 2 -22.56 40.78 -29.95
C ASN C 2 -23.20 40.65 -31.33
N PRO C 3 -22.48 41.12 -32.38
CA PRO C 3 -23.01 41.12 -33.76
C PRO C 3 -23.16 39.71 -34.36
N CYS C 4 -22.62 38.69 -33.69
CA CYS C 4 -22.77 37.31 -34.14
C CYS C 4 -23.91 36.57 -33.43
N CYS C 5 -24.77 37.32 -32.74
CA CYS C 5 -25.92 36.75 -32.03
C CYS C 5 -27.00 36.21 -32.97
N SER C 6 -27.12 36.82 -34.15
CA SER C 6 -28.14 36.43 -35.12
C SER C 6 -27.79 35.16 -35.90
N ASN C 7 -26.61 34.59 -35.62
CA ASN C 7 -26.06 33.46 -36.37
C ASN C 7 -26.10 33.71 -37.88
N PRO C 8 -25.41 34.79 -38.34
CA PRO C 8 -25.55 35.24 -39.73
C PRO C 8 -24.84 34.37 -40.77
N CYS C 9 -23.75 33.71 -40.39
CA CYS C 9 -22.98 32.88 -41.32
C CYS C 9 -23.65 31.53 -41.55
N GLN C 10 -23.80 31.18 -42.83
CA GLN C 10 -24.47 29.94 -43.22
C GLN C 10 -23.48 28.91 -43.74
N ASN C 11 -23.94 27.67 -43.84
CA ASN C 11 -23.17 26.56 -44.43
C ASN C 11 -21.81 26.32 -43.80
N ARG C 12 -21.80 26.16 -42.47
CA ARG C 12 -20.58 25.88 -41.68
C ARG C 12 -19.59 27.04 -41.62
N GLY C 13 -20.04 28.22 -42.03
CA GLY C 13 -19.23 29.45 -41.94
C GLY C 13 -19.06 29.88 -40.49
N GLU C 14 -17.94 30.53 -40.20
CA GLU C 14 -17.63 30.96 -38.84
C GLU C 14 -17.75 32.47 -38.67
N CYS C 15 -18.57 32.88 -37.71
CA CYS C 15 -18.76 34.31 -37.42
C CYS C 15 -17.69 34.83 -36.47
N MET C 16 -17.18 36.01 -36.80
CA MET C 16 -16.20 36.70 -35.97
C MET C 16 -16.51 38.19 -35.99
N SER C 17 -16.55 38.79 -34.80
CA SER C 17 -16.80 40.23 -34.68
C SER C 17 -15.58 41.03 -35.13
N THR C 18 -15.82 42.09 -35.90
CA THR C 18 -14.76 43.00 -36.36
C THR C 18 -14.96 44.40 -35.80
N GLY C 19 -15.79 44.49 -34.75
CA GLY C 19 -16.13 45.76 -34.12
C GLY C 19 -17.27 45.54 -33.14
N PHE C 20 -17.80 46.63 -32.59
CA PHE C 20 -18.91 46.54 -31.65
C PHE C 20 -20.22 46.17 -32.34
N ASP C 21 -20.38 46.60 -33.59
CA ASP C 21 -21.62 46.37 -34.34
C ASP C 21 -21.41 45.72 -35.72
N GLN C 22 -20.19 45.21 -35.96
CA GLN C 22 -19.84 44.61 -37.26
C GLN C 22 -19.29 43.20 -37.12
N TYR C 23 -19.57 42.35 -38.11
CA TYR C 23 -19.11 40.96 -38.11
C TYR C 23 -18.44 40.55 -39.42
N LYS C 24 -17.84 39.36 -39.42
CA LYS C 24 -17.18 38.78 -40.59
C LYS C 24 -17.40 37.27 -40.64
N CYS C 25 -17.74 36.76 -41.82
CA CYS C 25 -17.91 35.32 -42.03
C CYS C 25 -16.70 34.72 -42.73
N ASP C 26 -16.16 33.66 -42.14
CA ASP C 26 -15.06 32.89 -42.73
C ASP C 26 -15.63 31.73 -43.54
N CYS C 27 -15.58 31.87 -44.86
CA CYS C 27 -16.16 30.88 -45.77
C CYS C 27 -15.14 29.87 -46.30
N THR C 28 -14.00 29.78 -45.63
CA THR C 28 -12.92 28.85 -46.01
C THR C 28 -13.39 27.39 -46.06
N ARG C 29 -13.23 26.79 -47.23
CA ARG C 29 -13.55 25.36 -47.49
C ARG C 29 -15.01 24.95 -47.26
N THR C 30 -15.92 25.92 -47.33
CA THR C 30 -17.35 25.67 -47.16
C THR C 30 -18.02 25.30 -48.48
N GLY C 31 -17.39 25.70 -49.59
CA GLY C 31 -18.00 25.56 -50.91
C GLY C 31 -18.84 26.77 -51.27
N PHE C 32 -18.87 27.75 -50.37
CA PHE C 32 -19.66 28.95 -50.52
C PHE C 32 -18.79 30.19 -50.35
N TYR C 33 -19.32 31.34 -50.75
CA TYR C 33 -18.68 32.64 -50.52
C TYR C 33 -19.72 33.75 -50.34
N GLY C 34 -19.24 34.98 -50.18
CA GLY C 34 -20.11 36.12 -49.93
C GLY C 34 -20.11 36.53 -48.48
N GLU C 35 -20.94 37.54 -48.15
CA GLU C 35 -21.00 38.11 -46.80
C GLU C 35 -21.44 37.10 -45.73
N ASN C 36 -22.37 36.22 -46.09
CA ASN C 36 -22.91 35.24 -45.14
C ASN C 36 -22.65 33.78 -45.53
N CYS C 37 -21.69 33.57 -46.44
CA CYS C 37 -21.38 32.26 -47.02
C CYS C 37 -22.62 31.57 -47.61
N THR C 38 -23.35 32.29 -48.45
CA THR C 38 -24.58 31.79 -49.06
C THR C 38 -24.48 31.59 -50.58
N THR C 39 -23.62 32.36 -51.22
CA THR C 39 -23.39 32.24 -52.67
C THR C 39 -22.52 31.01 -52.95
N PRO C 40 -23.09 30.00 -53.65
CA PRO C 40 -22.37 28.75 -53.89
C PRO C 40 -21.37 28.81 -55.05
N GLU C 41 -20.30 28.03 -54.94
CA GLU C 41 -19.36 27.85 -56.04
C GLU C 41 -19.97 26.89 -57.07
N PHE C 42 -19.44 26.92 -58.29
CA PHE C 42 -19.98 26.10 -59.39
C PHE C 42 -20.10 24.60 -59.04
N LEU C 43 -19.06 24.06 -58.40
CA LEU C 43 -19.05 22.65 -58.01
C LEU C 43 -20.09 22.34 -56.94
N THR C 44 -20.40 23.34 -56.11
CA THR C 44 -21.34 23.18 -54.99
C THR C 44 -22.79 23.05 -55.45
N ARG C 45 -23.20 23.91 -56.39
CA ARG C 45 -24.58 23.89 -56.90
C ARG C 45 -24.90 22.65 -57.74
N ILE C 46 -23.86 22.04 -58.33
CA ILE C 46 -24.01 20.76 -59.01
C ILE C 46 -24.20 19.64 -57.98
N LYS C 47 -23.40 19.67 -56.93
CA LYS C 47 -23.49 18.71 -55.82
C LYS C 47 -24.84 18.79 -55.10
N LEU C 48 -25.34 20.00 -54.88
CA LEU C 48 -26.61 20.21 -54.19
C LEU C 48 -27.83 19.82 -55.03
N LEU C 49 -27.66 19.84 -56.35
CA LEU C 49 -28.73 19.45 -57.27
C LEU C 49 -28.88 17.93 -57.37
N LEU C 50 -27.76 17.22 -57.31
CA LEU C 50 -27.74 15.75 -57.42
C LEU C 50 -27.82 15.05 -56.06
N LYS C 51 -27.78 15.83 -54.99
CA LYS C 51 -27.86 15.30 -53.63
C LYS C 51 -29.31 15.06 -53.21
N PRO C 52 -29.68 13.79 -52.95
CA PRO C 52 -31.04 13.47 -52.53
C PRO C 52 -31.27 13.83 -51.05
N THR C 53 -32.53 14.08 -50.70
CA THR C 53 -32.90 14.39 -49.33
C THR C 53 -32.75 13.15 -48.44
N PRO C 54 -32.49 13.35 -47.12
CA PRO C 54 -32.43 12.25 -46.17
C PRO C 54 -33.67 11.34 -46.21
N ASN C 55 -34.85 11.94 -46.40
CA ASN C 55 -36.10 11.19 -46.52
C ASN C 55 -36.18 10.32 -47.78
N THR C 56 -35.54 10.77 -48.86
CA THR C 56 -35.44 9.99 -50.09
C THR C 56 -34.52 8.79 -49.89
N VAL C 57 -33.34 9.03 -49.31
CA VAL C 57 -32.37 7.98 -49.02
C VAL C 57 -32.97 6.95 -48.06
N HIS C 58 -33.67 7.43 -47.03
CA HIS C 58 -34.36 6.58 -46.06
C HIS C 58 -35.41 5.69 -46.72
N TYR C 59 -36.12 6.23 -47.71
CA TYR C 59 -37.13 5.49 -48.46
C TYR C 59 -36.50 4.31 -49.21
N ILE C 60 -35.40 4.56 -49.90
CA ILE C 60 -34.72 3.53 -50.69
C ILE C 60 -34.15 2.42 -49.80
N LEU C 61 -33.60 2.80 -48.66
CA LEU C 61 -33.01 1.86 -47.70
C LEU C 61 -34.05 1.01 -46.96
N THR C 62 -35.29 1.49 -46.89
CA THR C 62 -36.38 0.80 -46.20
C THR C 62 -37.39 0.16 -47.16
N HIS C 63 -37.08 0.19 -48.45
CA HIS C 63 -37.90 -0.46 -49.48
C HIS C 63 -37.02 -1.32 -50.40
N PHE C 64 -37.66 -1.97 -51.37
CA PHE C 64 -36.97 -2.85 -52.33
C PHE C 64 -36.19 -3.97 -51.63
N LYS C 65 -36.87 -4.70 -50.75
CA LYS C 65 -36.23 -5.75 -49.94
C LYS C 65 -35.56 -6.84 -50.78
N GLY C 66 -36.17 -7.18 -51.91
CA GLY C 66 -35.62 -8.18 -52.83
C GLY C 66 -34.31 -7.76 -53.47
N VAL C 67 -34.17 -6.46 -53.72
CA VAL C 67 -32.95 -5.90 -54.32
C VAL C 67 -31.80 -5.85 -53.31
N TRP C 68 -32.11 -5.38 -52.09
CA TRP C 68 -31.11 -5.33 -51.02
C TRP C 68 -30.61 -6.71 -50.60
N ASN C 69 -31.48 -7.71 -50.70
CA ASN C 69 -31.13 -9.09 -50.40
C ASN C 69 -30.02 -9.62 -51.32
N ILE C 70 -30.07 -9.23 -52.59
CA ILE C 70 -29.04 -9.57 -53.56
C ILE C 70 -27.76 -8.77 -53.28
N VAL C 71 -27.94 -7.47 -53.01
CA VAL C 71 -26.83 -6.56 -52.71
C VAL C 71 -26.03 -7.03 -51.48
N ASN C 72 -26.75 -7.46 -50.44
CA ASN C 72 -26.13 -7.94 -49.19
C ASN C 72 -25.27 -9.18 -49.36
N ASN C 73 -25.57 -9.98 -50.39
CA ASN C 73 -24.81 -11.20 -50.70
C ASN C 73 -23.69 -11.00 -51.71
N ILE C 74 -23.49 -9.75 -52.14
CA ILE C 74 -22.37 -9.39 -53.01
C ILE C 74 -21.38 -8.56 -52.20
N PRO C 75 -20.28 -9.19 -51.74
CA PRO C 75 -19.33 -8.60 -50.78
C PRO C 75 -18.74 -7.25 -51.19
N PHE C 76 -18.39 -7.08 -52.46
CA PHE C 76 -17.77 -5.83 -52.92
C PHE C 76 -18.76 -4.66 -52.91
N LEU C 77 -20.02 -4.95 -53.23
CA LEU C 77 -21.09 -3.95 -53.19
C LEU C 77 -21.43 -3.56 -51.76
N ARG C 78 -21.57 -4.56 -50.89
CA ARG C 78 -21.84 -4.33 -49.46
C ARG C 78 -20.73 -3.48 -48.82
N SER C 79 -19.48 -3.79 -49.17
CA SER C 79 -18.32 -3.03 -48.70
C SER C 79 -18.32 -1.60 -49.22
N LEU C 80 -18.70 -1.43 -50.49
CA LEU C 80 -18.73 -0.11 -51.13
C LEU C 80 -19.77 0.81 -50.50
N ILE C 81 -20.95 0.27 -50.22
CA ILE C 81 -22.04 1.04 -49.60
C ILE C 81 -21.68 1.41 -48.16
N MET C 82 -21.20 0.43 -47.39
CA MET C 82 -20.80 0.65 -46.00
C MET C 82 -19.64 1.64 -45.89
N LYS C 83 -18.76 1.63 -46.87
CA LYS C 83 -17.67 2.60 -46.98
C LYS C 83 -18.23 4.01 -47.06
N TYR C 84 -19.21 4.21 -47.95
CA TYR C 84 -19.81 5.51 -48.18
C TYR C 84 -20.57 6.06 -46.96
N VAL C 85 -21.36 5.22 -46.31
CA VAL C 85 -22.11 5.64 -45.10
C VAL C 85 -21.16 6.08 -43.99
N LEU C 86 -20.06 5.36 -43.80
CA LEU C 86 -19.06 5.70 -42.78
C LEU C 86 -18.36 7.04 -43.06
N THR C 87 -18.00 7.27 -44.33
CA THR C 87 -17.25 8.48 -44.70
C THR C 87 -18.13 9.73 -44.78
N SER C 88 -19.33 9.59 -45.33
CA SER C 88 -20.25 10.72 -45.49
C SER C 88 -20.84 11.21 -44.17
N ARG C 89 -21.05 10.29 -43.22
CA ARG C 89 -21.55 10.66 -41.89
C ARG C 89 -20.47 11.38 -41.07
N SER C 90 -19.27 10.81 -41.06
CA SER C 90 -18.16 11.32 -40.26
C SER C 90 -17.67 12.69 -40.68
N TYR C 91 -17.91 13.05 -41.95
CA TYR C 91 -17.58 14.38 -42.48
C TYR C 91 -18.32 15.50 -41.72
N LEU C 92 -19.47 15.17 -41.16
CA LEU C 92 -20.29 16.14 -40.41
C LEU C 92 -19.71 16.48 -39.03
N ILE C 93 -18.74 15.69 -38.58
CA ILE C 93 -18.15 15.86 -37.25
C ILE C 93 -16.78 16.56 -37.33
N ASP C 94 -16.61 17.59 -36.51
CA ASP C 94 -15.31 18.25 -36.35
C ASP C 94 -14.37 17.38 -35.54
N SER C 95 -13.27 16.97 -36.16
CA SER C 95 -12.26 16.14 -35.51
C SER C 95 -10.88 16.54 -36.04
N PRO C 96 -10.01 17.13 -35.18
CA PRO C 96 -10.12 17.47 -33.75
C PRO C 96 -11.31 18.38 -33.40
N PRO C 97 -11.84 18.23 -32.17
CA PRO C 97 -13.02 18.96 -31.71
C PRO C 97 -12.79 20.46 -31.54
N THR C 98 -13.88 21.23 -31.51
CA THR C 98 -13.81 22.68 -31.49
C THR C 98 -14.39 23.29 -30.21
N TYR C 99 -15.67 23.66 -30.25
CA TYR C 99 -16.30 24.44 -29.20
C TYR C 99 -16.77 23.61 -28.00
N ASN C 100 -17.02 24.29 -26.88
CA ASN C 100 -17.72 23.70 -25.73
C ASN C 100 -18.68 24.71 -25.09
N VAL C 101 -19.18 24.41 -23.89
CA VAL C 101 -20.15 25.27 -23.20
C VAL C 101 -19.63 26.69 -22.91
N HIS C 102 -18.33 26.82 -22.65
CA HIS C 102 -17.74 28.10 -22.28
C HIS C 102 -17.02 28.82 -23.41
N TYR C 103 -16.91 28.17 -24.57
CA TYR C 103 -16.17 28.75 -25.70
C TYR C 103 -16.93 28.68 -27.02
N GLY C 104 -17.35 29.86 -27.50
CA GLY C 104 -18.01 29.99 -28.79
C GLY C 104 -17.02 30.29 -29.90
N TYR C 105 -15.75 30.36 -29.53
CA TYR C 105 -14.63 30.53 -30.46
C TYR C 105 -13.61 29.44 -30.16
N LYS C 106 -12.81 29.07 -31.15
CA LYS C 106 -11.76 28.07 -30.97
C LYS C 106 -10.65 28.59 -30.06
N SER C 107 -10.23 27.73 -29.13
CA SER C 107 -9.18 28.07 -28.16
C SER C 107 -8.48 26.79 -27.71
N TRP C 108 -7.28 26.93 -27.16
CA TRP C 108 -6.55 25.77 -26.66
C TRP C 108 -7.24 25.13 -25.46
N GLU C 109 -7.90 25.96 -24.64
CA GLU C 109 -8.63 25.47 -23.47
C GLU C 109 -9.77 24.54 -23.90
N ALA C 110 -10.50 24.93 -24.94
CA ALA C 110 -11.60 24.13 -25.47
C ALA C 110 -11.11 22.81 -26.05
N PHE C 111 -9.96 22.83 -26.71
CA PHE C 111 -9.39 21.60 -27.26
C PHE C 111 -8.82 20.68 -26.19
N SER C 112 -8.01 21.24 -25.29
CA SER C 112 -7.21 20.45 -24.36
C SER C 112 -7.96 19.91 -23.15
N ASN C 113 -8.93 20.67 -22.65
CA ASN C 113 -9.68 20.27 -21.45
C ASN C 113 -10.68 19.17 -21.74
N LEU C 114 -10.36 17.96 -21.28
CA LEU C 114 -11.15 16.76 -21.56
C LEU C 114 -12.39 16.62 -20.66
N SER C 115 -12.49 17.50 -19.66
CA SER C 115 -13.63 17.49 -18.72
C SER C 115 -14.91 18.05 -19.33
N TYR C 116 -14.78 18.78 -20.44
CA TYR C 116 -15.94 19.32 -21.15
C TYR C 116 -16.50 18.29 -22.13
N TYR C 117 -17.82 18.35 -22.34
CA TYR C 117 -18.41 17.81 -23.56
C TYR C 117 -18.08 18.83 -24.65
N THR C 118 -17.81 18.35 -25.86
CA THR C 118 -17.63 19.26 -26.99
C THR C 118 -19.00 19.72 -27.49
N ARG C 119 -19.01 20.64 -28.46
CA ARG C 119 -20.26 21.16 -29.00
C ARG C 119 -20.25 21.22 -30.53
N ALA C 120 -21.28 20.65 -31.14
CA ALA C 120 -21.44 20.66 -32.60
C ALA C 120 -21.69 22.07 -33.12
N LEU C 121 -22.45 22.85 -32.35
CA LEU C 121 -22.63 24.27 -32.58
C LEU C 121 -22.22 25.07 -31.35
N PRO C 122 -21.60 26.25 -31.54
CA PRO C 122 -21.20 27.10 -30.43
C PRO C 122 -22.40 27.58 -29.60
N PRO C 123 -22.20 27.78 -28.29
CA PRO C 123 -23.27 28.31 -27.44
C PRO C 123 -23.64 29.75 -27.81
N VAL C 124 -24.89 30.12 -27.54
CA VAL C 124 -25.35 31.48 -27.75
C VAL C 124 -24.65 32.37 -26.71
N ALA C 125 -24.04 33.46 -27.17
CA ALA C 125 -23.28 34.36 -26.31
C ALA C 125 -24.12 34.92 -25.16
N ASP C 126 -23.48 35.12 -24.02
CA ASP C 126 -24.16 35.54 -22.79
C ASP C 126 -24.83 36.92 -22.90
N ASP C 127 -24.30 37.78 -23.76
CA ASP C 127 -24.81 39.14 -23.90
C ASP C 127 -25.84 39.31 -25.02
N CYS C 128 -26.25 38.19 -25.63
CA CYS C 128 -27.30 38.21 -26.66
C CYS C 128 -28.65 38.59 -26.06
N PRO C 129 -29.45 39.41 -26.79
CA PRO C 129 -30.74 39.90 -26.27
C PRO C 129 -31.76 38.80 -25.94
N THR C 130 -31.77 37.72 -26.73
CA THR C 130 -32.67 36.59 -26.49
C THR C 130 -31.89 35.28 -26.32
N PRO C 131 -32.51 34.26 -25.67
CA PRO C 131 -31.87 32.96 -25.45
C PRO C 131 -31.41 32.25 -26.72
N MET C 132 -32.13 32.45 -27.82
CA MET C 132 -31.77 31.85 -29.11
C MET C 132 -30.92 32.77 -29.98
N GLY C 133 -30.69 33.98 -29.50
CA GLY C 133 -29.89 34.97 -30.22
C GLY C 133 -30.58 36.31 -30.28
N VAL C 134 -31.31 36.55 -31.37
CA VAL C 134 -32.09 37.78 -31.54
C VAL C 134 -33.59 37.51 -31.70
N LYS C 135 -33.94 36.31 -32.15
CA LYS C 135 -35.31 35.93 -32.44
C LYS C 135 -36.11 35.55 -31.19
N GLY C 136 -37.42 35.70 -31.26
CA GLY C 136 -38.32 35.27 -30.19
C GLY C 136 -38.38 36.19 -28.99
N ASN C 137 -39.08 35.74 -27.96
CA ASN C 137 -39.29 36.51 -26.73
C ASN C 137 -38.04 36.52 -25.84
N LYS C 138 -38.05 37.40 -24.84
CA LYS C 138 -36.95 37.53 -23.89
C LYS C 138 -36.78 36.26 -23.05
N GLU C 139 -37.91 35.61 -22.75
CA GLU C 139 -37.92 34.35 -22.01
C GLU C 139 -38.47 33.23 -22.89
N LEU C 140 -37.82 32.08 -22.85
CA LEU C 140 -38.33 30.87 -23.49
C LEU C 140 -39.53 30.35 -22.70
N PRO C 141 -40.44 29.61 -23.37
CA PRO C 141 -41.65 29.11 -22.71
C PRO C 141 -41.33 28.33 -21.43
N ASP C 142 -42.20 28.44 -20.43
CA ASP C 142 -42.05 27.70 -19.18
C ASP C 142 -41.85 26.22 -19.49
N SER C 143 -40.77 25.66 -18.96
CA SER C 143 -40.37 24.28 -19.26
C SER C 143 -41.42 23.25 -18.85
N LYS C 144 -42.08 23.46 -17.71
CA LYS C 144 -43.13 22.57 -17.23
C LYS C 144 -44.34 22.57 -18.16
N GLU C 145 -44.65 23.73 -18.74
CA GLU C 145 -45.73 23.85 -19.71
C GLU C 145 -45.41 23.04 -20.97
N VAL C 146 -44.21 23.23 -21.53
CA VAL C 146 -43.75 22.46 -22.68
C VAL C 146 -43.79 20.96 -22.36
N LEU C 147 -43.32 20.61 -21.17
CA LEU C 147 -43.28 19.24 -20.68
C LEU C 147 -44.68 18.61 -20.62
N GLU C 148 -45.65 19.36 -20.10
CA GLU C 148 -47.00 18.82 -19.91
C GLU C 148 -47.86 18.86 -21.17
N LYS C 149 -47.67 19.88 -22.00
CA LYS C 149 -48.49 20.07 -23.21
C LYS C 149 -48.22 19.02 -24.30
N VAL C 150 -46.93 18.70 -24.54
CA VAL C 150 -46.56 17.87 -25.69
C VAL C 150 -45.62 16.68 -25.40
N LEU C 151 -45.06 16.62 -24.20
CA LEU C 151 -44.06 15.58 -23.89
C LEU C 151 -44.58 14.42 -23.04
N LEU C 152 -45.40 14.73 -22.03
CA LEU C 152 -45.88 13.71 -21.09
C LEU C 152 -46.82 12.69 -21.72
N ARG C 153 -46.62 11.43 -21.34
CA ARG C 153 -47.44 10.31 -21.82
C ARG C 153 -48.88 10.40 -21.31
N ARG C 154 -49.83 10.22 -22.21
CA ARG C 154 -51.24 10.09 -21.85
C ARG C 154 -51.55 8.59 -21.83
N GLU C 155 -51.58 7.99 -23.01
CA GLU C 155 -51.63 6.54 -23.17
C GLU C 155 -50.28 6.09 -23.71
N PHE C 156 -49.89 4.87 -23.37
CA PHE C 156 -48.65 4.28 -23.86
C PHE C 156 -48.70 4.10 -25.38
N ILE C 157 -47.76 4.71 -26.08
CA ILE C 157 -47.61 4.52 -27.52
C ILE C 157 -46.44 3.56 -27.77
N PRO C 158 -46.76 2.33 -28.24
CA PRO C 158 -45.72 1.35 -28.52
C PRO C 158 -44.93 1.71 -29.78
N ASP C 159 -43.70 1.21 -29.86
CA ASP C 159 -42.85 1.44 -31.03
C ASP C 159 -43.32 0.57 -32.20
N PRO C 160 -43.62 1.19 -33.36
CA PRO C 160 -43.98 0.46 -34.58
C PRO C 160 -42.82 -0.36 -35.16
N GLN C 161 -41.59 0.06 -34.91
CA GLN C 161 -40.40 -0.69 -35.33
C GLN C 161 -40.15 -1.92 -34.45
N GLY C 162 -40.93 -2.05 -33.38
CA GLY C 162 -40.92 -3.24 -32.55
C GLY C 162 -39.73 -3.39 -31.62
N SER C 163 -39.16 -2.26 -31.20
CA SER C 163 -38.04 -2.27 -30.26
C SER C 163 -38.50 -2.84 -28.92
N ASN C 164 -37.71 -3.75 -28.37
CA ASN C 164 -38.05 -4.39 -27.10
C ASN C 164 -37.28 -3.79 -25.92
N MET C 165 -37.45 -4.38 -24.75
CA MET C 165 -36.77 -3.89 -23.54
C MET C 165 -35.29 -4.29 -23.50
N MET C 166 -34.94 -5.37 -24.20
CA MET C 166 -33.54 -5.73 -24.43
C MET C 166 -32.81 -4.61 -25.14
N PHE C 167 -33.49 -3.98 -26.10
CA PHE C 167 -32.97 -2.85 -26.84
C PHE C 167 -32.84 -1.60 -25.96
N ALA C 168 -33.90 -1.29 -25.21
CA ALA C 168 -33.94 -0.12 -24.35
C ALA C 168 -32.83 -0.11 -23.31
N PHE C 169 -32.64 -1.25 -22.63
CA PHE C 169 -31.61 -1.36 -21.61
C PHE C 169 -30.19 -1.44 -22.15
N PHE C 170 -30.05 -1.97 -23.37
CA PHE C 170 -28.75 -2.00 -24.05
C PHE C 170 -28.30 -0.58 -24.38
N ALA C 171 -29.22 0.22 -24.92
CA ALA C 171 -28.97 1.63 -25.22
C ALA C 171 -28.53 2.39 -23.96
N GLN C 172 -29.26 2.18 -22.86
CA GLN C 172 -28.92 2.82 -21.59
C GLN C 172 -27.55 2.37 -21.08
N HIS C 173 -27.33 1.05 -21.08
CA HIS C 173 -26.08 0.45 -20.62
C HIS C 173 -24.88 0.91 -21.46
N PHE C 174 -25.00 0.78 -22.78
CA PHE C 174 -23.94 1.15 -23.72
C PHE C 174 -23.56 2.63 -23.66
N THR C 175 -24.54 3.52 -23.68
CA THR C 175 -24.29 4.97 -23.73
C THR C 175 -23.74 5.53 -22.43
N HIS C 176 -24.04 4.88 -21.32
CA HIS C 176 -23.62 5.37 -20.01
C HIS C 176 -22.16 5.09 -19.67
N GLN C 177 -21.39 4.67 -20.67
CA GLN C 177 -19.93 4.65 -20.57
C GLN C 177 -19.34 5.98 -21.07
N PHE C 178 -20.03 6.64 -22.00
CA PHE C 178 -19.57 7.94 -22.48
C PHE C 178 -20.46 9.14 -22.11
N PHE C 179 -21.69 8.88 -21.66
CA PHE C 179 -22.53 9.91 -21.06
C PHE C 179 -22.51 9.81 -19.54
N LYS C 180 -21.57 10.53 -18.94
CA LYS C 180 -21.41 10.56 -17.47
C LYS C 180 -21.21 11.99 -17.01
N THR C 181 -22.30 12.74 -16.92
CA THR C 181 -22.26 14.17 -16.60
C THR C 181 -21.74 14.44 -15.19
N ASP C 182 -20.76 15.33 -15.11
CA ASP C 182 -20.21 15.77 -13.84
C ASP C 182 -21.10 16.87 -13.27
N HIS C 183 -22.13 16.45 -12.54
CA HIS C 183 -23.15 17.37 -12.00
C HIS C 183 -22.61 18.39 -10.99
N LYS C 184 -21.45 18.09 -10.42
CA LYS C 184 -20.77 19.00 -9.49
C LYS C 184 -20.19 20.22 -10.21
N ARG C 185 -19.80 20.02 -11.47
CA ARG C 185 -19.24 21.09 -12.29
C ARG C 185 -20.33 21.80 -13.10
N GLY C 186 -21.20 21.01 -13.74
CA GLY C 186 -22.26 21.54 -14.57
C GLY C 186 -22.66 20.58 -15.68
N PRO C 187 -23.79 20.87 -16.37
CA PRO C 187 -24.33 20.01 -17.43
C PRO C 187 -23.38 19.82 -18.63
N GLY C 188 -22.52 20.81 -18.89
CA GLY C 188 -21.58 20.75 -19.99
C GLY C 188 -20.27 20.04 -19.67
N PHE C 189 -20.25 19.31 -18.56
CA PHE C 189 -19.05 18.62 -18.10
C PHE C 189 -19.24 17.12 -17.96
N THR C 190 -18.17 16.37 -18.24
CA THR C 190 -18.20 14.91 -18.24
C THR C 190 -17.13 14.28 -17.37
N ARG C 191 -17.44 13.10 -16.84
CA ARG C 191 -16.49 12.29 -16.08
C ARG C 191 -15.86 11.22 -16.97
N GLY C 192 -16.46 10.98 -18.14
CA GLY C 192 -15.96 9.99 -19.10
C GLY C 192 -14.82 10.54 -19.94
N LEU C 193 -13.64 10.60 -19.34
CA LEU C 193 -12.48 11.25 -19.95
C LEU C 193 -11.92 10.51 -21.17
N GLY C 194 -12.33 9.25 -21.34
CA GLY C 194 -11.99 8.46 -22.52
C GLY C 194 -12.76 8.87 -23.77
N HIS C 195 -13.90 9.53 -23.56
CA HIS C 195 -14.72 10.09 -24.65
C HIS C 195 -15.09 9.09 -25.76
N GLY C 196 -15.44 7.86 -25.37
CA GLY C 196 -15.80 6.83 -26.34
C GLY C 196 -16.03 5.44 -25.77
N VAL C 197 -15.87 4.44 -26.63
CA VAL C 197 -16.11 3.05 -26.27
C VAL C 197 -14.86 2.43 -25.65
N ASP C 198 -14.64 2.73 -24.37
CA ASP C 198 -13.50 2.20 -23.62
C ASP C 198 -13.91 1.13 -22.60
N LEU C 199 -15.22 0.97 -22.45
CA LEU C 199 -15.82 0.03 -21.50
C LEU C 199 -15.46 0.30 -20.05
N ASN C 200 -15.38 1.59 -19.70
CA ASN C 200 -15.17 2.01 -18.31
C ASN C 200 -16.36 1.64 -17.43
N HIS C 201 -17.50 1.37 -18.06
CA HIS C 201 -18.70 0.96 -17.33
C HIS C 201 -18.62 -0.48 -16.83
N ILE C 202 -17.67 -1.24 -17.40
CA ILE C 202 -17.36 -2.60 -16.95
C ILE C 202 -16.11 -2.59 -16.07
N TYR C 203 -15.08 -1.87 -16.52
CA TYR C 203 -13.74 -1.94 -15.91
C TYR C 203 -13.40 -0.78 -14.97
N GLY C 204 -14.21 0.27 -14.98
CA GLY C 204 -13.96 1.45 -14.16
C GLY C 204 -13.24 2.54 -14.95
N GLU C 205 -13.53 3.79 -14.59
CA GLU C 205 -12.91 4.96 -15.22
C GLU C 205 -11.43 5.08 -14.83
N THR C 206 -11.14 4.84 -13.56
CA THR C 206 -9.79 5.00 -13.02
C THR C 206 -9.11 3.65 -12.76
N LEU C 207 -7.79 3.69 -12.61
CA LEU C 207 -6.97 2.49 -12.41
C LEU C 207 -7.19 1.84 -11.04
N ASP C 208 -7.35 2.67 -10.00
CA ASP C 208 -7.61 2.19 -8.65
C ASP C 208 -8.93 1.43 -8.58
N ARG C 209 -9.95 1.96 -9.26
CA ARG C 209 -11.26 1.32 -9.34
C ARG C 209 -11.19 -0.01 -10.11
N GLN C 210 -10.40 -0.02 -11.19
CA GLN C 210 -10.18 -1.22 -12.00
C GLN C 210 -9.54 -2.34 -11.19
N HIS C 211 -8.49 -2.00 -10.44
CA HIS C 211 -7.76 -2.96 -9.61
C HIS C 211 -8.60 -3.54 -8.48
N LYS C 212 -9.56 -2.77 -7.98
CA LYS C 212 -10.52 -3.23 -6.98
C LYS C 212 -11.51 -4.24 -7.56
N LEU C 213 -11.79 -4.12 -8.86
CA LEU C 213 -12.75 -5.00 -9.55
C LEU C 213 -12.11 -6.28 -10.07
N ARG C 214 -10.79 -6.30 -10.18
CA ARG C 214 -10.06 -7.43 -10.75
C ARG C 214 -9.71 -8.49 -9.71
N LEU C 215 -9.75 -9.75 -10.13
CA LEU C 215 -9.39 -10.89 -9.28
C LEU C 215 -7.87 -11.07 -9.22
N PHE C 216 -7.18 -10.57 -10.25
CA PHE C 216 -5.72 -10.73 -10.42
C PHE C 216 -5.28 -12.18 -10.57
N LYS C 217 -6.18 -13.00 -11.09
CA LYS C 217 -5.91 -14.39 -11.45
C LYS C 217 -6.58 -14.66 -12.79
N ASP C 218 -5.81 -15.16 -13.75
CA ASP C 218 -6.29 -15.51 -15.10
C ASP C 218 -6.92 -14.32 -15.87
N GLY C 219 -6.52 -13.10 -15.50
CA GLY C 219 -7.02 -11.88 -16.15
C GLY C 219 -8.47 -11.54 -15.83
N LYS C 220 -9.06 -12.27 -14.90
CA LYS C 220 -10.49 -12.21 -14.64
C LYS C 220 -10.93 -11.06 -13.74
N LEU C 221 -12.22 -10.73 -13.85
CA LEU C 221 -12.86 -9.81 -12.92
C LEU C 221 -13.43 -10.61 -11.76
N LYS C 222 -13.45 -10.00 -10.58
CA LYS C 222 -14.07 -10.60 -9.40
C LYS C 222 -15.55 -10.88 -9.66
N TYR C 223 -16.04 -11.95 -9.03
CA TYR C 223 -17.44 -12.34 -9.13
C TYR C 223 -17.87 -13.11 -7.89
N GLN C 224 -19.18 -13.17 -7.65
CA GLN C 224 -19.74 -14.05 -6.64
C GLN C 224 -20.75 -14.99 -7.30
N VAL C 225 -20.96 -16.14 -6.66
CA VAL C 225 -21.93 -17.12 -7.16
C VAL C 225 -23.13 -17.18 -6.21
N ILE C 226 -24.31 -16.90 -6.74
CA ILE C 226 -25.55 -16.98 -5.98
C ILE C 226 -26.51 -17.92 -6.69
N GLY C 227 -26.88 -19.00 -6.00
CA GLY C 227 -27.77 -20.03 -6.54
C GLY C 227 -27.23 -20.68 -7.80
N GLY C 228 -25.93 -20.96 -7.81
CA GLY C 228 -25.27 -21.59 -8.96
C GLY C 228 -25.04 -20.66 -10.15
N GLU C 229 -25.32 -19.38 -9.96
CA GLU C 229 -25.23 -18.39 -11.03
C GLU C 229 -24.21 -17.31 -10.71
N VAL C 230 -23.46 -16.89 -11.73
CA VAL C 230 -22.40 -15.89 -11.57
C VAL C 230 -22.96 -14.46 -11.61
N TYR C 231 -22.64 -13.69 -10.57
CA TYR C 231 -23.05 -12.29 -10.46
C TYR C 231 -21.86 -11.40 -10.12
N PRO C 232 -21.98 -10.08 -10.37
CA PRO C 232 -20.94 -9.14 -9.97
C PRO C 232 -20.66 -9.18 -8.47
N PRO C 233 -19.44 -8.78 -8.05
CA PRO C 233 -19.09 -8.81 -6.63
C PRO C 233 -19.76 -7.69 -5.85
N THR C 234 -19.69 -7.75 -4.52
CA THR C 234 -20.30 -6.73 -3.66
C THR C 234 -19.39 -5.54 -3.40
N VAL C 235 -19.97 -4.47 -2.88
CA VAL C 235 -19.21 -3.30 -2.41
C VAL C 235 -18.32 -3.70 -1.22
N LYS C 236 -18.86 -4.54 -0.34
CA LYS C 236 -18.14 -5.01 0.85
C LYS C 236 -16.87 -5.80 0.49
N ASP C 237 -16.93 -6.55 -0.59
CA ASP C 237 -15.81 -7.37 -1.06
C ASP C 237 -14.74 -6.53 -1.78
N THR C 238 -15.18 -5.59 -2.61
CA THR C 238 -14.27 -4.83 -3.48
C THR C 238 -13.85 -3.47 -2.93
N GLN C 239 -14.68 -2.89 -2.08
CA GLN C 239 -14.52 -1.51 -1.59
C GLN C 239 -14.72 -0.46 -2.71
N VAL C 240 -15.39 -0.88 -3.77
CA VAL C 240 -15.71 -0.02 -4.90
C VAL C 240 -16.87 0.91 -4.55
N GLU C 241 -16.70 2.20 -4.84
CA GLU C 241 -17.75 3.20 -4.62
C GLU C 241 -18.90 3.02 -5.60
N MET C 242 -20.10 2.84 -5.06
CA MET C 242 -21.32 2.71 -5.85
C MET C 242 -22.40 3.64 -5.29
N ILE C 243 -23.39 3.95 -6.12
CA ILE C 243 -24.55 4.74 -5.67
C ILE C 243 -25.72 3.81 -5.33
N TYR C 244 -26.08 3.80 -4.05
CA TYR C 244 -27.23 3.05 -3.56
C TYR C 244 -27.96 3.84 -2.47
N PRO C 245 -29.30 3.78 -2.47
CA PRO C 245 -30.07 4.34 -1.35
C PRO C 245 -29.77 3.59 -0.04
N PRO C 246 -29.82 4.30 1.11
CA PRO C 246 -29.38 3.77 2.41
C PRO C 246 -30.05 2.47 2.86
N HIS C 247 -31.23 2.17 2.33
CA HIS C 247 -31.99 0.99 2.76
C HIS C 247 -31.52 -0.33 2.14
N ILE C 248 -30.75 -0.23 1.05
CA ILE C 248 -30.25 -1.42 0.34
C ILE C 248 -29.23 -2.20 1.18
N PRO C 249 -29.53 -3.48 1.47
CA PRO C 249 -28.64 -4.31 2.29
C PRO C 249 -27.34 -4.64 1.57
N GLU C 250 -26.29 -4.89 2.36
CA GLU C 250 -24.93 -5.08 1.86
C GLU C 250 -24.78 -6.16 0.79
N ASN C 251 -25.52 -7.26 0.94
CA ASN C 251 -25.45 -8.38 -0.02
C ASN C 251 -26.03 -8.05 -1.40
N LEU C 252 -26.82 -6.97 -1.47
CA LEU C 252 -27.43 -6.53 -2.72
C LEU C 252 -26.75 -5.29 -3.32
N GLN C 253 -25.69 -4.83 -2.67
CA GLN C 253 -24.90 -3.71 -3.19
C GLN C 253 -23.84 -4.22 -4.17
N PHE C 254 -24.26 -4.51 -5.39
CA PHE C 254 -23.36 -5.00 -6.44
C PHE C 254 -22.39 -3.91 -6.89
N ALA C 255 -21.16 -4.32 -7.19
CA ALA C 255 -20.11 -3.40 -7.61
C ALA C 255 -19.72 -3.66 -9.06
N VAL C 256 -19.89 -2.64 -9.89
CA VAL C 256 -19.50 -2.71 -11.30
C VAL C 256 -18.72 -1.45 -11.68
N GLY C 257 -18.19 -1.41 -12.91
CA GLY C 257 -17.40 -0.27 -13.38
C GLY C 257 -18.10 1.07 -13.29
N GLN C 258 -19.39 1.08 -13.65
CA GLN C 258 -20.21 2.29 -13.59
C GLN C 258 -21.00 2.37 -12.29
N GLU C 259 -20.82 3.48 -11.58
CA GLU C 259 -21.35 3.66 -10.22
C GLU C 259 -22.88 3.72 -10.10
N VAL C 260 -23.56 4.05 -11.20
CA VAL C 260 -25.03 4.20 -11.18
C VAL C 260 -25.79 2.95 -11.66
N PHE C 261 -25.07 1.91 -12.06
CA PHE C 261 -25.68 0.72 -12.68
C PHE C 261 -26.48 -0.19 -11.74
N GLY C 262 -26.35 0.05 -10.43
CA GLY C 262 -27.10 -0.72 -9.43
C GLY C 262 -28.46 -0.13 -9.11
N LEU C 263 -28.82 0.94 -9.81
CA LEU C 263 -30.09 1.63 -9.59
C LEU C 263 -31.21 1.10 -10.50
N VAL C 264 -30.82 0.36 -11.54
CA VAL C 264 -31.77 -0.26 -12.46
C VAL C 264 -31.36 -1.71 -12.71
N PRO C 265 -32.28 -2.67 -12.44
CA PRO C 265 -31.99 -4.10 -12.66
C PRO C 265 -31.74 -4.45 -14.12
N GLY C 266 -32.32 -3.67 -15.03
CA GLY C 266 -32.09 -3.83 -16.47
C GLY C 266 -30.65 -3.52 -16.85
N LEU C 267 -30.05 -2.56 -16.15
CA LEU C 267 -28.64 -2.21 -16.32
C LEU C 267 -27.74 -3.28 -15.70
N MET C 268 -28.15 -3.79 -14.55
CA MET C 268 -27.41 -4.82 -13.82
C MET C 268 -27.39 -6.15 -14.58
N MET C 269 -28.46 -6.41 -15.33
CA MET C 269 -28.53 -7.59 -16.21
C MET C 269 -27.39 -7.59 -17.24
N TYR C 270 -27.21 -6.46 -17.93
CA TYR C 270 -26.15 -6.33 -18.92
C TYR C 270 -24.76 -6.29 -18.29
N ALA C 271 -24.66 -5.63 -17.14
CA ALA C 271 -23.43 -5.61 -16.36
C ALA C 271 -22.98 -7.02 -16.00
N THR C 272 -23.94 -7.88 -15.64
CA THR C 272 -23.68 -9.29 -15.34
C THR C 272 -23.27 -10.06 -16.60
N ILE C 273 -23.99 -9.84 -17.70
CA ILE C 273 -23.71 -10.52 -18.96
C ILE C 273 -22.31 -10.21 -19.48
N TRP C 274 -21.92 -8.93 -19.43
CA TRP C 274 -20.61 -8.50 -19.92
C TRP C 274 -19.45 -8.97 -19.03
N LEU C 275 -19.66 -8.93 -17.71
CA LEU C 275 -18.69 -9.46 -16.75
C LEU C 275 -18.44 -10.95 -17.03
N ARG C 276 -19.52 -11.69 -17.23
CA ARG C 276 -19.44 -13.10 -17.61
C ARG C 276 -18.73 -13.30 -18.95
N GLU C 277 -18.97 -12.38 -19.88
CA GLU C 277 -18.30 -12.40 -21.19
C GLU C 277 -16.78 -12.20 -21.08
N HIS C 278 -16.36 -11.26 -20.23
CA HIS C 278 -14.93 -11.01 -19.99
C HIS C 278 -14.20 -12.24 -19.44
N ASN C 279 -14.78 -12.88 -18.42
CA ASN C 279 -14.19 -14.08 -17.82
C ASN C 279 -14.18 -15.27 -18.78
N ARG C 280 -15.19 -15.33 -19.65
CA ARG C 280 -15.29 -16.36 -20.69
C ARG C 280 -14.14 -16.23 -21.70
N VAL C 281 -13.88 -15.00 -22.13
CA VAL C 281 -12.79 -14.69 -23.08
C VAL C 281 -11.42 -14.92 -22.44
N CYS C 282 -11.33 -14.70 -21.13
CA CYS C 282 -10.12 -15.02 -20.35
C CYS C 282 -9.77 -16.51 -20.41
N ASP C 283 -10.77 -17.37 -20.29
CA ASP C 283 -10.55 -18.81 -20.36
C ASP C 283 -10.07 -19.25 -21.74
N ILE C 284 -10.70 -18.70 -22.78
CA ILE C 284 -10.33 -18.98 -24.17
C ILE C 284 -8.88 -18.55 -24.47
N LEU C 285 -8.49 -17.36 -24.00
CA LEU C 285 -7.14 -16.85 -24.19
C LEU C 285 -6.09 -17.61 -23.36
N LYS C 286 -6.49 -18.11 -22.19
CA LYS C 286 -5.61 -18.92 -21.34
C LYS C 286 -5.30 -20.28 -21.99
N GLN C 287 -6.31 -20.87 -22.64
CA GLN C 287 -6.13 -22.11 -23.40
C GLN C 287 -5.16 -21.87 -24.55
N GLU C 288 -5.33 -20.76 -25.26
CA GLU C 288 -4.47 -20.40 -26.39
C GLU C 288 -3.06 -19.99 -25.95
N HIS C 289 -2.97 -19.32 -24.81
CA HIS C 289 -1.70 -18.85 -24.27
C HIS C 289 -1.50 -19.26 -22.81
N PRO C 290 -0.99 -20.49 -22.58
CA PRO C 290 -0.68 -20.92 -21.20
C PRO C 290 0.54 -20.20 -20.62
N GLU C 291 1.29 -19.50 -21.46
CA GLU C 291 2.50 -18.78 -21.05
C GLU C 291 2.23 -17.34 -20.60
N TRP C 292 1.02 -16.86 -20.85
CA TRP C 292 0.63 -15.49 -20.49
C TRP C 292 0.33 -15.34 -18.99
N GLY C 293 0.59 -14.15 -18.46
CA GLY C 293 0.25 -13.82 -17.09
C GLY C 293 -1.10 -13.13 -17.00
N ASP C 294 -1.50 -12.80 -15.77
CA ASP C 294 -2.78 -12.16 -15.48
C ASP C 294 -2.98 -10.82 -16.20
N GLU C 295 -1.96 -9.98 -16.18
CA GLU C 295 -2.06 -8.63 -16.73
C GLU C 295 -2.38 -8.64 -18.24
N GLN C 296 -1.64 -9.45 -19.00
CA GLN C 296 -1.86 -9.54 -20.44
C GLN C 296 -3.21 -10.21 -20.77
N LEU C 297 -3.61 -11.17 -19.95
CA LEU C 297 -4.92 -11.81 -20.12
C LEU C 297 -6.05 -10.81 -19.93
N PHE C 298 -5.97 -9.99 -18.89
CA PHE C 298 -6.96 -8.95 -18.64
C PHE C 298 -7.02 -7.93 -19.78
N GLN C 299 -5.86 -7.40 -20.15
CA GLN C 299 -5.77 -6.32 -21.14
C GLN C 299 -6.24 -6.74 -22.53
N THR C 300 -5.90 -7.96 -22.93
CA THR C 300 -6.28 -8.52 -24.22
C THR C 300 -7.77 -8.81 -24.28
N SER C 301 -8.32 -9.32 -23.18
CA SER C 301 -9.76 -9.56 -23.05
C SER C 301 -10.56 -8.25 -23.14
N ARG C 302 -10.01 -7.19 -22.54
CA ARG C 302 -10.62 -5.86 -22.64
C ARG C 302 -10.70 -5.38 -24.10
N LEU C 303 -9.59 -5.56 -24.84
CA LEU C 303 -9.54 -5.17 -26.25
C LEU C 303 -10.51 -5.96 -27.12
N ILE C 304 -10.68 -7.24 -26.79
CA ILE C 304 -11.63 -8.10 -27.50
C ILE C 304 -13.06 -7.65 -27.22
N LEU C 305 -13.39 -7.41 -25.95
CA LEU C 305 -14.72 -6.96 -25.58
C LEU C 305 -15.11 -5.60 -26.15
N ILE C 306 -14.13 -4.70 -26.29
CA ILE C 306 -14.32 -3.44 -27.01
C ILE C 306 -14.72 -3.73 -28.45
N GLY C 307 -13.99 -4.64 -29.09
CA GLY C 307 -14.28 -5.08 -30.45
C GLY C 307 -15.66 -5.71 -30.60
N GLU C 308 -16.01 -6.58 -29.65
CA GLU C 308 -17.33 -7.20 -29.60
C GLU C 308 -18.44 -6.17 -29.49
N THR C 309 -18.22 -5.16 -28.64
CA THR C 309 -19.21 -4.12 -28.40
C THR C 309 -19.49 -3.32 -29.67
N ILE C 310 -18.44 -2.81 -30.32
CA ILE C 310 -18.57 -2.05 -31.57
C ILE C 310 -19.19 -2.90 -32.69
N LYS C 311 -18.82 -4.18 -32.73
CA LYS C 311 -19.41 -5.15 -33.66
C LYS C 311 -20.93 -5.29 -33.46
N ILE C 312 -21.34 -5.50 -32.21
CA ILE C 312 -22.75 -5.67 -31.85
C ILE C 312 -23.54 -4.37 -32.04
N VAL C 313 -22.93 -3.25 -31.69
CA VAL C 313 -23.59 -1.94 -31.86
C VAL C 313 -23.93 -1.67 -33.32
N ILE C 314 -22.98 -1.89 -34.23
CA ILE C 314 -23.21 -1.64 -35.65
C ILE C 314 -24.17 -2.66 -36.26
N GLU C 315 -23.85 -3.95 -36.12
CA GLU C 315 -24.53 -5.01 -36.88
C GLU C 315 -25.83 -5.54 -36.27
N ASP C 316 -26.11 -5.20 -35.01
CA ASP C 316 -27.35 -5.61 -34.36
C ASP C 316 -28.17 -4.44 -33.85
N TYR C 317 -27.51 -3.51 -33.17
CA TYR C 317 -28.17 -2.40 -32.48
C TYR C 317 -28.55 -1.27 -33.46
N VAL C 318 -27.54 -0.73 -34.15
CA VAL C 318 -27.76 0.29 -35.17
C VAL C 318 -28.56 -0.28 -36.35
N GLN C 319 -28.31 -1.55 -36.67
CA GLN C 319 -29.06 -2.26 -37.71
C GLN C 319 -30.57 -2.19 -37.47
N HIS C 320 -30.98 -2.53 -36.25
CA HIS C 320 -32.38 -2.47 -35.87
C HIS C 320 -32.92 -1.03 -35.82
N LEU C 321 -32.11 -0.12 -35.30
CA LEU C 321 -32.44 1.31 -35.22
C LEU C 321 -32.77 1.89 -36.61
N SER C 322 -31.88 1.62 -37.55
CA SER C 322 -31.97 2.17 -38.90
C SER C 322 -33.24 1.72 -39.62
N GLY C 323 -33.59 0.45 -39.43
CA GLY C 323 -34.73 -0.15 -40.13
C GLY C 323 -34.41 -0.45 -41.58
N TYR C 324 -33.13 -0.40 -41.92
CA TYR C 324 -32.68 -0.62 -43.29
C TYR C 324 -32.69 -2.11 -43.64
N HIS C 325 -32.94 -2.40 -44.92
CA HIS C 325 -32.85 -3.76 -45.44
C HIS C 325 -31.41 -4.11 -45.79
N PHE C 326 -30.59 -3.07 -46.02
CA PHE C 326 -29.16 -3.22 -46.24
C PHE C 326 -28.47 -3.72 -44.97
N LYS C 327 -27.64 -4.75 -45.11
CA LYS C 327 -26.92 -5.35 -43.98
C LYS C 327 -25.65 -4.56 -43.68
N LEU C 328 -25.66 -3.85 -42.55
CA LEU C 328 -24.51 -3.05 -42.11
C LEU C 328 -23.36 -3.95 -41.68
N LYS C 329 -22.15 -3.38 -41.71
CA LYS C 329 -20.93 -4.16 -41.52
C LYS C 329 -19.92 -3.43 -40.65
N PHE C 330 -19.41 -4.13 -39.64
CA PHE C 330 -18.26 -3.65 -38.88
C PHE C 330 -16.98 -4.18 -39.52
N ASP C 331 -16.28 -3.29 -40.22
CA ASP C 331 -15.01 -3.61 -40.86
C ASP C 331 -14.14 -2.37 -40.95
N PRO C 332 -13.15 -2.27 -40.04
CA PRO C 332 -12.18 -1.16 -40.01
C PRO C 332 -11.36 -1.03 -41.30
N GLU C 333 -11.22 -2.12 -42.04
CA GLU C 333 -10.46 -2.12 -43.30
C GLU C 333 -11.07 -1.24 -44.39
N LEU C 334 -12.34 -0.89 -44.24
CA LEU C 334 -13.05 -0.02 -45.18
C LEU C 334 -12.51 1.42 -45.21
N LEU C 335 -11.88 1.84 -44.11
CA LEU C 335 -11.40 3.22 -43.97
C LEU C 335 -9.90 3.38 -44.22
N PHE C 336 -9.20 2.28 -44.50
CA PHE C 336 -7.74 2.29 -44.62
C PHE C 336 -7.19 3.08 -45.83
N ASN C 337 -7.98 3.20 -46.89
CA ASN C 337 -7.62 4.05 -48.03
C ASN C 337 -8.37 5.38 -48.02
N GLN C 338 -9.06 5.64 -46.90
CA GLN C 338 -9.87 6.85 -46.73
C GLN C 338 -9.27 7.79 -45.68
N GLN C 339 -9.59 9.07 -45.80
CA GLN C 339 -9.21 10.06 -44.80
C GLN C 339 -10.15 9.97 -43.60
N PHE C 340 -9.59 9.61 -42.45
CA PHE C 340 -10.37 9.43 -41.23
C PHE C 340 -9.50 9.68 -40.00
N GLN C 341 -10.07 10.36 -39.02
CA GLN C 341 -9.37 10.66 -37.78
C GLN C 341 -9.75 9.66 -36.69
N TYR C 342 -8.78 8.87 -36.26
CA TYR C 342 -9.01 7.87 -35.20
C TYR C 342 -8.94 8.51 -33.81
N GLN C 343 -9.89 9.41 -33.56
CA GLN C 343 -10.08 10.07 -32.27
C GLN C 343 -11.54 10.53 -32.19
N ASN C 344 -12.04 10.69 -30.97
CA ASN C 344 -13.40 11.20 -30.78
C ASN C 344 -13.56 11.98 -29.48
N ARG C 345 -14.40 13.01 -29.53
CA ARG C 345 -14.75 13.79 -28.36
C ARG C 345 -16.28 13.82 -28.26
N ILE C 346 -16.82 13.39 -27.13
CA ILE C 346 -18.27 13.28 -26.95
C ILE C 346 -18.93 14.66 -26.92
N ALA C 347 -19.91 14.82 -27.81
CA ALA C 347 -20.65 16.09 -27.92
C ALA C 347 -21.80 16.16 -26.94
N SER C 348 -22.06 17.36 -26.45
CA SER C 348 -23.16 17.63 -25.52
C SER C 348 -24.51 17.36 -26.18
N GLU C 349 -24.60 17.66 -27.47
CA GLU C 349 -25.84 17.46 -28.23
C GLU C 349 -26.15 15.99 -28.48
N PHE C 350 -25.10 15.17 -28.58
CA PHE C 350 -25.25 13.72 -28.67
C PHE C 350 -25.83 13.17 -27.37
N ASN C 351 -25.38 13.72 -26.23
CA ASN C 351 -25.94 13.42 -24.92
C ASN C 351 -27.42 13.77 -24.87
N THR C 352 -27.75 15.00 -25.22
CA THR C 352 -29.13 15.50 -25.19
C THR C 352 -30.10 14.66 -26.04
N LEU C 353 -29.72 14.36 -27.28
CA LEU C 353 -30.58 13.60 -28.19
C LEU C 353 -30.81 12.15 -27.77
N TYR C 354 -29.89 11.62 -26.96
CA TYR C 354 -29.94 10.21 -26.58
C TYR C 354 -30.82 9.95 -25.34
N HIS C 355 -31.42 11.01 -24.80
CA HIS C 355 -32.35 10.90 -23.68
C HIS C 355 -33.66 10.23 -24.12
N TRP C 356 -33.58 8.92 -24.39
CA TRP C 356 -34.71 8.18 -24.95
C TRP C 356 -35.62 7.57 -23.89
N HIS C 357 -36.05 8.38 -22.94
CA HIS C 357 -36.95 7.93 -21.87
C HIS C 357 -38.37 7.56 -22.32
N PRO C 358 -38.82 8.07 -23.49
CA PRO C 358 -40.05 7.53 -24.09
C PRO C 358 -40.06 6.02 -24.34
N LEU C 359 -38.87 5.42 -24.46
CA LEU C 359 -38.73 3.96 -24.61
C LEU C 359 -39.32 3.19 -23.44
N LEU C 360 -39.22 3.77 -22.24
CA LEU C 360 -39.62 3.11 -21.00
C LEU C 360 -41.13 2.84 -20.96
N PRO C 361 -41.52 1.63 -20.54
CA PRO C 361 -42.93 1.26 -20.44
C PRO C 361 -43.55 1.79 -19.15
N ASP C 362 -44.86 1.60 -19.00
CA ASP C 362 -45.56 1.98 -17.77
C ASP C 362 -45.23 1.01 -16.63
N THR C 363 -45.08 -0.27 -16.98
CA THR C 363 -44.66 -1.30 -16.03
C THR C 363 -43.59 -2.20 -16.67
N PHE C 364 -42.72 -2.76 -15.84
CA PHE C 364 -41.70 -3.71 -16.29
C PHE C 364 -42.18 -5.13 -16.06
N ASN C 365 -42.41 -5.85 -17.15
CA ASN C 365 -43.03 -7.18 -17.10
C ASN C 365 -42.00 -8.30 -17.16
N ILE C 366 -41.75 -8.91 -16.00
CA ILE C 366 -40.83 -10.04 -15.90
C ILE C 366 -41.56 -11.28 -15.41
N GLU C 367 -41.55 -12.32 -16.23
CA GLU C 367 -42.30 -13.56 -16.00
C GLU C 367 -43.81 -13.27 -15.81
N ASP C 368 -44.35 -13.58 -14.64
CA ASP C 368 -45.76 -13.34 -14.32
C ASP C 368 -45.99 -11.93 -13.78
N GLN C 369 -44.94 -11.31 -13.26
CA GLN C 369 -45.05 -10.05 -12.52
C GLN C 369 -45.02 -8.82 -13.42
N GLU C 370 -45.66 -7.75 -12.94
CA GLU C 370 -45.59 -6.43 -13.58
C GLU C 370 -45.16 -5.41 -12.52
N TYR C 371 -43.93 -4.90 -12.66
CA TYR C 371 -43.36 -3.99 -11.67
C TYR C 371 -43.50 -2.54 -12.08
N SER C 372 -43.94 -1.71 -11.15
CA SER C 372 -43.98 -0.26 -11.35
C SER C 372 -42.59 0.33 -11.16
N PHE C 373 -42.40 1.58 -11.58
CA PHE C 373 -41.12 2.28 -11.44
C PHE C 373 -40.59 2.25 -10.02
N LYS C 374 -41.45 2.57 -9.05
CA LYS C 374 -41.12 2.53 -7.63
C LYS C 374 -40.61 1.16 -7.18
N GLN C 375 -41.29 0.11 -7.61
CA GLN C 375 -40.92 -1.27 -7.26
C GLN C 375 -39.69 -1.74 -8.01
N PHE C 376 -39.45 -1.18 -9.20
CA PHE C 376 -38.37 -1.63 -10.08
C PHE C 376 -37.01 -1.04 -9.71
N LEU C 377 -36.97 0.26 -9.44
CA LEU C 377 -35.72 0.97 -9.19
C LEU C 377 -34.99 0.53 -7.92
N TYR C 378 -33.67 0.52 -7.99
CA TYR C 378 -32.76 0.10 -6.90
C TYR C 378 -33.00 -1.34 -6.40
N ASN C 379 -33.85 -2.08 -7.11
CA ASN C 379 -34.33 -3.38 -6.64
C ASN C 379 -33.69 -4.56 -7.35
N ASN C 380 -32.45 -4.86 -6.98
CA ASN C 380 -31.69 -5.95 -7.58
C ASN C 380 -32.12 -7.35 -7.13
N SER C 381 -32.96 -7.43 -6.10
CA SER C 381 -33.49 -8.71 -5.62
C SER C 381 -34.45 -9.32 -6.63
N ILE C 382 -35.01 -8.48 -7.50
CA ILE C 382 -35.82 -8.94 -8.63
C ILE C 382 -34.98 -9.78 -9.59
N LEU C 383 -33.75 -9.32 -9.84
CA LEU C 383 -32.80 -10.02 -10.70
C LEU C 383 -32.45 -11.40 -10.15
N LEU C 384 -32.21 -11.48 -8.84
CA LEU C 384 -31.90 -12.75 -8.17
C LEU C 384 -33.10 -13.68 -8.11
N GLU C 385 -34.30 -13.11 -8.01
CA GLU C 385 -35.54 -13.87 -7.96
C GLU C 385 -35.83 -14.56 -9.29
N HIS C 386 -35.86 -13.79 -10.37
CA HIS C 386 -36.21 -14.31 -11.69
C HIS C 386 -35.03 -14.96 -12.41
N GLY C 387 -33.85 -14.35 -12.29
CA GLY C 387 -32.65 -14.83 -12.98
C GLY C 387 -32.48 -14.17 -14.33
N LEU C 388 -31.27 -14.28 -14.88
CA LEU C 388 -30.93 -13.66 -16.17
C LEU C 388 -31.68 -14.26 -17.36
N THR C 389 -31.91 -15.58 -17.31
CA THR C 389 -32.63 -16.30 -18.36
C THR C 389 -34.05 -15.74 -18.52
N GLN C 390 -34.75 -15.60 -17.40
CA GLN C 390 -36.12 -15.07 -17.40
C GLN C 390 -36.15 -13.59 -17.76
N PHE C 391 -35.12 -12.85 -17.35
CA PHE C 391 -34.97 -11.45 -17.72
C PHE C 391 -34.86 -11.26 -19.23
N VAL C 392 -33.96 -12.02 -19.84
CA VAL C 392 -33.76 -11.99 -21.30
C VAL C 392 -35.05 -12.39 -22.03
N GLU C 393 -35.66 -13.49 -21.60
CA GLU C 393 -36.91 -13.98 -22.20
C GLU C 393 -38.04 -12.94 -22.11
N SER C 394 -38.20 -12.34 -20.93
CA SER C 394 -39.26 -11.35 -20.69
C SER C 394 -39.03 -10.05 -21.45
N PHE C 395 -37.81 -9.52 -21.36
CA PHE C 395 -37.47 -8.24 -22.00
C PHE C 395 -37.38 -8.33 -23.53
N THR C 396 -37.23 -9.54 -24.07
CA THR C 396 -37.27 -9.77 -25.51
C THR C 396 -38.71 -9.66 -26.02
N ARG C 397 -39.66 -10.09 -25.18
CA ARG C 397 -41.08 -10.07 -25.53
C ARG C 397 -41.76 -8.70 -25.36
N GLN C 398 -41.32 -7.93 -24.37
CA GLN C 398 -41.99 -6.67 -24.03
C GLN C 398 -41.64 -5.54 -24.98
N ILE C 399 -42.67 -4.88 -25.50
CA ILE C 399 -42.53 -3.74 -26.41
C ILE C 399 -42.05 -2.48 -25.68
N ALA C 400 -41.16 -1.72 -26.33
CA ALA C 400 -40.73 -0.43 -25.82
C ALA C 400 -41.52 0.69 -26.48
N GLY C 401 -41.42 1.90 -25.92
CA GLY C 401 -42.19 3.04 -26.41
C GLY C 401 -41.56 3.78 -27.56
N ARG C 402 -42.42 4.38 -28.38
CA ARG C 402 -41.98 5.23 -29.49
C ARG C 402 -41.39 6.52 -28.94
N VAL C 403 -40.24 6.94 -29.49
CA VAL C 403 -39.53 8.10 -28.99
C VAL C 403 -40.05 9.39 -29.62
N ALA C 404 -40.14 9.41 -30.95
CA ALA C 404 -40.74 10.52 -31.68
C ALA C 404 -42.27 10.38 -31.70
N GLY C 405 -42.95 11.42 -32.19
CA GLY C 405 -44.41 11.39 -32.29
C GLY C 405 -45.12 12.13 -31.17
N GLY C 406 -44.37 12.50 -30.13
CA GLY C 406 -44.89 13.29 -29.02
C GLY C 406 -45.63 12.50 -27.95
N ARG C 407 -45.75 13.13 -26.78
CA ARG C 407 -46.58 12.65 -25.67
C ARG C 407 -46.37 11.19 -25.29
N ASN C 408 -45.13 10.81 -25.03
CA ASN C 408 -44.82 9.43 -24.65
C ASN C 408 -43.76 9.28 -23.55
N VAL C 409 -43.42 10.39 -22.90
CA VAL C 409 -42.53 10.35 -21.74
C VAL C 409 -43.34 9.95 -20.50
N PRO C 410 -42.99 8.81 -19.87
CA PRO C 410 -43.70 8.39 -18.66
C PRO C 410 -43.55 9.42 -17.54
N ILE C 411 -44.63 9.64 -16.79
CA ILE C 411 -44.67 10.68 -15.77
C ILE C 411 -43.74 10.40 -14.59
N ALA C 412 -43.31 9.15 -14.44
CA ALA C 412 -42.37 8.75 -13.39
C ALA C 412 -40.99 9.39 -13.56
N VAL C 413 -40.65 9.73 -14.80
CA VAL C 413 -39.38 10.42 -15.10
C VAL C 413 -39.61 11.82 -15.68
N GLN C 414 -40.71 12.46 -15.29
CA GLN C 414 -41.05 13.80 -15.79
C GLN C 414 -39.99 14.84 -15.46
N ALA C 415 -39.37 14.70 -14.27
CA ALA C 415 -38.34 15.62 -13.80
C ALA C 415 -37.06 15.54 -14.63
N VAL C 416 -36.80 14.36 -15.20
CA VAL C 416 -35.65 14.16 -16.08
C VAL C 416 -35.85 14.88 -17.42
N ALA C 417 -37.05 14.73 -17.98
CA ALA C 417 -37.42 15.39 -19.22
C ALA C 417 -37.49 16.91 -19.06
N LYS C 418 -37.83 17.36 -17.84
CA LYS C 418 -37.82 18.79 -17.52
C LYS C 418 -36.38 19.28 -17.38
N ALA C 419 -35.52 18.43 -16.82
CA ALA C 419 -34.10 18.74 -16.66
C ALA C 419 -33.40 18.87 -18.01
N SER C 420 -33.76 17.99 -18.95
CA SER C 420 -33.19 18.02 -20.30
C SER C 420 -33.48 19.34 -21.03
N ILE C 421 -34.65 19.93 -20.77
CA ILE C 421 -35.00 21.23 -21.34
C ILE C 421 -34.26 22.36 -20.61
N ASP C 422 -34.28 22.32 -19.29
CA ASP C 422 -33.66 23.34 -18.45
C ASP C 422 -32.14 23.42 -18.63
N GLN C 423 -31.50 22.25 -18.72
CA GLN C 423 -30.05 22.18 -18.87
C GLN C 423 -29.57 22.52 -20.28
N SER C 424 -30.44 22.29 -21.27
CA SER C 424 -30.18 22.76 -22.65
C SER C 424 -30.15 24.29 -22.71
N ARG C 425 -31.02 24.93 -21.93
CA ARG C 425 -31.09 26.39 -21.85
C ARG C 425 -29.91 26.96 -21.07
N GLU C 426 -29.53 26.26 -20.01
CA GLU C 426 -28.38 26.64 -19.18
C GLU C 426 -27.07 26.59 -19.97
N MET C 427 -26.98 25.61 -20.87
CA MET C 427 -25.81 25.45 -21.74
C MET C 427 -25.88 26.34 -22.99
N LYS C 428 -26.94 27.16 -23.07
CA LYS C 428 -27.14 28.12 -24.17
C LYS C 428 -27.16 27.48 -25.56
N TYR C 429 -27.94 26.41 -25.70
CA TYR C 429 -28.12 25.72 -26.98
C TYR C 429 -28.76 26.63 -28.02
N GLN C 430 -28.30 26.53 -29.26
CA GLN C 430 -28.98 27.15 -30.39
C GLN C 430 -30.26 26.39 -30.73
N SER C 431 -31.09 26.98 -31.58
CA SER C 431 -32.42 26.44 -31.87
C SER C 431 -32.39 25.13 -32.67
N LEU C 432 -33.55 24.49 -32.77
CA LEU C 432 -33.73 23.30 -33.60
C LEU C 432 -33.27 23.52 -35.05
N ASN C 433 -33.77 24.58 -35.68
CA ASN C 433 -33.48 24.89 -37.08
C ASN C 433 -32.01 25.18 -37.36
N GLU C 434 -31.32 25.75 -36.37
CA GLU C 434 -29.88 26.00 -36.47
C GLU C 434 -29.10 24.69 -36.47
N TYR C 435 -29.54 23.72 -35.65
CA TYR C 435 -28.92 22.39 -35.63
C TYR C 435 -29.28 21.57 -36.86
N ARG C 436 -30.44 21.83 -37.44
CA ARG C 436 -30.86 21.20 -38.68
C ARG C 436 -29.98 21.63 -39.85
N LYS C 437 -29.76 22.94 -39.98
CA LYS C 437 -28.87 23.49 -41.00
C LYS C 437 -27.43 22.98 -40.84
N ARG C 438 -26.98 22.88 -39.60
CA ARG C 438 -25.65 22.36 -39.25
C ARG C 438 -25.41 20.95 -39.80
N PHE C 439 -26.46 20.12 -39.83
CA PHE C 439 -26.36 18.76 -40.34
C PHE C 439 -27.06 18.58 -41.70
N SER C 440 -26.94 19.61 -42.54
CA SER C 440 -27.45 19.60 -43.93
C SER C 440 -28.94 19.28 -44.05
N LEU C 441 -29.75 19.85 -43.16
CA LEU C 441 -31.20 19.65 -43.19
C LEU C 441 -31.94 20.96 -43.49
N LYS C 442 -33.07 20.83 -44.19
CA LYS C 442 -33.93 21.97 -44.47
C LYS C 442 -34.66 22.39 -43.19
N PRO C 443 -34.59 23.69 -42.84
CA PRO C 443 -35.28 24.19 -41.65
C PRO C 443 -36.79 24.04 -41.77
N TYR C 444 -37.45 23.67 -40.68
CA TYR C 444 -38.92 23.61 -40.63
C TYR C 444 -39.50 25.01 -40.72
N THR C 445 -40.54 25.15 -41.54
CA THR C 445 -41.18 26.45 -41.78
C THR C 445 -42.38 26.69 -40.86
N SER C 446 -42.89 25.61 -40.27
CA SER C 446 -44.00 25.66 -39.33
C SER C 446 -43.92 24.54 -38.31
N PHE C 447 -44.73 24.65 -37.26
CA PHE C 447 -44.82 23.59 -36.24
C PHE C 447 -45.59 22.39 -36.76
N GLU C 448 -46.49 22.63 -37.71
CA GLU C 448 -47.26 21.57 -38.36
C GLU C 448 -46.37 20.67 -39.22
N GLU C 449 -45.38 21.27 -39.88
CA GLU C 449 -44.39 20.51 -40.65
C GLU C 449 -43.51 19.66 -39.74
N LEU C 450 -43.17 20.22 -38.57
CA LEU C 450 -42.37 19.51 -37.57
C LEU C 450 -43.10 18.28 -37.02
N THR C 451 -44.35 18.45 -36.63
CA THR C 451 -45.12 17.39 -35.98
C THR C 451 -45.85 16.46 -36.96
N GLY C 452 -46.21 17.01 -38.13
CA GLY C 452 -47.04 16.28 -39.10
C GLY C 452 -48.48 16.16 -38.63
N GLU C 453 -48.84 16.99 -37.66
CA GLU C 453 -50.10 16.91 -36.93
C GLU C 453 -50.55 18.32 -36.54
N LYS C 454 -51.80 18.46 -36.09
CA LYS C 454 -52.39 19.78 -35.85
C LYS C 454 -52.50 20.19 -34.38
N GLU C 455 -52.78 19.23 -33.50
CA GLU C 455 -53.05 19.51 -32.09
C GLU C 455 -51.83 19.98 -31.30
N MET C 456 -50.75 19.20 -31.32
CA MET C 456 -49.52 19.54 -30.62
C MET C 456 -48.82 20.75 -31.22
N ALA C 457 -48.96 20.91 -32.54
CA ALA C 457 -48.38 22.03 -33.27
C ALA C 457 -49.00 23.36 -32.85
N ALA C 458 -50.30 23.34 -32.59
CA ALA C 458 -51.04 24.52 -32.11
C ALA C 458 -50.64 24.89 -30.68
N GLU C 459 -50.41 23.88 -29.84
CA GLU C 459 -49.96 24.09 -28.46
C GLU C 459 -48.54 24.65 -28.43
N LEU C 460 -47.70 24.19 -29.35
CA LEU C 460 -46.32 24.65 -29.46
C LEU C 460 -46.22 26.07 -30.04
N LYS C 461 -47.10 26.40 -30.97
CA LYS C 461 -47.13 27.73 -31.57
C LYS C 461 -47.58 28.79 -30.57
N ALA C 462 -48.45 28.40 -29.64
CA ALA C 462 -48.92 29.28 -28.58
C ALA C 462 -47.81 29.58 -27.56
N LEU C 463 -46.92 28.60 -27.38
CA LEU C 463 -45.81 28.73 -26.43
C LEU C 463 -44.60 29.47 -27.02
N TYR C 464 -44.13 29.00 -28.18
CA TYR C 464 -42.91 29.52 -28.79
C TYR C 464 -43.10 30.72 -29.71
N SER C 465 -44.31 30.87 -30.27
CA SER C 465 -44.65 31.90 -31.26
C SER C 465 -44.01 31.67 -32.64
N ASP C 466 -42.70 31.43 -32.65
CA ASP C 466 -41.95 31.27 -33.89
C ASP C 466 -41.25 29.91 -33.95
N ILE C 467 -41.20 29.32 -35.15
CA ILE C 467 -40.57 28.02 -35.37
C ILE C 467 -39.04 28.07 -35.26
N ASP C 468 -38.48 29.25 -35.55
CA ASP C 468 -37.03 29.45 -35.48
C ASP C 468 -36.52 29.61 -34.05
N VAL C 469 -37.44 29.54 -33.09
CA VAL C 469 -37.13 29.66 -31.66
C VAL C 469 -37.35 28.31 -30.97
N MET C 470 -37.84 27.32 -31.72
CA MET C 470 -38.09 25.98 -31.20
C MET C 470 -36.81 25.31 -30.71
N GLU C 471 -36.89 24.69 -29.54
CA GLU C 471 -35.75 24.03 -28.91
C GLU C 471 -35.53 22.63 -29.49
N LEU C 472 -34.27 22.20 -29.51
CA LEU C 472 -33.88 20.92 -30.12
C LEU C 472 -34.49 19.69 -29.45
N TYR C 473 -34.31 19.58 -28.14
CA TYR C 473 -34.72 18.39 -27.40
C TYR C 473 -36.23 18.08 -27.47
N PRO C 474 -37.11 19.05 -27.14
CA PRO C 474 -38.54 18.75 -27.25
C PRO C 474 -38.97 18.47 -28.68
N ALA C 475 -38.33 19.12 -29.65
CA ALA C 475 -38.62 18.90 -31.07
C ALA C 475 -38.31 17.47 -31.50
N LEU C 476 -37.26 16.89 -30.94
CA LEU C 476 -36.88 15.50 -31.24
C LEU C 476 -37.93 14.50 -30.77
N LEU C 477 -38.57 14.81 -29.64
CA LEU C 477 -39.56 13.92 -29.06
C LEU C 477 -40.96 14.11 -29.65
N VAL C 478 -41.20 15.25 -30.29
CA VAL C 478 -42.51 15.54 -30.89
C VAL C 478 -42.49 15.46 -32.42
N GLU C 479 -41.30 15.35 -33.01
CA GLU C 479 -41.13 15.35 -34.46
C GLU C 479 -41.93 14.23 -35.12
N LYS C 480 -42.45 14.53 -36.31
CA LYS C 480 -43.13 13.53 -37.14
C LYS C 480 -42.19 12.36 -37.37
N PRO C 481 -42.59 11.15 -36.95
CA PRO C 481 -41.77 9.98 -37.20
C PRO C 481 -41.84 9.55 -38.66
N ARG C 482 -40.78 8.90 -39.14
CA ARG C 482 -40.81 8.24 -40.45
C ARG C 482 -41.87 7.12 -40.43
N PRO C 483 -42.41 6.75 -41.60
CA PRO C 483 -43.46 5.73 -41.68
C PRO C 483 -43.14 4.49 -40.85
N ASP C 484 -43.97 4.25 -39.82
CA ASP C 484 -43.81 3.10 -38.92
C ASP C 484 -42.43 3.00 -38.28
N ALA C 485 -41.85 4.16 -37.96
CA ALA C 485 -40.51 4.23 -37.38
C ALA C 485 -40.51 4.86 -35.98
N ILE C 486 -39.41 4.64 -35.26
CA ILE C 486 -39.26 5.14 -33.89
C ILE C 486 -38.82 6.61 -33.84
N PHE C 487 -38.06 7.05 -34.85
CA PHE C 487 -37.52 8.41 -34.90
C PHE C 487 -37.96 9.19 -36.13
N GLY C 488 -37.90 10.52 -36.02
CA GLY C 488 -38.07 11.40 -37.17
C GLY C 488 -36.75 11.66 -37.86
N GLU C 489 -36.75 12.62 -38.78
CA GLU C 489 -35.57 12.95 -39.58
C GLU C 489 -34.40 13.48 -38.75
N THR C 490 -34.68 14.41 -37.84
CA THR C 490 -33.64 15.09 -37.05
C THR C 490 -32.83 14.13 -36.18
N MET C 491 -33.50 13.19 -35.50
CA MET C 491 -32.82 12.23 -34.63
C MET C 491 -31.79 11.40 -35.40
N VAL C 492 -32.19 10.87 -36.54
CA VAL C 492 -31.32 10.05 -37.40
C VAL C 492 -30.15 10.87 -37.93
N GLU C 493 -30.45 12.05 -38.48
CA GLU C 493 -29.44 12.87 -39.17
C GLU C 493 -28.44 13.57 -38.24
N LEU C 494 -28.80 13.76 -36.98
CA LEU C 494 -27.84 14.23 -35.98
C LEU C 494 -27.15 13.06 -35.29
N GLY C 495 -27.94 12.02 -35.00
CA GLY C 495 -27.47 10.86 -34.26
C GLY C 495 -26.47 9.96 -34.98
N ALA C 496 -26.68 9.76 -36.28
CA ALA C 496 -25.80 8.89 -37.07
C ALA C 496 -24.35 9.38 -37.20
N PRO C 497 -24.14 10.69 -37.47
CA PRO C 497 -22.78 11.22 -37.48
C PRO C 497 -22.03 11.03 -36.15
N PHE C 498 -22.67 11.41 -35.04
CA PHE C 498 -22.07 11.24 -33.70
C PHE C 498 -21.79 9.78 -33.36
N SER C 499 -22.73 8.90 -33.71
CA SER C 499 -22.65 7.47 -33.36
C SER C 499 -21.52 6.74 -34.09
N LEU C 500 -21.51 6.84 -35.41
CA LEU C 500 -20.54 6.12 -36.25
C LEU C 500 -19.11 6.62 -36.07
N LYS C 501 -18.97 7.91 -35.82
CA LYS C 501 -17.67 8.53 -35.54
C LYS C 501 -17.10 8.03 -34.21
N GLY C 502 -17.96 7.87 -33.21
CA GLY C 502 -17.55 7.37 -31.90
C GLY C 502 -17.18 5.90 -31.92
N LEU C 503 -17.75 5.17 -32.87
CA LEU C 503 -17.51 3.73 -33.01
C LEU C 503 -16.26 3.43 -33.84
N MET C 504 -16.12 4.12 -34.96
CA MET C 504 -14.99 3.92 -35.87
C MET C 504 -13.75 4.72 -35.46
N GLY C 505 -13.96 5.75 -34.63
CA GLY C 505 -12.86 6.57 -34.13
C GLY C 505 -11.97 5.87 -33.13
N ASN C 506 -12.48 4.78 -32.55
CA ASN C 506 -11.74 3.96 -31.60
C ASN C 506 -10.39 3.51 -32.17
N PRO C 507 -9.32 3.55 -31.35
CA PRO C 507 -7.98 3.16 -31.80
C PRO C 507 -7.86 1.72 -32.30
N ILE C 508 -8.69 0.81 -31.81
CA ILE C 508 -8.68 -0.58 -32.28
C ILE C 508 -9.05 -0.72 -33.76
N CYS C 509 -9.71 0.31 -34.30
CA CYS C 509 -10.09 0.34 -35.71
C CYS C 509 -8.99 0.89 -36.61
N SER C 510 -7.95 1.46 -36.01
CA SER C 510 -6.79 1.97 -36.74
C SER C 510 -5.94 0.82 -37.28
N PRO C 511 -5.23 1.03 -38.41
CA PRO C 511 -4.46 -0.02 -39.08
C PRO C 511 -3.42 -0.73 -38.19
N GLN C 512 -2.74 0.02 -37.31
CA GLN C 512 -1.75 -0.59 -36.43
C GLN C 512 -2.34 -1.49 -35.34
N TYR C 513 -3.60 -1.23 -35.00
CA TYR C 513 -4.30 -2.04 -33.99
C TYR C 513 -5.12 -3.18 -34.58
N TRP C 514 -5.69 -2.97 -35.77
CA TRP C 514 -6.61 -3.95 -36.36
C TRP C 514 -5.90 -5.11 -37.05
N LYS C 515 -5.43 -6.04 -36.22
CA LYS C 515 -4.73 -7.25 -36.70
C LYS C 515 -4.82 -8.34 -35.62
N PRO C 516 -4.74 -9.63 -36.02
CA PRO C 516 -4.88 -10.74 -35.09
C PRO C 516 -4.04 -10.64 -33.80
N SER C 517 -2.76 -10.29 -33.95
CA SER C 517 -1.82 -10.22 -32.83
C SER C 517 -2.25 -9.31 -31.68
N THR C 518 -2.98 -8.24 -31.99
CA THR C 518 -3.51 -7.32 -30.99
C THR C 518 -4.48 -8.00 -30.04
N PHE C 519 -5.23 -8.97 -30.56
CA PHE C 519 -6.27 -9.65 -29.78
C PHE C 519 -5.88 -11.09 -29.43
N GLY C 520 -4.59 -11.34 -29.33
CA GLY C 520 -4.07 -12.65 -28.94
C GLY C 520 -4.10 -13.71 -30.02
N GLY C 521 -4.19 -13.28 -31.28
CA GLY C 521 -4.18 -14.20 -32.42
C GLY C 521 -5.53 -14.33 -33.12
N GLU C 522 -5.62 -15.32 -34.01
CA GLU C 522 -6.81 -15.52 -34.83
C GLU C 522 -8.05 -15.94 -34.03
N VAL C 523 -7.82 -16.66 -32.93
CA VAL C 523 -8.92 -17.10 -32.05
C VAL C 523 -9.58 -15.88 -31.38
N GLY C 524 -8.76 -14.96 -30.89
CA GLY C 524 -9.26 -13.72 -30.29
C GLY C 524 -9.90 -12.81 -31.33
N PHE C 525 -9.28 -12.75 -32.52
CA PHE C 525 -9.76 -11.94 -33.63
C PHE C 525 -11.13 -12.41 -34.13
N LYS C 526 -11.35 -13.72 -34.10
CA LYS C 526 -12.62 -14.33 -34.54
C LYS C 526 -13.78 -14.00 -33.59
N ILE C 527 -13.49 -13.91 -32.28
CA ILE C 527 -14.49 -13.54 -31.28
C ILE C 527 -15.15 -12.19 -31.61
N ILE C 528 -14.32 -11.22 -32.01
CA ILE C 528 -14.81 -9.91 -32.44
C ILE C 528 -15.62 -10.02 -33.73
N ASN C 529 -15.03 -10.66 -34.73
CA ASN C 529 -15.62 -10.71 -36.07
C ASN C 529 -16.87 -11.58 -36.22
N THR C 530 -17.17 -12.40 -35.21
CA THR C 530 -18.37 -13.24 -35.20
C THR C 530 -19.37 -12.86 -34.11
N ALA C 531 -19.06 -11.78 -33.38
CA ALA C 531 -19.90 -11.34 -32.25
C ALA C 531 -21.29 -10.88 -32.69
N SER C 532 -22.26 -11.12 -31.81
CA SER C 532 -23.64 -10.70 -32.00
C SER C 532 -24.35 -10.64 -30.66
N ILE C 533 -25.47 -9.93 -30.60
CA ILE C 533 -26.26 -9.86 -29.37
C ILE C 533 -26.79 -11.24 -28.96
N GLN C 534 -27.09 -12.07 -29.96
CA GLN C 534 -27.56 -13.44 -29.70
C GLN C 534 -26.46 -14.32 -29.11
N SER C 535 -25.25 -14.24 -29.67
CA SER C 535 -24.11 -15.03 -29.20
C SER C 535 -23.63 -14.58 -27.82
N LEU C 536 -23.72 -13.29 -27.55
CA LEU C 536 -23.38 -12.73 -26.24
C LEU C 536 -24.26 -13.34 -25.15
N ILE C 537 -25.57 -13.38 -25.41
CA ILE C 537 -26.54 -13.99 -24.49
C ILE C 537 -26.39 -15.51 -24.44
N CYS C 538 -26.21 -16.13 -25.60
CA CYS C 538 -26.13 -17.60 -25.68
C CYS C 538 -24.96 -18.18 -24.88
N ASN C 539 -23.79 -17.54 -24.98
CA ASN C 539 -22.58 -18.01 -24.30
C ASN C 539 -22.56 -17.74 -22.79
N ASN C 540 -23.36 -16.77 -22.35
CA ASN C 540 -23.29 -16.25 -20.98
C ASN C 540 -24.56 -16.38 -20.15
N VAL C 541 -25.66 -16.76 -20.79
CA VAL C 541 -26.95 -16.93 -20.10
C VAL C 541 -27.39 -18.38 -20.22
N LYS C 542 -27.73 -18.98 -19.07
CA LYS C 542 -28.09 -20.41 -18.98
C LYS C 542 -29.28 -20.76 -19.88
N GLY C 543 -29.11 -21.84 -20.64
CA GLY C 543 -30.16 -22.34 -21.53
C GLY C 543 -30.13 -21.75 -22.93
N CYS C 544 -29.20 -20.83 -23.17
CA CYS C 544 -29.10 -20.11 -24.44
C CYS C 544 -30.48 -19.66 -24.96
N PRO C 545 -31.12 -18.71 -24.24
CA PRO C 545 -32.43 -18.25 -24.69
C PRO C 545 -32.33 -17.39 -25.95
N PHE C 546 -33.36 -17.44 -26.78
CA PHE C 546 -33.43 -16.58 -27.96
C PHE C 546 -33.53 -15.12 -27.55
N THR C 547 -32.81 -14.26 -28.27
CA THR C 547 -32.91 -12.82 -28.05
C THR C 547 -32.66 -12.04 -29.34
N SER C 548 -33.20 -10.81 -29.36
CA SER C 548 -32.98 -9.85 -30.42
C SER C 548 -33.39 -8.48 -29.90
N PHE C 549 -33.22 -7.44 -30.71
CA PHE C 549 -33.65 -6.10 -30.33
C PHE C 549 -35.08 -5.81 -30.78
N ASN C 550 -35.67 -6.78 -31.50
CA ASN C 550 -37.04 -6.66 -32.00
C ASN C 550 -37.98 -7.64 -31.31
N VAL C 551 -39.22 -7.22 -31.11
CA VAL C 551 -40.27 -8.08 -30.55
C VAL C 551 -40.70 -9.10 -31.60
N GLN C 552 -40.66 -10.37 -31.23
CA GLN C 552 -40.99 -11.46 -32.15
C GLN C 552 -42.46 -11.84 -32.07
N ALA D 1 12.55 -16.56 -20.58
CA ALA D 1 12.00 -17.74 -21.30
C ALA D 1 11.03 -17.36 -22.41
N ASN D 2 10.71 -16.06 -22.50
CA ASN D 2 9.85 -15.52 -23.55
C ASN D 2 10.48 -15.76 -24.93
N PRO D 3 9.75 -16.46 -25.83
CA PRO D 3 10.26 -16.75 -27.17
C PRO D 3 10.46 -15.51 -28.06
N CYS D 4 9.82 -14.39 -27.68
CA CYS D 4 9.95 -13.14 -28.43
C CYS D 4 11.14 -12.28 -27.99
N CYS D 5 12.00 -12.84 -27.15
CA CYS D 5 13.18 -12.13 -26.63
C CYS D 5 14.20 -11.78 -27.73
N SER D 6 14.35 -12.69 -28.70
CA SER D 6 15.32 -12.51 -29.78
C SER D 6 14.94 -11.45 -30.81
N ASN D 7 13.72 -10.91 -30.69
CA ASN D 7 13.14 -9.98 -31.67
C ASN D 7 13.11 -10.57 -33.09
N PRO D 8 12.48 -11.75 -33.25
CA PRO D 8 12.58 -12.51 -34.50
C PRO D 8 11.84 -11.90 -35.69
N CYS D 9 10.71 -11.25 -35.42
CA CYS D 9 9.88 -10.67 -36.47
C CYS D 9 10.52 -9.41 -37.05
N GLN D 10 10.66 -9.38 -38.37
CA GLN D 10 11.31 -8.28 -39.06
C GLN D 10 10.29 -7.41 -39.79
N ASN D 11 10.76 -6.26 -40.27
CA ASN D 11 9.98 -5.35 -41.12
C ASN D 11 8.66 -4.87 -40.50
N ARG D 12 8.73 -4.46 -39.23
CA ARG D 12 7.57 -3.95 -38.47
C ARG D 12 6.58 -5.06 -38.09
N GLY D 13 6.96 -6.31 -38.34
CA GLY D 13 6.17 -7.47 -37.92
C GLY D 13 6.08 -7.53 -36.41
N GLU D 14 4.99 -8.10 -35.91
CA GLU D 14 4.74 -8.13 -34.47
C GLU D 14 4.82 -9.54 -33.90
N CYS D 15 5.61 -9.69 -32.84
CA CYS D 15 5.82 -10.99 -32.20
C CYS D 15 4.76 -11.28 -31.14
N MET D 16 4.27 -12.52 -31.17
CA MET D 16 3.33 -13.00 -30.17
C MET D 16 3.66 -14.45 -29.85
N SER D 17 3.79 -14.75 -28.56
CA SER D 17 4.05 -16.11 -28.10
C SER D 17 2.82 -16.99 -28.30
N THR D 18 3.04 -18.22 -28.75
CA THR D 18 1.97 -19.21 -28.94
C THR D 18 2.22 -20.46 -28.11
N GLY D 19 2.88 -20.26 -26.98
CA GLY D 19 3.31 -21.35 -26.09
C GLY D 19 4.52 -20.91 -25.31
N PHE D 20 5.01 -21.79 -24.44
CA PHE D 20 6.17 -21.48 -23.60
C PHE D 20 7.48 -21.31 -24.39
N ASP D 21 7.57 -22.00 -25.53
CA ASP D 21 8.78 -21.99 -26.35
C ASP D 21 8.52 -21.70 -27.83
N GLN D 22 7.31 -21.25 -28.15
CA GLN D 22 6.90 -21.00 -29.54
C GLN D 22 6.39 -19.58 -29.73
N TYR D 23 6.69 -19.00 -30.89
CA TYR D 23 6.22 -17.66 -31.24
C TYR D 23 5.54 -17.61 -32.61
N LYS D 24 4.86 -16.50 -32.88
CA LYS D 24 4.22 -16.27 -34.19
C LYS D 24 4.38 -14.80 -34.57
N CYS D 25 4.71 -14.56 -35.83
CA CYS D 25 4.85 -13.20 -36.35
C CYS D 25 3.61 -12.77 -37.13
N ASP D 26 3.14 -11.57 -36.85
CA ASP D 26 2.02 -10.98 -37.58
C ASP D 26 2.55 -10.03 -38.65
N CYS D 27 2.46 -10.47 -39.90
CA CYS D 27 3.03 -9.74 -41.03
C CYS D 27 2.01 -8.82 -41.72
N THR D 28 0.90 -8.56 -41.04
CA THR D 28 -0.20 -7.74 -41.59
C THR D 28 0.27 -6.36 -42.04
N ARG D 29 0.03 -6.06 -43.32
CA ARG D 29 0.35 -4.75 -43.95
C ARG D 29 1.83 -4.37 -43.95
N THR D 30 2.70 -5.32 -43.66
CA THR D 30 4.15 -5.06 -43.63
C THR D 30 4.74 -4.99 -45.03
N GLY D 31 4.09 -5.67 -45.98
CA GLY D 31 4.61 -5.83 -47.34
C GLY D 31 5.40 -7.11 -47.45
N PHE D 32 5.47 -7.85 -46.36
CA PHE D 32 6.26 -9.08 -46.28
C PHE D 32 5.41 -10.24 -45.77
N TYR D 33 5.95 -11.46 -45.88
CA TYR D 33 5.33 -12.65 -45.30
C TYR D 33 6.38 -13.68 -44.90
N GLY D 34 5.92 -14.86 -44.45
CA GLY D 34 6.82 -15.90 -43.96
C GLY D 34 6.90 -15.91 -42.44
N GLU D 35 7.69 -16.84 -41.89
CA GLU D 35 7.80 -17.03 -40.45
C GLU D 35 8.28 -15.79 -39.69
N ASN D 36 9.21 -15.05 -40.30
CA ASN D 36 9.77 -13.85 -39.66
C ASN D 36 9.49 -12.56 -40.44
N CYS D 37 8.48 -12.60 -41.29
CA CYS D 37 8.12 -11.47 -42.19
C CYS D 37 9.34 -10.99 -42.98
N THR D 38 10.03 -11.91 -43.65
CA THR D 38 11.24 -11.60 -44.41
C THR D 38 11.07 -11.79 -45.92
N THR D 39 10.09 -12.60 -46.30
CA THR D 39 9.80 -12.84 -47.71
C THR D 39 8.95 -11.71 -48.28
N PRO D 40 9.51 -10.93 -49.22
CA PRO D 40 8.81 -9.76 -49.73
C PRO D 40 7.78 -10.07 -50.81
N GLU D 41 6.67 -9.34 -50.81
CA GLU D 41 5.66 -9.43 -51.86
C GLU D 41 6.19 -8.78 -53.13
N PHE D 42 5.57 -9.13 -54.27
CA PHE D 42 5.99 -8.65 -55.58
C PHE D 42 6.19 -7.13 -55.64
N LEU D 43 5.21 -6.37 -55.15
CA LEU D 43 5.26 -4.91 -55.15
C LEU D 43 6.32 -4.37 -54.19
N THR D 44 6.60 -5.11 -53.13
CA THR D 44 7.61 -4.73 -52.14
C THR D 44 9.03 -4.90 -52.69
N ARG D 45 9.23 -5.94 -53.51
CA ARG D 45 10.52 -6.18 -54.17
C ARG D 45 10.89 -5.04 -55.11
N ILE D 46 9.89 -4.47 -55.76
CA ILE D 46 10.06 -3.31 -56.65
C ILE D 46 10.36 -2.05 -55.83
N LYS D 47 9.67 -1.89 -54.71
CA LYS D 47 9.84 -0.73 -53.83
C LYS D 47 11.24 -0.66 -53.22
N LEU D 48 11.81 -1.81 -52.89
CA LEU D 48 13.15 -1.88 -52.30
C LEU D 48 14.26 -1.55 -53.30
N LEU D 49 14.04 -1.91 -54.57
CA LEU D 49 15.01 -1.64 -55.63
C LEU D 49 14.99 -0.18 -56.09
N LEU D 50 13.82 0.45 -56.05
CA LEU D 50 13.67 1.85 -56.47
C LEU D 50 13.95 2.85 -55.34
N LYS D 51 13.92 2.39 -54.10
CA LYS D 51 14.12 3.27 -52.95
C LYS D 51 15.59 3.59 -52.70
N PRO D 52 15.95 4.88 -52.72
CA PRO D 52 17.32 5.31 -52.41
C PRO D 52 17.60 5.24 -50.91
N THR D 53 18.87 5.16 -50.54
CA THR D 53 19.30 5.12 -49.15
C THR D 53 19.23 6.53 -48.55
N PRO D 54 19.05 6.63 -47.21
CA PRO D 54 19.05 7.95 -46.53
C PRO D 54 20.27 8.81 -46.87
N ASN D 55 21.45 8.17 -46.95
CA ASN D 55 22.70 8.87 -47.29
C ASN D 55 22.71 9.45 -48.71
N THR D 56 22.10 8.72 -49.65
CA THR D 56 21.95 9.18 -51.03
C THR D 56 20.99 10.37 -51.10
N VAL D 57 19.86 10.25 -50.40
CA VAL D 57 18.88 11.33 -50.30
C VAL D 57 19.51 12.57 -49.64
N HIS D 58 20.26 12.35 -48.57
CA HIS D 58 20.97 13.43 -47.88
C HIS D 58 21.98 14.12 -48.78
N TYR D 59 22.67 13.34 -49.61
CA TYR D 59 23.65 13.88 -50.56
C TYR D 59 22.97 14.82 -51.57
N ILE D 60 21.85 14.40 -52.12
CA ILE D 60 21.12 15.17 -53.13
C ILE D 60 20.57 16.48 -52.57
N LEU D 61 20.07 16.42 -51.34
CA LEU D 61 19.51 17.60 -50.66
C LEU D 61 20.57 18.60 -50.20
N THR D 62 21.80 18.13 -50.02
CA THR D 62 22.90 18.98 -49.56
C THR D 62 23.85 19.41 -50.69
N HIS D 63 23.56 18.95 -51.91
CA HIS D 63 24.31 19.33 -53.09
C HIS D 63 23.39 19.92 -54.15
N PHE D 64 23.97 20.32 -55.29
CA PHE D 64 23.23 20.92 -56.41
C PHE D 64 22.46 22.17 -55.98
N LYS D 65 23.16 23.08 -55.30
CA LYS D 65 22.54 24.31 -54.75
C LYS D 65 21.85 25.17 -55.82
N GLY D 66 22.44 25.20 -57.01
CA GLY D 66 21.85 25.94 -58.15
C GLY D 66 20.52 25.36 -58.60
N VAL D 67 20.43 24.03 -58.59
CA VAL D 67 19.19 23.32 -58.96
C VAL D 67 18.07 23.58 -57.95
N TRP D 68 18.40 23.53 -56.66
CA TRP D 68 17.41 23.79 -55.60
C TRP D 68 16.92 25.24 -55.57
N ASN D 69 17.80 26.18 -55.93
CA ASN D 69 17.42 27.59 -56.07
C ASN D 69 16.28 27.80 -57.08
N ILE D 70 16.27 26.99 -58.13
CA ILE D 70 15.18 26.99 -59.12
C ILE D 70 13.94 26.32 -58.55
N VAL D 71 14.13 25.18 -57.86
CA VAL D 71 13.03 24.42 -57.26
C VAL D 71 12.28 25.24 -56.21
N ASN D 72 13.02 25.93 -55.35
CA ASN D 72 12.44 26.76 -54.29
C ASN D 72 11.60 27.93 -54.80
N ASN D 73 11.88 28.37 -56.02
CA ASN D 73 11.15 29.46 -56.66
C ASN D 73 9.93 29.02 -57.47
N ILE D 74 9.78 27.70 -57.61
CA ILE D 74 8.58 27.12 -58.25
C ILE D 74 7.66 26.57 -57.15
N PRO D 75 6.57 27.29 -56.86
CA PRO D 75 5.68 26.98 -55.74
C PRO D 75 5.08 25.58 -55.75
N PHE D 76 4.71 25.07 -56.92
CA PHE D 76 4.08 23.75 -57.00
C PHE D 76 5.07 22.61 -56.77
N LEU D 77 6.33 22.83 -57.13
CA LEU D 77 7.38 21.84 -56.90
C LEU D 77 7.83 21.83 -55.44
N ARG D 78 7.96 23.02 -54.85
CA ARG D 78 8.31 23.16 -53.44
C ARG D 78 7.26 22.51 -52.54
N SER D 79 5.99 22.72 -52.90
CA SER D 79 4.86 22.14 -52.17
C SER D 79 4.81 20.62 -52.32
N LEU D 80 5.07 20.13 -53.53
CA LEU D 80 5.06 18.70 -53.82
C LEU D 80 6.11 17.94 -53.03
N ILE D 81 7.30 18.52 -52.94
CA ILE D 81 8.43 17.89 -52.23
C ILE D 81 8.22 17.91 -50.72
N MET D 82 7.78 19.07 -50.20
CA MET D 82 7.47 19.20 -48.78
C MET D 82 6.34 18.25 -48.36
N LYS D 83 5.35 18.07 -49.24
CA LYS D 83 4.26 17.13 -49.04
C LYS D 83 4.78 15.71 -48.83
N TYR D 84 5.70 15.28 -49.70
CA TYR D 84 6.32 13.96 -49.61
C TYR D 84 7.19 13.82 -48.35
N VAL D 85 7.92 14.88 -48.01
CA VAL D 85 8.74 14.92 -46.80
C VAL D 85 7.88 14.64 -45.57
N LEU D 86 6.72 15.31 -45.50
CA LEU D 86 5.84 15.20 -44.34
C LEU D 86 5.15 13.84 -44.24
N THR D 87 4.69 13.31 -45.38
CA THR D 87 3.96 12.04 -45.41
C THR D 87 4.86 10.82 -45.19
N SER D 88 6.04 10.84 -45.82
CA SER D 88 6.96 9.70 -45.75
C SER D 88 7.65 9.58 -44.39
N ARG D 89 7.84 10.71 -43.70
CA ARG D 89 8.39 10.71 -42.35
C ARG D 89 7.34 10.25 -41.34
N SER D 90 6.14 10.80 -41.45
CA SER D 90 5.04 10.52 -40.53
C SER D 90 4.59 9.06 -40.57
N TYR D 91 4.77 8.42 -41.72
CA TYR D 91 4.45 7.01 -41.91
C TYR D 91 5.20 6.10 -40.94
N LEU D 92 6.38 6.53 -40.50
CA LEU D 92 7.21 5.77 -39.57
C LEU D 92 6.77 5.84 -38.11
N ILE D 93 5.76 6.67 -37.82
CA ILE D 93 5.25 6.82 -36.46
C ILE D 93 3.88 6.15 -36.30
N ASP D 94 3.75 5.33 -35.25
CA ASP D 94 2.46 4.73 -34.90
C ASP D 94 1.53 5.79 -34.33
N SER D 95 0.37 5.96 -34.97
CA SER D 95 -0.63 6.93 -34.54
C SER D 95 -2.02 6.46 -34.94
N PRO D 96 -2.90 6.16 -33.95
CA PRO D 96 -2.76 6.19 -32.48
C PRO D 96 -1.58 5.40 -31.93
N PRO D 97 -0.99 5.87 -30.81
CA PRO D 97 0.21 5.28 -30.20
C PRO D 97 -0.02 3.86 -29.68
N THR D 98 1.07 3.13 -29.49
CA THR D 98 1.01 1.73 -29.10
C THR D 98 1.66 1.44 -27.74
N TYR D 99 2.97 1.18 -27.73
CA TYR D 99 3.65 0.65 -26.56
C TYR D 99 4.14 1.74 -25.60
N ASN D 100 4.42 1.33 -24.36
CA ASN D 100 5.13 2.18 -23.40
C ASN D 100 6.11 1.35 -22.56
N VAL D 101 6.64 1.94 -21.49
CA VAL D 101 7.66 1.28 -20.65
C VAL D 101 7.18 -0.01 -19.98
N HIS D 102 5.88 -0.07 -19.66
CA HIS D 102 5.32 -1.23 -18.97
C HIS D 102 4.58 -2.21 -19.89
N TYR D 103 4.38 -1.82 -21.15
CA TYR D 103 3.63 -2.66 -22.08
C TYR D 103 4.33 -2.94 -23.41
N GLY D 104 4.77 -4.19 -23.58
CA GLY D 104 5.37 -4.67 -24.82
C GLY D 104 4.35 -5.26 -25.76
N TYR D 105 3.08 -5.16 -25.38
CA TYR D 105 1.94 -5.54 -26.21
C TYR D 105 0.93 -4.41 -26.15
N LYS D 106 0.08 -4.31 -27.16
CA LYS D 106 -0.95 -3.27 -27.18
C LYS D 106 -2.01 -3.51 -26.13
N SER D 107 -2.36 -2.46 -25.40
CA SER D 107 -3.38 -2.53 -24.37
C SER D 107 -4.09 -1.19 -24.26
N TRP D 108 -5.30 -1.20 -23.69
CA TRP D 108 -6.03 0.06 -23.49
C TRP D 108 -5.35 0.93 -22.45
N GLU D 109 -4.65 0.31 -21.51
CA GLU D 109 -3.87 1.05 -20.52
C GLU D 109 -2.72 1.81 -21.18
N ALA D 110 -2.05 1.16 -22.13
CA ALA D 110 -0.96 1.79 -22.88
C ALA D 110 -1.46 2.90 -23.80
N PHE D 111 -2.68 2.76 -24.30
CA PHE D 111 -3.27 3.81 -25.12
C PHE D 111 -3.79 5.01 -24.31
N SER D 112 -4.55 4.71 -23.25
CA SER D 112 -5.32 5.74 -22.54
C SER D 112 -4.53 6.56 -21.54
N ASN D 113 -3.48 5.97 -20.94
CA ASN D 113 -2.72 6.65 -19.89
C ASN D 113 -1.75 7.69 -20.45
N LEU D 114 -2.17 8.95 -20.40
CA LEU D 114 -1.38 10.07 -20.94
C LEU D 114 -0.11 10.40 -20.14
N SER D 115 0.02 9.82 -18.94
CA SER D 115 1.20 10.06 -18.09
C SER D 115 2.47 9.36 -18.61
N TYR D 116 2.29 8.38 -19.48
CA TYR D 116 3.41 7.66 -20.07
C TYR D 116 3.96 8.38 -21.29
N TYR D 117 5.28 8.32 -21.49
CA TYR D 117 5.85 8.52 -22.81
C TYR D 117 5.53 7.25 -23.60
N THR D 118 5.24 7.39 -24.89
CA THR D 118 5.04 6.20 -25.74
C THR D 118 6.37 5.62 -26.20
N ARG D 119 6.34 4.46 -26.84
CA ARG D 119 7.57 3.79 -27.30
C ARG D 119 7.49 3.37 -28.76
N ALA D 120 8.49 3.79 -29.54
CA ALA D 120 8.61 3.42 -30.95
C ALA D 120 8.82 1.91 -31.11
N LEU D 121 9.67 1.36 -30.25
CA LEU D 121 9.85 -0.09 -30.14
C LEU D 121 9.49 -0.53 -28.73
N PRO D 122 8.80 -1.69 -28.61
CA PRO D 122 8.45 -2.25 -27.30
C PRO D 122 9.69 -2.52 -26.45
N PRO D 123 9.54 -2.47 -25.10
CA PRO D 123 10.66 -2.77 -24.23
C PRO D 123 11.04 -4.25 -24.29
N VAL D 124 12.31 -4.54 -24.02
CA VAL D 124 12.77 -5.91 -23.83
C VAL D 124 12.09 -6.45 -22.57
N ALA D 125 11.50 -7.65 -22.67
CA ALA D 125 10.77 -8.26 -21.57
C ALA D 125 11.68 -8.54 -20.37
N ASP D 126 11.09 -8.51 -19.17
CA ASP D 126 11.82 -8.71 -17.92
C ASP D 126 12.50 -10.08 -17.82
N ASP D 127 11.84 -11.11 -18.34
CA ASP D 127 12.34 -12.48 -18.22
C ASP D 127 13.32 -12.92 -19.32
N CYS D 128 13.73 -11.97 -20.18
CA CYS D 128 14.77 -12.22 -21.17
C CYS D 128 16.14 -12.41 -20.50
N PRO D 129 16.95 -13.36 -21.02
CA PRO D 129 18.25 -13.67 -20.39
C PRO D 129 19.25 -12.51 -20.41
N THR D 130 19.28 -11.75 -21.50
CA THR D 130 20.16 -10.60 -21.62
C THR D 130 19.35 -9.30 -21.70
N PRO D 131 19.96 -8.15 -21.35
CA PRO D 131 19.27 -6.86 -21.44
C PRO D 131 18.78 -6.52 -22.84
N MET D 132 19.50 -6.98 -23.87
CA MET D 132 19.13 -6.70 -25.26
C MET D 132 18.26 -7.81 -25.87
N GLY D 133 17.97 -8.83 -25.08
CA GLY D 133 17.18 -9.97 -25.54
C GLY D 133 17.89 -11.27 -25.26
N VAL D 134 18.62 -11.77 -26.25
CA VAL D 134 19.43 -12.99 -26.11
C VAL D 134 20.91 -12.77 -26.43
N LYS D 135 21.20 -11.69 -27.16
CA LYS D 135 22.55 -11.36 -27.58
C LYS D 135 23.34 -10.61 -26.50
N GLY D 136 24.64 -10.85 -26.46
CA GLY D 136 25.54 -10.18 -25.51
C GLY D 136 25.71 -10.89 -24.19
N ASN D 137 26.39 -10.22 -23.26
CA ASN D 137 26.60 -10.75 -21.91
C ASN D 137 25.41 -10.44 -21.00
N LYS D 138 25.42 -11.03 -19.80
CA LYS D 138 24.34 -10.84 -18.82
C LYS D 138 24.13 -9.38 -18.41
N GLU D 139 25.18 -8.57 -18.54
CA GLU D 139 25.13 -7.15 -18.24
C GLU D 139 25.81 -6.32 -19.32
N LEU D 140 25.28 -5.12 -19.58
CA LEU D 140 25.94 -4.15 -20.45
C LEU D 140 27.23 -3.66 -19.79
N PRO D 141 28.18 -3.13 -20.59
CA PRO D 141 29.40 -2.56 -20.02
C PRO D 141 29.10 -1.42 -19.07
N ASP D 142 29.98 -1.23 -18.08
CA ASP D 142 29.86 -0.14 -17.11
C ASP D 142 29.64 1.18 -17.86
N SER D 143 28.55 1.86 -17.52
CA SER D 143 28.18 3.13 -18.16
C SER D 143 29.22 4.23 -17.95
N LYS D 144 29.89 4.17 -16.80
CA LYS D 144 30.99 5.08 -16.48
C LYS D 144 32.15 4.92 -17.47
N GLU D 145 32.46 3.67 -17.82
CA GLU D 145 33.51 3.37 -18.78
C GLU D 145 33.14 3.84 -20.19
N VAL D 146 31.88 3.63 -20.56
CA VAL D 146 31.35 4.10 -21.84
C VAL D 146 31.39 5.63 -21.90
N LEU D 147 31.02 6.28 -20.80
CA LEU D 147 31.01 7.73 -20.70
C LEU D 147 32.41 8.34 -20.85
N GLU D 148 33.37 7.77 -20.11
CA GLU D 148 34.71 8.34 -20.03
C GLU D 148 35.56 8.11 -21.28
N LYS D 149 35.34 6.98 -21.95
CA LYS D 149 36.18 6.59 -23.09
C LYS D 149 35.76 7.22 -24.42
N VAL D 150 34.46 7.29 -24.68
CA VAL D 150 33.97 7.73 -26.00
C VAL D 150 33.04 8.95 -26.00
N LEU D 151 32.58 9.37 -24.83
CA LEU D 151 31.61 10.47 -24.75
C LEU D 151 32.16 11.78 -24.20
N LEU D 152 32.99 11.70 -23.16
CA LEU D 152 33.48 12.91 -22.48
C LEU D 152 34.42 13.75 -23.33
N ARG D 153 34.24 15.07 -23.24
CA ARG D 153 35.01 16.04 -24.02
C ARG D 153 36.45 16.15 -23.53
N ARG D 154 37.38 16.05 -24.47
CA ARG D 154 38.79 16.33 -24.21
C ARG D 154 39.04 17.80 -24.56
N GLU D 155 39.12 18.08 -25.86
CA GLU D 155 39.15 19.45 -26.36
C GLU D 155 37.82 19.74 -27.06
N PHE D 156 37.35 20.98 -26.94
CA PHE D 156 36.08 21.40 -27.53
C PHE D 156 36.06 21.18 -29.04
N ILE D 157 35.06 20.44 -29.51
CA ILE D 157 34.87 20.19 -30.94
C ILE D 157 33.69 21.02 -31.44
N PRO D 158 33.97 22.10 -32.20
CA PRO D 158 32.91 22.96 -32.71
C PRO D 158 32.11 22.28 -33.83
N ASP D 159 30.83 22.64 -33.93
CA ASP D 159 29.96 22.15 -34.99
C ASP D 159 30.37 22.75 -36.34
N PRO D 160 30.64 21.89 -37.34
CA PRO D 160 30.98 22.34 -38.70
C PRO D 160 29.82 23.00 -39.45
N GLN D 161 28.58 22.70 -39.05
CA GLN D 161 27.40 23.31 -39.65
C GLN D 161 27.20 24.76 -39.20
N GLY D 162 27.91 25.15 -38.15
CA GLY D 162 27.93 26.53 -37.69
C GLY D 162 26.91 26.89 -36.64
N SER D 163 26.32 25.89 -35.99
CA SER D 163 25.31 26.11 -34.94
C SER D 163 25.84 27.01 -33.84
N ASN D 164 24.99 27.93 -33.37
CA ASN D 164 25.37 28.85 -32.31
C ASN D 164 24.60 28.61 -31.01
N MET D 165 24.80 29.49 -30.04
CA MET D 165 24.13 29.36 -28.73
C MET D 165 22.66 29.78 -28.77
N MET D 166 22.30 30.60 -29.76
CA MET D 166 20.90 30.92 -30.04
C MET D 166 20.14 29.65 -30.43
N PHE D 167 20.80 28.80 -31.22
CA PHE D 167 20.23 27.51 -31.61
C PHE D 167 20.12 26.55 -30.43
N ALA D 168 21.22 26.40 -29.69
CA ALA D 168 21.28 25.47 -28.57
C ALA D 168 20.22 25.76 -27.51
N PHE D 169 20.09 27.01 -27.12
CA PHE D 169 19.09 27.42 -26.13
C PHE D 169 17.66 27.40 -26.64
N PHE D 170 17.47 27.61 -27.94
CA PHE D 170 16.16 27.46 -28.56
C PHE D 170 15.71 26.00 -28.50
N ALA D 171 16.63 25.10 -28.81
CA ALA D 171 16.39 23.66 -28.73
C ALA D 171 15.96 23.24 -27.33
N GLN D 172 16.70 23.70 -26.32
CA GLN D 172 16.39 23.40 -24.92
C GLN D 172 15.06 24.00 -24.47
N HIS D 173 14.79 25.24 -24.89
CA HIS D 173 13.54 25.94 -24.53
C HIS D 173 12.32 25.28 -25.17
N PHE D 174 12.38 25.11 -26.50
CA PHE D 174 11.29 24.50 -27.27
C PHE D 174 10.94 23.07 -26.84
N THR D 175 11.95 22.22 -26.65
CA THR D 175 11.72 20.79 -26.32
C THR D 175 11.26 20.55 -24.89
N HIS D 176 11.56 21.49 -24.00
CA HIS D 176 11.22 21.35 -22.59
C HIS D 176 9.75 21.68 -22.28
N GLN D 177 8.97 21.94 -23.33
CA GLN D 177 7.52 21.97 -23.17
C GLN D 177 6.92 20.57 -23.26
N PHE D 178 7.55 19.69 -24.03
CA PHE D 178 7.07 18.31 -24.18
C PHE D 178 7.97 17.21 -23.58
N PHE D 179 9.21 17.56 -23.24
CA PHE D 179 10.07 16.67 -22.46
C PHE D 179 10.10 17.14 -21.02
N LYS D 180 9.22 16.59 -20.20
CA LYS D 180 9.12 16.95 -18.79
C LYS D 180 8.96 15.68 -17.97
N THR D 181 10.06 14.98 -17.74
CA THR D 181 10.04 13.69 -17.05
C THR D 181 9.55 13.82 -15.62
N ASP D 182 8.53 13.02 -15.29
CA ASP D 182 8.01 12.93 -13.93
C ASP D 182 8.89 11.95 -13.14
N HIS D 183 9.93 12.49 -12.52
CA HIS D 183 10.91 11.68 -11.79
C HIS D 183 10.33 11.02 -10.53
N LYS D 184 9.18 11.52 -10.08
CA LYS D 184 8.43 10.91 -8.98
C LYS D 184 7.92 9.51 -9.37
N ARG D 185 7.53 9.36 -10.64
CA ARG D 185 7.02 8.09 -11.16
C ARG D 185 8.14 7.24 -11.77
N GLY D 186 8.97 7.86 -12.60
CA GLY D 186 10.05 7.17 -13.30
C GLY D 186 10.40 7.80 -14.63
N PRO D 187 11.53 7.37 -15.24
CA PRO D 187 12.03 7.91 -16.52
C PRO D 187 11.08 7.76 -17.71
N GLY D 188 10.19 6.77 -17.64
CA GLY D 188 9.22 6.52 -18.71
C GLY D 188 7.91 7.28 -18.54
N PHE D 189 7.91 8.29 -17.67
CA PHE D 189 6.72 9.07 -17.38
C PHE D 189 6.90 10.57 -17.63
N THR D 190 5.83 11.22 -18.10
CA THR D 190 5.86 12.63 -18.43
C THR D 190 4.86 13.46 -17.63
N ARG D 191 5.19 14.74 -17.44
CA ARG D 191 4.28 15.72 -16.85
C ARG D 191 3.59 16.55 -17.93
N GLY D 192 4.08 16.41 -19.17
CA GLY D 192 3.52 17.14 -20.31
C GLY D 192 2.38 16.37 -20.95
N LEU D 193 1.20 16.46 -20.33
CA LEU D 193 0.03 15.66 -20.73
C LEU D 193 -0.56 16.07 -22.09
N GLY D 194 -0.18 17.25 -22.57
CA GLY D 194 -0.57 17.71 -23.90
C GLY D 194 0.18 17.02 -25.03
N HIS D 195 1.31 16.40 -24.69
CA HIS D 195 2.12 15.62 -25.64
C HIS D 195 2.43 16.33 -26.95
N GLY D 196 2.93 17.57 -26.86
CA GLY D 196 3.29 18.33 -28.05
C GLY D 196 3.43 19.81 -27.83
N VAL D 197 3.32 20.57 -28.93
CA VAL D 197 3.52 22.01 -28.92
C VAL D 197 2.26 22.73 -28.43
N ASP D 198 2.08 22.77 -27.10
CA ASP D 198 0.95 23.45 -26.50
C ASP D 198 1.35 24.75 -25.80
N LEU D 199 2.66 25.00 -25.75
CA LEU D 199 3.24 26.19 -25.12
C LEU D 199 2.96 26.31 -23.62
N ASN D 200 2.91 25.17 -22.94
CA ASN D 200 2.76 25.14 -21.48
C ASN D 200 3.99 25.72 -20.77
N HIS D 201 5.13 25.70 -21.46
CA HIS D 201 6.37 26.26 -20.92
C HIS D 201 6.34 27.79 -20.83
N ILE D 202 5.32 28.40 -21.44
CA ILE D 202 5.05 29.83 -21.32
C ILE D 202 3.80 30.05 -20.46
N TYR D 203 2.76 29.28 -20.73
CA TYR D 203 1.43 29.50 -20.14
C TYR D 203 1.13 28.65 -18.90
N GLY D 204 1.90 27.59 -18.70
CA GLY D 204 1.66 26.69 -17.56
C GLY D 204 0.89 25.45 -17.98
N GLU D 205 1.22 24.33 -17.33
CA GLU D 205 0.60 23.04 -17.61
C GLU D 205 -0.86 22.99 -17.13
N THR D 206 -1.13 23.61 -15.98
CA THR D 206 -2.46 23.60 -15.38
C THR D 206 -3.15 24.96 -15.49
N LEU D 207 -4.48 24.94 -15.37
CA LEU D 207 -5.31 26.14 -15.42
C LEU D 207 -5.02 27.08 -14.25
N ASP D 208 -4.80 26.50 -13.07
CA ASP D 208 -4.46 27.25 -11.86
C ASP D 208 -3.16 28.03 -12.01
N ARG D 209 -2.15 27.39 -12.60
CA ARG D 209 -0.85 28.01 -12.84
C ARG D 209 -0.97 29.12 -13.89
N GLN D 210 -1.78 28.86 -14.92
CA GLN D 210 -2.04 29.82 -15.98
C GLN D 210 -2.65 31.12 -15.44
N HIS D 211 -3.64 30.99 -14.57
CA HIS D 211 -4.34 32.13 -14.00
C HIS D 211 -3.45 32.99 -13.10
N LYS D 212 -2.50 32.36 -12.41
CA LYS D 212 -1.52 33.07 -11.60
C LYS D 212 -0.53 33.87 -12.45
N LEU D 213 -0.32 33.41 -13.68
CA LEU D 213 0.60 34.09 -14.61
C LEU D 213 -0.10 35.18 -15.43
N ARG D 214 -1.43 35.13 -15.49
CA ARG D 214 -2.21 36.08 -16.29
C ARG D 214 -2.53 37.37 -15.56
N LEU D 215 -2.47 38.47 -16.30
CA LEU D 215 -2.81 39.79 -15.79
C LEU D 215 -4.33 39.94 -15.63
N PHE D 216 -5.08 39.24 -16.46
CA PHE D 216 -6.55 39.34 -16.56
C PHE D 216 -7.00 40.73 -17.04
N LYS D 217 -6.12 41.37 -17.80
CA LYS D 217 -6.40 42.62 -18.50
C LYS D 217 -5.80 42.51 -19.89
N ASP D 218 -6.64 42.75 -20.90
CA ASP D 218 -6.22 42.77 -22.31
C ASP D 218 -5.56 41.47 -22.80
N GLY D 219 -5.91 40.35 -22.18
CA GLY D 219 -5.39 39.03 -22.54
C GLY D 219 -3.95 38.77 -22.14
N LYS D 220 -3.33 39.73 -21.47
CA LYS D 220 -1.88 39.72 -21.22
C LYS D 220 -1.45 38.81 -20.07
N LEU D 221 -0.16 38.46 -20.10
CA LEU D 221 0.48 37.79 -18.97
C LEU D 221 1.11 38.86 -18.08
N LYS D 222 1.19 38.57 -16.78
CA LYS D 222 1.83 39.47 -15.82
C LYS D 222 3.29 39.69 -16.18
N TYR D 223 3.76 40.91 -15.89
CA TYR D 223 5.14 41.30 -16.16
C TYR D 223 5.60 42.37 -15.18
N GLN D 224 6.91 42.55 -15.08
CA GLN D 224 7.47 43.67 -14.34
C GLN D 224 8.43 44.47 -15.22
N VAL D 225 8.56 45.76 -14.93
CA VAL D 225 9.47 46.64 -15.65
C VAL D 225 10.65 47.00 -14.75
N ILE D 226 11.83 46.52 -15.13
CA ILE D 226 13.07 46.83 -14.43
C ILE D 226 13.99 47.62 -15.35
N GLY D 227 14.19 48.90 -15.03
CA GLY D 227 15.03 49.79 -15.82
C GLY D 227 14.54 49.99 -17.25
N GLY D 228 13.22 50.13 -17.40
CA GLY D 228 12.61 50.32 -18.71
C GLY D 228 12.40 49.05 -19.53
N GLU D 229 12.85 47.91 -18.99
CA GLU D 229 12.78 46.65 -19.72
C GLU D 229 11.80 45.66 -19.10
N VAL D 230 11.06 44.96 -19.95
CA VAL D 230 10.01 44.04 -19.53
C VAL D 230 10.58 42.66 -19.20
N TYR D 231 10.32 42.21 -17.98
CA TYR D 231 10.76 40.91 -17.51
C TYR D 231 9.60 40.14 -16.90
N PRO D 232 9.75 38.81 -16.73
CA PRO D 232 8.72 38.01 -16.06
C PRO D 232 8.51 38.47 -14.61
N PRO D 233 7.32 38.17 -14.03
CA PRO D 233 7.08 38.54 -12.64
C PRO D 233 7.83 37.61 -11.68
N THR D 234 7.77 37.91 -10.39
CA THR D 234 8.48 37.13 -9.39
C THR D 234 7.61 36.01 -8.82
N VAL D 235 8.24 35.08 -8.10
CA VAL D 235 7.54 34.02 -7.38
C VAL D 235 6.65 34.62 -6.28
N LYS D 236 7.18 35.58 -5.52
CA LYS D 236 6.46 36.22 -4.43
C LYS D 236 5.20 36.96 -4.87
N ASP D 237 5.25 37.61 -6.03
CA ASP D 237 4.12 38.37 -6.57
C ASP D 237 2.98 37.46 -7.02
N THR D 238 3.32 36.34 -7.64
CA THR D 238 2.34 35.51 -8.34
C THR D 238 1.97 34.22 -7.60
N GLN D 239 2.82 33.80 -6.66
CA GLN D 239 2.71 32.50 -5.98
C GLN D 239 2.90 31.31 -6.92
N VAL D 240 3.44 31.59 -8.11
CA VAL D 240 3.80 30.55 -9.08
C VAL D 240 5.08 29.88 -8.59
N GLU D 241 5.01 28.58 -8.35
CA GLU D 241 6.14 27.83 -7.83
C GLU D 241 7.19 27.54 -8.90
N MET D 242 8.44 27.86 -8.57
CA MET D 242 9.57 27.65 -9.48
C MET D 242 10.66 26.87 -8.75
N ILE D 243 11.57 26.26 -9.51
CA ILE D 243 12.73 25.59 -8.93
C ILE D 243 13.93 26.54 -8.85
N TYR D 244 14.29 26.90 -7.63
CA TYR D 244 15.43 27.76 -7.35
C TYR D 244 16.15 27.30 -6.09
N PRO D 245 17.49 27.41 -6.06
CA PRO D 245 18.25 27.17 -4.85
C PRO D 245 17.92 28.22 -3.78
N PRO D 246 18.00 27.84 -2.49
CA PRO D 246 17.61 28.72 -1.38
C PRO D 246 18.31 30.08 -1.35
N HIS D 247 19.53 30.17 -1.88
CA HIS D 247 20.33 31.39 -1.81
C HIS D 247 19.89 32.50 -2.80
N ILE D 248 19.10 32.12 -3.80
CA ILE D 248 18.58 33.08 -4.79
C ILE D 248 17.60 34.05 -4.13
N PRO D 249 17.86 35.36 -4.22
CA PRO D 249 16.97 36.35 -3.62
C PRO D 249 15.63 36.44 -4.35
N GLU D 250 14.62 36.97 -3.67
CA GLU D 250 13.24 37.00 -4.19
C GLU D 250 13.09 37.81 -5.49
N ASN D 251 13.84 38.89 -5.60
CA ASN D 251 13.78 39.75 -6.80
C ASN D 251 14.38 39.14 -8.06
N LEU D 252 15.11 38.03 -7.90
CA LEU D 252 15.69 37.30 -9.04
C LEU D 252 14.98 35.98 -9.31
N GLN D 253 13.98 35.66 -8.48
CA GLN D 253 13.17 34.45 -8.66
C GLN D 253 12.05 34.69 -9.68
N PHE D 254 12.40 34.70 -10.96
CA PHE D 254 11.43 34.93 -12.02
C PHE D 254 10.48 33.75 -12.20
N ALA D 255 9.20 34.07 -12.41
CA ALA D 255 8.16 33.06 -12.54
C ALA D 255 7.63 32.97 -13.98
N VAL D 256 7.78 31.80 -14.58
CA VAL D 256 7.31 31.53 -15.94
C VAL D 256 6.55 30.20 -16.03
N GLY D 257 6.06 29.87 -17.23
CA GLY D 257 5.27 28.67 -17.45
C GLY D 257 5.92 27.37 -16.99
N GLN D 258 7.20 27.22 -17.33
CA GLN D 258 7.96 26.02 -16.98
C GLN D 258 8.82 26.27 -15.74
N GLU D 259 8.68 25.37 -14.76
CA GLU D 259 9.29 25.54 -13.43
C GLU D 259 10.82 25.46 -13.38
N VAL D 260 11.42 24.80 -14.36
CA VAL D 260 12.89 24.64 -14.39
C VAL D 260 13.61 25.72 -15.20
N PHE D 261 12.86 26.68 -15.75
CA PHE D 261 13.44 27.69 -16.65
C PHE D 261 14.32 28.74 -15.97
N GLY D 262 14.34 28.75 -14.64
CA GLY D 262 15.28 29.58 -13.88
C GLY D 262 16.65 28.95 -13.78
N LEU D 263 16.77 27.71 -14.26
CA LEU D 263 18.02 26.93 -14.26
C LEU D 263 19.12 27.61 -15.09
N VAL D 264 18.75 28.13 -16.25
CA VAL D 264 19.71 28.71 -17.19
C VAL D 264 19.23 30.08 -17.67
N PRO D 265 20.11 31.10 -17.65
CA PRO D 265 19.79 32.42 -18.20
C PRO D 265 19.42 32.38 -19.67
N GLY D 266 19.97 31.41 -20.41
CA GLY D 266 19.65 31.20 -21.82
C GLY D 266 18.19 30.80 -22.03
N LEU D 267 17.65 30.06 -21.07
CA LEU D 267 16.24 29.68 -21.07
C LEU D 267 15.34 30.86 -20.68
N MET D 268 15.77 31.61 -19.65
CA MET D 268 15.03 32.77 -19.16
C MET D 268 15.02 33.88 -20.20
N MET D 269 16.05 33.92 -21.04
CA MET D 269 16.10 34.83 -22.18
C MET D 269 14.96 34.55 -23.15
N TYR D 270 14.78 33.28 -23.52
CA TYR D 270 13.69 32.88 -24.42
C TYR D 270 12.32 32.97 -23.74
N ALA D 271 12.28 32.72 -22.43
CA ALA D 271 11.06 32.90 -21.65
C ALA D 271 10.58 34.35 -21.69
N THR D 272 11.52 35.29 -21.59
CA THR D 272 11.24 36.71 -21.64
C THR D 272 10.77 37.16 -23.03
N ILE D 273 11.47 36.69 -24.07
CA ILE D 273 11.12 37.01 -25.45
C ILE D 273 9.69 36.59 -25.77
N TRP D 274 9.35 35.33 -25.46
CA TRP D 274 8.02 34.78 -25.72
C TRP D 274 6.92 35.44 -24.89
N LEU D 275 7.24 35.79 -23.64
CA LEU D 275 6.33 36.55 -22.79
C LEU D 275 5.99 37.90 -23.45
N ARG D 276 7.03 38.58 -23.93
CA ARG D 276 6.87 39.85 -24.61
C ARG D 276 6.12 39.72 -25.95
N GLU D 277 6.34 38.60 -26.64
CA GLU D 277 5.62 38.30 -27.88
C GLU D 277 4.11 38.14 -27.64
N HIS D 278 3.74 37.38 -26.61
CA HIS D 278 2.33 37.20 -26.24
C HIS D 278 1.61 38.54 -26.01
N ASN D 279 2.20 39.40 -25.18
CA ASN D 279 1.63 40.70 -24.86
C ASN D 279 1.63 41.66 -26.05
N ARG D 280 2.60 41.50 -26.95
CA ARG D 280 2.67 42.26 -28.19
C ARG D 280 1.49 41.90 -29.11
N VAL D 281 1.23 40.61 -29.26
CA VAL D 281 0.09 40.11 -30.05
C VAL D 281 -1.24 40.53 -29.42
N CYS D 282 -1.32 40.48 -28.09
CA CYS D 282 -2.49 40.98 -27.35
C CYS D 282 -2.85 42.43 -27.72
N ASP D 283 -1.83 43.27 -27.86
CA ASP D 283 -2.02 44.66 -28.28
C ASP D 283 -2.50 44.75 -29.73
N ILE D 284 -1.95 43.89 -30.59
CA ILE D 284 -2.34 43.83 -31.99
C ILE D 284 -3.80 43.40 -32.12
N LEU D 285 -4.18 42.35 -31.40
CA LEU D 285 -5.54 41.83 -31.40
C LEU D 285 -6.56 42.80 -30.79
N LYS D 286 -6.13 43.56 -29.78
CA LYS D 286 -6.97 44.56 -29.14
C LYS D 286 -7.27 45.73 -30.08
N GLN D 287 -6.30 46.05 -30.94
CA GLN D 287 -6.47 47.09 -31.96
C GLN D 287 -7.49 46.65 -33.02
N GLU D 288 -7.41 45.38 -33.41
CA GLU D 288 -8.33 44.81 -34.40
C GLU D 288 -9.71 44.52 -33.82
N HIS D 289 -9.75 44.14 -32.54
CA HIS D 289 -10.99 43.81 -31.86
C HIS D 289 -11.13 44.57 -30.53
N PRO D 290 -11.67 45.81 -30.58
CA PRO D 290 -11.94 46.55 -29.35
C PRO D 290 -13.10 45.95 -28.54
N GLU D 291 -13.94 45.16 -29.20
CA GLU D 291 -15.11 44.54 -28.57
C GLU D 291 -14.77 43.27 -27.78
N TRP D 292 -13.56 42.75 -27.97
CA TRP D 292 -13.11 41.52 -27.31
C TRP D 292 -12.77 41.73 -25.84
N GLY D 293 -13.05 40.72 -25.03
CA GLY D 293 -12.69 40.74 -23.62
C GLY D 293 -11.33 40.09 -23.38
N ASP D 294 -10.90 40.10 -22.12
CA ASP D 294 -9.61 39.55 -21.72
C ASP D 294 -9.43 38.08 -22.12
N GLU D 295 -10.44 37.26 -21.86
CA GLU D 295 -10.36 35.82 -22.10
C GLU D 295 -10.12 35.46 -23.57
N GLN D 296 -10.89 36.08 -24.46
CA GLN D 296 -10.73 35.84 -25.90
C GLN D 296 -9.39 36.34 -26.43
N LEU D 297 -8.95 37.50 -25.92
CA LEU D 297 -7.65 38.07 -26.31
C LEU D 297 -6.49 37.14 -25.92
N PHE D 298 -6.57 36.54 -24.73
CA PHE D 298 -5.54 35.62 -24.25
C PHE D 298 -5.49 34.34 -25.06
N GLN D 299 -6.65 33.71 -25.26
CA GLN D 299 -6.74 32.41 -25.94
C GLN D 299 -6.32 32.51 -27.41
N THR D 300 -6.75 33.59 -28.08
CA THR D 300 -6.40 33.84 -29.48
C THR D 300 -4.90 34.09 -29.66
N SER D 301 -4.31 34.81 -28.70
CA SER D 301 -2.87 35.06 -28.69
C SER D 301 -2.07 33.77 -28.56
N ARG D 302 -2.51 32.88 -27.66
CA ARG D 302 -1.89 31.58 -27.46
C ARG D 302 -1.88 30.76 -28.75
N LEU D 303 -3.04 30.71 -29.43
CA LEU D 303 -3.17 30.00 -30.70
C LEU D 303 -2.22 30.57 -31.76
N ILE D 304 -2.07 31.90 -31.77
CA ILE D 304 -1.16 32.58 -32.68
C ILE D 304 0.31 32.21 -32.38
N LEU D 305 0.68 32.28 -31.10
CA LEU D 305 2.04 31.94 -30.68
C LEU D 305 2.40 30.47 -30.92
N ILE D 306 1.42 29.57 -30.79
CA ILE D 306 1.60 28.16 -31.17
C ILE D 306 1.90 28.04 -32.66
N GLY D 307 1.15 28.80 -33.47
CA GLY D 307 1.37 28.86 -34.91
C GLY D 307 2.75 29.41 -35.26
N GLU D 308 3.12 30.51 -34.57
CA GLU D 308 4.45 31.12 -34.72
C GLU D 308 5.56 30.14 -34.38
N THR D 309 5.39 29.39 -33.30
CA THR D 309 6.37 28.40 -32.86
C THR D 309 6.63 27.36 -33.96
N ILE D 310 5.56 26.71 -34.44
CA ILE D 310 5.68 25.67 -35.45
C ILE D 310 6.31 26.21 -36.75
N LYS D 311 5.91 27.42 -37.14
CA LYS D 311 6.49 28.11 -38.29
C LYS D 311 8.01 28.29 -38.18
N ILE D 312 8.45 28.81 -37.03
CA ILE D 312 9.87 29.04 -36.75
C ILE D 312 10.66 27.73 -36.66
N VAL D 313 10.08 26.73 -35.99
CA VAL D 313 10.73 25.43 -35.85
C VAL D 313 11.01 24.78 -37.22
N ILE D 314 10.03 24.82 -38.12
CA ILE D 314 10.20 24.21 -39.44
C ILE D 314 11.12 25.03 -40.35
N GLU D 315 10.82 26.31 -40.52
CA GLU D 315 11.47 27.13 -41.55
C GLU D 315 12.80 27.79 -41.16
N ASP D 316 13.16 27.69 -39.88
CA ASP D 316 14.43 28.23 -39.39
C ASP D 316 15.24 27.19 -38.62
N TYR D 317 14.61 26.55 -37.64
CA TYR D 317 15.27 25.63 -36.72
C TYR D 317 15.65 24.33 -37.41
N VAL D 318 14.64 23.60 -37.89
CA VAL D 318 14.83 22.36 -38.65
C VAL D 318 15.56 22.64 -39.97
N GLN D 319 15.26 23.78 -40.60
CA GLN D 319 15.92 24.20 -41.84
C GLN D 319 17.44 24.22 -41.71
N HIS D 320 17.93 24.91 -40.68
CA HIS D 320 19.35 24.96 -40.36
C HIS D 320 19.88 23.58 -39.93
N LEU D 321 19.07 22.88 -39.13
CA LEU D 321 19.42 21.57 -38.60
C LEU D 321 19.64 20.53 -39.70
N SER D 322 18.77 20.55 -40.70
CA SER D 322 18.84 19.60 -41.82
C SER D 322 20.05 19.84 -42.71
N GLY D 323 20.37 21.11 -42.93
CA GLY D 323 21.47 21.50 -43.81
C GLY D 323 21.10 21.43 -45.29
N TYR D 324 19.81 21.32 -45.58
CA TYR D 324 19.34 21.19 -46.96
C TYR D 324 19.32 22.53 -47.68
N HIS D 325 19.50 22.47 -49.00
CA HIS D 325 19.35 23.65 -49.87
C HIS D 325 17.89 23.86 -50.24
N PHE D 326 17.08 22.81 -50.06
CA PHE D 326 15.64 22.88 -50.28
C PHE D 326 14.99 23.68 -49.15
N LYS D 327 14.19 24.68 -49.53
CA LYS D 327 13.54 25.56 -48.57
C LYS D 327 12.27 24.91 -48.04
N LEU D 328 12.34 24.44 -46.79
CA LEU D 328 11.20 23.83 -46.12
C LEU D 328 10.07 24.84 -45.89
N LYS D 329 8.83 24.35 -45.87
CA LYS D 329 7.68 25.22 -45.70
C LYS D 329 6.73 24.71 -44.62
N PHE D 330 6.20 25.63 -43.83
CA PHE D 330 5.11 25.32 -42.92
C PHE D 330 3.78 25.63 -43.60
N ASP D 331 3.11 24.59 -44.05
CA ASP D 331 1.83 24.71 -44.74
C ASP D 331 0.95 23.49 -44.46
N PRO D 332 0.03 23.63 -43.50
CA PRO D 332 -0.95 22.59 -43.16
C PRO D 332 -1.81 22.15 -44.34
N GLU D 333 -2.00 23.02 -45.33
CA GLU D 333 -2.78 22.72 -46.53
C GLU D 333 -2.23 21.55 -47.35
N LEU D 334 -0.96 21.24 -47.15
CA LEU D 334 -0.29 20.16 -47.86
C LEU D 334 -0.78 18.77 -47.44
N LEU D 335 -1.38 18.68 -46.26
CA LEU D 335 -1.85 17.40 -45.73
C LEU D 335 -3.37 17.21 -45.83
N PHE D 336 -4.07 18.21 -46.39
CA PHE D 336 -5.53 18.19 -46.47
C PHE D 336 -6.09 17.13 -47.44
N ASN D 337 -5.29 16.73 -48.43
CA ASN D 337 -5.68 15.66 -49.35
C ASN D 337 -4.93 14.36 -49.07
N GLN D 338 -4.24 14.31 -47.94
CA GLN D 338 -3.43 13.16 -47.56
C GLN D 338 -3.98 12.47 -46.33
N GLN D 339 -3.65 11.18 -46.18
CA GLN D 339 -3.98 10.44 -44.97
C GLN D 339 -3.02 10.84 -43.86
N PHE D 340 -3.55 11.51 -42.84
CA PHE D 340 -2.75 12.02 -41.74
C PHE D 340 -3.58 12.08 -40.47
N GLN D 341 -2.95 11.76 -39.34
CA GLN D 341 -3.62 11.80 -38.04
C GLN D 341 -3.23 13.04 -37.25
N TYR D 342 -4.21 13.88 -36.96
CA TYR D 342 -3.98 15.10 -36.19
C TYR D 342 -3.99 14.80 -34.69
N GLN D 343 -2.96 14.09 -34.26
CA GLN D 343 -2.74 13.71 -32.87
C GLN D 343 -1.28 13.31 -32.70
N ASN D 344 -0.77 13.39 -31.48
CA ASN D 344 0.61 13.04 -31.17
C ASN D 344 0.77 12.55 -29.74
N ARG D 345 1.66 11.58 -29.57
CA ARG D 345 2.07 11.11 -28.26
C ARG D 345 3.61 11.13 -28.24
N ILE D 346 4.17 11.80 -27.24
CA ILE D 346 5.63 11.98 -27.17
C ILE D 346 6.34 10.66 -26.84
N ALA D 347 7.27 10.29 -27.72
CA ALA D 347 8.03 9.05 -27.56
C ALA D 347 9.22 9.22 -26.63
N SER D 348 9.51 8.17 -25.87
CA SER D 348 10.65 8.13 -24.96
C SER D 348 11.99 8.19 -25.71
N GLU D 349 12.04 7.54 -26.87
CA GLU D 349 13.24 7.52 -27.70
C GLU D 349 13.53 8.90 -28.30
N PHE D 350 12.47 9.67 -28.54
CA PHE D 350 12.60 11.05 -29.01
C PHE D 350 13.22 11.92 -27.93
N ASN D 351 12.81 11.69 -26.68
CA ASN D 351 13.40 12.32 -25.52
C ASN D 351 14.89 12.00 -25.43
N THR D 352 15.20 10.70 -25.50
CA THR D 352 16.58 10.20 -25.41
C THR D 352 17.52 10.79 -26.46
N LEU D 353 17.10 10.75 -27.73
CA LEU D 353 17.93 11.24 -28.84
C LEU D 353 18.17 12.75 -28.77
N TYR D 354 17.26 13.46 -28.11
CA TYR D 354 17.31 14.92 -28.04
C TYR D 354 18.19 15.44 -26.89
N HIS D 355 18.90 14.53 -26.21
CA HIS D 355 19.88 14.93 -25.20
C HIS D 355 21.13 15.49 -25.88
N TRP D 356 21.04 16.73 -26.33
CA TRP D 356 22.10 17.35 -27.12
C TRP D 356 23.04 18.23 -26.29
N HIS D 357 23.54 17.66 -25.18
CA HIS D 357 24.45 18.38 -24.30
C HIS D 357 25.84 18.67 -24.88
N PRO D 358 26.32 17.85 -25.86
CA PRO D 358 27.54 18.22 -26.59
C PRO D 358 27.53 19.62 -27.23
N LEU D 359 26.33 20.16 -27.48
CA LEU D 359 26.16 21.53 -27.99
C LEU D 359 26.76 22.59 -27.07
N LEU D 360 26.71 22.33 -25.77
CA LEU D 360 27.18 23.29 -24.77
C LEU D 360 28.70 23.50 -24.83
N PRO D 361 29.15 24.76 -24.73
CA PRO D 361 30.57 25.07 -24.69
C PRO D 361 31.14 24.93 -23.28
N ASP D 362 32.44 25.17 -23.13
CA ASP D 362 33.08 25.11 -21.82
C ASP D 362 32.79 26.36 -20.98
N THR D 363 32.67 27.49 -21.67
CA THR D 363 32.29 28.75 -21.04
C THR D 363 31.20 29.45 -21.85
N PHE D 364 30.37 30.23 -21.18
CA PHE D 364 29.30 30.99 -21.83
C PHE D 364 29.73 32.44 -22.03
N ASN D 365 30.06 32.78 -23.28
CA ASN D 365 30.64 34.08 -23.61
C ASN D 365 29.58 35.14 -23.90
N ILE D 366 29.38 36.04 -22.93
CA ILE D 366 28.47 37.17 -23.10
C ILE D 366 29.24 38.47 -22.90
N GLU D 367 29.21 39.31 -23.93
CA GLU D 367 29.95 40.58 -23.97
C GLU D 367 31.45 40.35 -23.74
N ASP D 368 31.99 40.89 -22.65
CA ASP D 368 33.42 40.78 -22.32
C ASP D 368 33.71 39.62 -21.36
N GLN D 369 32.66 39.00 -20.84
CA GLN D 369 32.78 38.00 -19.78
C GLN D 369 32.70 36.57 -20.30
N GLU D 370 33.45 35.68 -19.66
CA GLU D 370 33.37 34.24 -19.93
C GLU D 370 32.91 33.51 -18.67
N TYR D 371 31.64 33.12 -18.64
CA TYR D 371 31.06 32.47 -17.47
C TYR D 371 31.20 30.96 -17.49
N SER D 372 31.66 30.40 -16.37
CA SER D 372 31.71 28.95 -16.20
C SER D 372 30.32 28.42 -15.90
N PHE D 373 30.15 27.11 -15.97
CA PHE D 373 28.89 26.45 -15.60
C PHE D 373 28.43 26.83 -14.18
N LYS D 374 29.38 26.84 -13.25
CA LYS D 374 29.11 27.20 -11.86
C LYS D 374 28.56 28.63 -11.75
N GLN D 375 29.20 29.56 -12.48
CA GLN D 375 28.79 30.97 -12.48
C GLN D 375 27.49 31.20 -13.25
N PHE D 376 27.22 30.35 -14.23
CA PHE D 376 26.10 30.55 -15.16
C PHE D 376 24.76 29.99 -14.66
N LEU D 377 24.78 28.84 -14.00
CA LEU D 377 23.55 28.17 -13.58
C LEU D 377 22.80 28.90 -12.47
N TYR D 378 21.47 28.96 -12.61
CA TYR D 378 20.57 29.64 -11.67
C TYR D 378 20.94 31.11 -11.40
N ASN D 379 21.54 31.76 -12.40
CA ASN D 379 22.04 33.12 -12.23
C ASN D 379 21.38 34.10 -13.19
N ASN D 380 20.15 34.49 -12.86
CA ASN D 380 19.39 35.46 -13.65
C ASN D 380 19.95 36.87 -13.56
N SER D 381 20.85 37.09 -12.61
CA SER D 381 21.56 38.35 -12.44
C SER D 381 22.42 38.70 -13.67
N ILE D 382 22.90 37.67 -14.35
CA ILE D 382 23.66 37.82 -15.60
C ILE D 382 22.78 38.44 -16.70
N LEU D 383 21.51 38.00 -16.73
CA LEU D 383 20.55 38.50 -17.71
C LEU D 383 20.22 39.97 -17.50
N LEU D 384 20.09 40.37 -16.23
CA LEU D 384 19.81 41.77 -15.89
C LEU D 384 21.00 42.68 -16.13
N GLU D 385 22.21 42.16 -15.93
CA GLU D 385 23.44 42.94 -16.10
C GLU D 385 23.69 43.30 -17.57
N HIS D 386 23.62 42.30 -18.44
CA HIS D 386 23.91 42.49 -19.86
C HIS D 386 22.68 42.96 -20.65
N GLY D 387 21.52 42.38 -20.35
CA GLY D 387 20.29 42.67 -21.07
C GLY D 387 20.05 41.66 -22.18
N LEU D 388 18.83 41.68 -22.72
CA LEU D 388 18.46 40.75 -23.79
C LEU D 388 19.16 41.03 -25.12
N THR D 389 19.36 42.31 -25.43
CA THR D 389 20.03 42.72 -26.67
C THR D 389 21.45 42.16 -26.73
N GLN D 390 22.20 42.32 -25.63
CA GLN D 390 23.55 41.79 -25.52
C GLN D 390 23.55 40.26 -25.54
N PHE D 391 22.56 39.66 -24.87
CA PHE D 391 22.37 38.21 -24.87
C PHE D 391 22.16 37.65 -26.28
N VAL D 392 21.34 38.34 -27.09
CA VAL D 392 21.09 37.94 -28.48
C VAL D 392 22.36 38.03 -29.31
N GLU D 393 23.03 39.18 -29.22
CA GLU D 393 24.25 39.45 -29.98
C GLU D 393 25.39 38.47 -29.65
N SER D 394 25.54 38.14 -28.36
CA SER D 394 26.58 37.24 -27.91
C SER D 394 26.32 35.78 -28.30
N PHE D 395 25.08 35.32 -28.11
CA PHE D 395 24.71 33.93 -28.41
C PHE D 395 24.69 33.61 -29.90
N THR D 396 24.52 34.64 -30.73
CA THR D 396 24.60 34.49 -32.18
C THR D 396 26.05 34.29 -32.62
N ARG D 397 26.97 34.93 -31.89
CA ARG D 397 28.41 34.87 -32.19
C ARG D 397 29.07 33.56 -31.74
N GLN D 398 28.64 33.02 -30.60
CA GLN D 398 29.31 31.87 -29.99
C GLN D 398 28.93 30.54 -30.63
N ILE D 399 29.93 29.84 -31.14
CA ILE D 399 29.75 28.53 -31.78
C ILE D 399 29.37 27.44 -30.76
N ALA D 400 28.44 26.58 -31.17
CA ALA D 400 28.03 25.42 -30.37
C ALA D 400 28.88 24.20 -30.76
N GLY D 401 28.81 23.16 -29.94
CA GLY D 401 29.60 21.95 -30.16
C GLY D 401 28.93 20.95 -31.09
N ARG D 402 29.75 20.12 -31.74
CA ARG D 402 29.26 19.01 -32.56
C ARG D 402 28.66 17.91 -31.67
N VAL D 403 27.50 17.40 -32.07
CA VAL D 403 26.79 16.38 -31.28
C VAL D 403 27.33 14.97 -31.57
N ALA D 404 27.36 14.60 -32.84
CA ALA D 404 27.92 13.33 -33.27
C ALA D 404 29.45 13.43 -33.42
N GLY D 405 30.11 12.30 -33.65
CA GLY D 405 31.55 12.28 -33.85
C GLY D 405 32.33 11.85 -32.63
N GLY D 406 31.65 11.78 -31.49
CA GLY D 406 32.25 11.27 -30.25
C GLY D 406 33.02 12.29 -29.44
N ARG D 407 33.14 12.01 -28.14
CA ARG D 407 34.00 12.75 -27.21
C ARG D 407 33.79 14.26 -27.20
N ASN D 408 32.53 14.68 -27.04
CA ASN D 408 32.21 16.10 -27.00
C ASN D 408 31.19 16.49 -25.93
N VAL D 409 30.91 15.57 -25.01
CA VAL D 409 30.03 15.85 -23.88
C VAL D 409 30.82 16.64 -22.82
N PRO D 410 30.35 17.85 -22.49
CA PRO D 410 31.02 18.70 -21.48
C PRO D 410 31.10 17.99 -20.12
N ILE D 411 32.24 18.14 -19.47
CA ILE D 411 32.53 17.44 -18.20
C ILE D 411 31.64 17.91 -17.06
N ALA D 412 31.26 19.19 -17.07
CA ALA D 412 30.38 19.78 -16.07
C ALA D 412 29.01 19.10 -16.00
N VAL D 413 28.58 18.51 -17.12
CA VAL D 413 27.31 17.80 -17.18
C VAL D 413 27.47 16.30 -17.45
N GLN D 414 28.55 15.72 -16.92
CA GLN D 414 28.85 14.30 -17.14
C GLN D 414 27.83 13.35 -16.49
N ALA D 415 27.24 13.79 -15.38
CA ALA D 415 26.25 13.01 -14.65
C ALA D 415 24.94 12.89 -15.44
N VAL D 416 24.64 13.90 -16.25
CA VAL D 416 23.46 13.90 -17.11
C VAL D 416 23.59 12.86 -18.23
N ALA D 417 24.79 12.76 -18.81
CA ALA D 417 25.06 11.79 -19.87
C ALA D 417 25.15 10.36 -19.35
N LYS D 418 25.62 10.19 -18.12
CA LYS D 418 25.62 8.88 -17.47
C LYS D 418 24.20 8.43 -17.17
N ALA D 419 23.37 9.39 -16.75
CA ALA D 419 21.96 9.14 -16.46
C ALA D 419 21.18 8.68 -17.68
N SER D 420 21.49 9.27 -18.84
CA SER D 420 20.82 8.92 -20.10
C SER D 420 21.07 7.47 -20.51
N ILE D 421 22.30 6.99 -20.29
CA ILE D 421 22.63 5.59 -20.54
C ILE D 421 21.89 4.70 -19.54
N ASP D 422 22.04 5.01 -18.25
CA ASP D 422 21.43 4.24 -17.16
C ASP D 422 19.91 4.14 -17.28
N GLN D 423 19.26 5.27 -17.56
CA GLN D 423 17.80 5.33 -17.69
C GLN D 423 17.28 4.60 -18.93
N SER D 424 18.08 4.57 -19.99
CA SER D 424 17.74 3.81 -21.20
C SER D 424 17.74 2.31 -20.93
N ARG D 425 18.70 1.86 -20.12
CA ARG D 425 18.78 0.47 -19.69
C ARG D 425 17.67 0.14 -18.69
N GLU D 426 17.30 1.13 -17.88
CA GLU D 426 16.22 1.01 -16.91
C GLU D 426 14.87 0.85 -17.62
N MET D 427 14.70 1.60 -18.71
CA MET D 427 13.48 1.55 -19.52
C MET D 427 13.50 0.39 -20.52
N LYS D 428 14.56 -0.42 -20.44
CA LYS D 428 14.73 -1.63 -21.24
C LYS D 428 14.67 -1.39 -22.76
N TYR D 429 15.48 -0.42 -23.20
CA TYR D 429 15.61 -0.08 -24.61
C TYR D 429 16.20 -1.23 -25.42
N GLN D 430 15.70 -1.41 -26.64
CA GLN D 430 16.30 -2.34 -27.59
C GLN D 430 17.58 -1.72 -28.17
N SER D 431 18.38 -2.55 -28.86
CA SER D 431 19.69 -2.13 -29.36
C SER D 431 19.62 -1.06 -30.45
N LEU D 432 20.78 -0.49 -30.77
CA LEU D 432 20.92 0.47 -31.87
C LEU D 432 20.41 -0.10 -33.19
N ASN D 433 20.83 -1.32 -33.51
CA ASN D 433 20.46 -1.97 -34.77
C ASN D 433 18.98 -2.29 -34.88
N GLU D 434 18.34 -2.58 -33.74
CA GLU D 434 16.89 -2.80 -33.71
C GLU D 434 16.13 -1.52 -34.04
N TYR D 435 16.59 -0.40 -33.48
CA TYR D 435 16.00 0.90 -33.77
C TYR D 435 16.28 1.37 -35.19
N ARG D 436 17.46 1.02 -35.71
CA ARG D 436 17.82 1.30 -37.10
C ARG D 436 16.88 0.58 -38.06
N LYS D 437 16.68 -0.72 -37.83
CA LYS D 437 15.73 -1.51 -38.62
C LYS D 437 14.30 -0.97 -38.51
N ARG D 438 13.94 -0.53 -37.30
CA ARG D 438 12.64 0.09 -37.02
C ARG D 438 12.37 1.33 -37.89
N PHE D 439 13.42 2.07 -38.25
CA PHE D 439 13.29 3.26 -39.08
C PHE D 439 13.89 3.08 -40.49
N SER D 440 13.80 1.84 -41.00
CA SER D 440 14.23 1.48 -42.37
C SER D 440 15.72 1.74 -42.66
N LEU D 441 16.56 1.43 -41.68
CA LEU D 441 18.00 1.59 -41.82
C LEU D 441 18.73 0.25 -41.82
N LYS D 442 19.86 0.20 -42.53
CA LYS D 442 20.71 -0.98 -42.56
C LYS D 442 21.47 -1.08 -41.25
N PRO D 443 21.45 -2.27 -40.61
CA PRO D 443 22.18 -2.45 -39.35
C PRO D 443 23.69 -2.37 -39.57
N TYR D 444 24.40 -1.81 -38.59
CA TYR D 444 25.86 -1.74 -38.65
C TYR D 444 26.47 -3.12 -38.44
N THR D 445 27.49 -3.44 -39.24
CA THR D 445 28.15 -4.75 -39.19
C THR D 445 29.42 -4.74 -38.35
N SER D 446 29.89 -3.54 -38.01
CA SER D 446 31.06 -3.36 -37.15
C SER D 446 30.99 -2.01 -36.42
N PHE D 447 31.81 -1.86 -35.39
CA PHE D 447 31.91 -0.59 -34.67
C PHE D 447 32.63 0.46 -35.49
N GLU D 448 33.49 0.01 -36.40
CA GLU D 448 34.22 0.91 -37.31
C GLU D 448 33.29 1.54 -38.35
N GLU D 449 32.27 0.79 -38.74
CA GLU D 449 31.23 1.30 -39.66
C GLU D 449 30.39 2.38 -38.97
N LEU D 450 30.15 2.19 -37.67
CA LEU D 450 29.40 3.15 -36.86
C LEU D 450 30.14 4.47 -36.66
N THR D 451 31.41 4.39 -36.31
CA THR D 451 32.21 5.57 -35.97
C THR D 451 32.91 6.20 -37.18
N GLY D 452 33.19 5.39 -38.20
CA GLY D 452 33.98 5.83 -39.35
C GLY D 452 35.42 6.10 -38.97
N GLU D 453 35.87 5.38 -37.93
CA GLU D 453 37.11 5.70 -37.22
C GLU D 453 37.59 4.43 -36.51
N LYS D 454 38.85 4.43 -36.04
CA LYS D 454 39.47 3.23 -35.48
C LYS D 454 39.59 3.19 -33.95
N GLU D 455 39.93 4.33 -33.34
CA GLU D 455 40.26 4.39 -31.90
C GLU D 455 39.05 4.13 -30.99
N MET D 456 38.00 4.93 -31.15
CA MET D 456 36.77 4.79 -30.36
C MET D 456 36.06 3.47 -30.63
N ALA D 457 36.11 3.02 -31.88
CA ALA D 457 35.51 1.76 -32.31
C ALA D 457 36.13 0.57 -31.56
N ALA D 458 37.45 0.59 -31.42
CA ALA D 458 38.18 -0.46 -30.71
C ALA D 458 37.86 -0.46 -29.22
N GLU D 459 37.69 0.72 -28.64
CA GLU D 459 37.28 0.87 -27.25
C GLU D 459 35.87 0.30 -27.02
N LEU D 460 34.97 0.60 -27.96
CA LEU D 460 33.59 0.12 -27.90
C LEU D 460 33.47 -1.38 -28.16
N LYS D 461 34.37 -1.92 -29.00
CA LYS D 461 34.39 -3.35 -29.29
C LYS D 461 34.86 -4.15 -28.07
N ALA D 462 35.78 -3.58 -27.30
CA ALA D 462 36.27 -4.20 -26.07
C ALA D 462 35.21 -4.23 -24.97
N LEU D 463 34.32 -3.23 -24.99
CA LEU D 463 33.29 -3.10 -23.97
C LEU D 463 32.01 -3.87 -24.31
N TYR D 464 31.56 -3.79 -25.56
CA TYR D 464 30.30 -4.38 -26.00
C TYR D 464 30.44 -5.77 -26.62
N SER D 465 31.58 -6.03 -27.25
CA SER D 465 31.86 -7.28 -27.98
C SER D 465 31.11 -7.41 -29.31
N ASP D 466 29.78 -7.33 -29.24
CA ASP D 466 28.92 -7.46 -30.42
C ASP D 466 28.34 -6.11 -30.82
N ILE D 467 28.30 -5.84 -32.13
CA ILE D 467 27.70 -4.63 -32.67
C ILE D 467 26.17 -4.63 -32.52
N ASP D 468 25.60 -5.82 -32.46
CA ASP D 468 24.15 -5.98 -32.29
C ASP D 468 23.69 -5.77 -30.84
N VAL D 469 24.64 -5.45 -29.96
CA VAL D 469 24.35 -5.18 -28.55
C VAL D 469 24.60 -3.70 -28.21
N MET D 470 25.13 -2.96 -29.17
CA MET D 470 25.38 -1.52 -29.03
C MET D 470 24.09 -0.76 -28.69
N GLU D 471 24.19 0.17 -27.75
CA GLU D 471 23.04 0.93 -27.25
C GLU D 471 22.76 2.17 -28.09
N LEU D 472 21.51 2.62 -28.09
CA LEU D 472 21.06 3.74 -28.92
C LEU D 472 21.73 5.07 -28.57
N TYR D 473 21.62 5.48 -27.31
CA TYR D 473 22.10 6.80 -26.87
C TYR D 473 23.60 7.06 -27.13
N PRO D 474 24.50 6.16 -26.65
CA PRO D 474 25.92 6.41 -26.90
C PRO D 474 26.29 6.39 -28.39
N ALA D 475 25.64 5.50 -29.14
CA ALA D 475 25.88 5.38 -30.58
C ALA D 475 25.53 6.66 -31.33
N LEU D 476 24.48 7.35 -30.87
CA LEU D 476 24.05 8.62 -31.47
C LEU D 476 25.10 9.70 -31.33
N LEU D 477 25.82 9.69 -30.22
CA LEU D 477 26.85 10.69 -29.93
C LEU D 477 28.23 10.34 -30.52
N VAL D 478 28.49 9.05 -30.76
CA VAL D 478 29.77 8.62 -31.31
C VAL D 478 29.71 8.31 -32.81
N GLU D 479 28.52 8.40 -33.39
CA GLU D 479 28.29 8.01 -34.78
C GLU D 479 29.06 8.88 -35.77
N LYS D 480 29.53 8.26 -36.85
CA LYS D 480 30.14 8.96 -37.98
C LYS D 480 29.18 10.02 -38.51
N PRO D 481 29.57 11.30 -38.39
CA PRO D 481 28.70 12.37 -38.89
C PRO D 481 28.74 12.42 -40.42
N ARG D 482 27.66 12.91 -41.02
CA ARG D 482 27.65 13.22 -42.44
C ARG D 482 28.70 14.30 -42.73
N PRO D 483 29.20 14.38 -43.98
CA PRO D 483 30.21 15.36 -44.34
C PRO D 483 29.93 16.76 -43.79
N ASP D 484 30.79 17.21 -42.87
CA ASP D 484 30.69 18.53 -42.23
C ASP D 484 29.35 18.80 -41.54
N ALA D 485 28.72 17.74 -41.06
CA ALA D 485 27.40 17.83 -40.43
C ALA D 485 27.48 17.66 -38.91
N ILE D 486 26.41 18.08 -38.24
CA ILE D 486 26.30 17.97 -36.78
C ILE D 486 25.88 16.56 -36.33
N PHE D 487 25.10 15.86 -37.15
CA PHE D 487 24.59 14.53 -36.81
C PHE D 487 25.03 13.44 -37.78
N GLY D 488 24.88 12.20 -37.33
CA GLY D 488 25.02 11.03 -38.20
C GLY D 488 23.66 10.58 -38.70
N GLU D 489 23.64 9.46 -39.43
CA GLU D 489 22.44 8.92 -40.05
C GLU D 489 21.32 8.58 -39.06
N THR D 490 21.67 7.92 -37.95
CA THR D 490 20.67 7.45 -36.98
C THR D 490 19.87 8.58 -36.34
N MET D 491 20.55 9.70 -36.05
CA MET D 491 19.91 10.86 -35.43
C MET D 491 18.87 11.53 -36.35
N VAL D 492 19.20 11.65 -37.64
CA VAL D 492 18.32 12.28 -38.62
C VAL D 492 17.13 11.38 -38.95
N GLU D 493 17.39 10.09 -39.11
CA GLU D 493 16.35 9.14 -39.53
C GLU D 493 15.39 8.72 -38.41
N LEU D 494 15.80 8.94 -37.16
CA LEU D 494 14.91 8.76 -36.01
C LEU D 494 14.27 10.06 -35.60
N GLY D 495 15.07 11.12 -35.54
CA GLY D 495 14.61 12.45 -35.10
C GLY D 495 13.58 13.10 -36.01
N ALA D 496 13.77 12.98 -37.32
CA ALA D 496 12.87 13.61 -38.30
C ALA D 496 11.41 13.14 -38.25
N PRO D 497 11.18 11.81 -38.22
CA PRO D 497 9.80 11.32 -38.08
C PRO D 497 9.10 11.77 -36.79
N PHE D 498 9.82 11.75 -35.67
CA PHE D 498 9.27 12.21 -34.39
C PHE D 498 8.95 13.71 -34.40
N SER D 499 9.91 14.50 -34.88
CA SER D 499 9.79 15.96 -34.90
C SER D 499 8.66 16.47 -35.78
N LEU D 500 8.61 16.00 -37.04
CA LEU D 500 7.63 16.47 -38.02
C LEU D 500 6.20 16.07 -37.67
N LYS D 501 6.04 14.88 -37.08
CA LYS D 501 4.74 14.40 -36.63
C LYS D 501 4.21 15.24 -35.47
N GLY D 502 5.10 15.60 -34.55
CA GLY D 502 4.74 16.44 -33.41
C GLY D 502 4.29 17.82 -33.81
N LEU D 503 4.91 18.35 -34.86
CA LEU D 503 4.60 19.70 -35.37
C LEU D 503 3.31 19.75 -36.17
N MET D 504 3.16 18.81 -37.12
CA MET D 504 1.98 18.79 -37.99
C MET D 504 0.77 18.12 -37.35
N GLY D 505 1.02 17.32 -36.31
CA GLY D 505 -0.06 16.64 -35.58
C GLY D 505 -0.90 17.56 -34.71
N ASN D 506 -0.42 18.78 -34.52
CA ASN D 506 -1.13 19.80 -33.76
C ASN D 506 -2.50 20.12 -34.38
N PRO D 507 -3.55 20.25 -33.54
CA PRO D 507 -4.90 20.56 -34.02
C PRO D 507 -5.02 21.83 -34.85
N ILE D 508 -4.16 22.82 -34.59
CA ILE D 508 -4.17 24.07 -35.38
C ILE D 508 -3.85 23.83 -36.86
N CYS D 509 -3.29 22.66 -37.15
CA CYS D 509 -2.95 22.28 -38.53
C CYS D 509 -4.10 21.57 -39.24
N SER D 510 -5.10 21.16 -38.46
CA SER D 510 -6.28 20.48 -39.02
C SER D 510 -7.15 21.46 -39.82
N PRO D 511 -7.93 20.95 -40.80
CA PRO D 511 -8.77 21.80 -41.67
C PRO D 511 -9.73 22.73 -40.93
N GLN D 512 -10.31 22.28 -39.83
CA GLN D 512 -11.28 23.10 -39.09
C GLN D 512 -10.65 24.23 -38.26
N TYR D 513 -9.36 24.09 -37.95
CA TYR D 513 -8.62 25.13 -37.23
C TYR D 513 -7.84 26.06 -38.16
N TRP D 514 -7.34 25.51 -39.27
CA TRP D 514 -6.46 26.27 -40.16
C TRP D 514 -7.21 27.25 -41.07
N LYS D 515 -7.72 28.32 -40.46
CA LYS D 515 -8.42 29.38 -41.16
C LYS D 515 -8.31 30.70 -40.37
N PRO D 516 -8.40 31.85 -41.07
CA PRO D 516 -8.21 33.17 -40.44
C PRO D 516 -9.00 33.41 -39.15
N SER D 517 -10.26 32.99 -39.12
CA SER D 517 -11.17 33.26 -37.99
C SER D 517 -10.71 32.66 -36.66
N THR D 518 -9.92 31.59 -36.73
CA THR D 518 -9.35 30.95 -35.55
C THR D 518 -8.35 31.87 -34.84
N PHE D 519 -7.64 32.67 -35.62
CA PHE D 519 -6.57 33.52 -35.11
C PHE D 519 -6.94 35.01 -35.11
N GLY D 520 -8.23 35.30 -35.07
CA GLY D 520 -8.72 36.67 -34.97
C GLY D 520 -8.74 37.45 -36.27
N GLY D 521 -8.73 36.73 -37.39
CA GLY D 521 -8.76 37.36 -38.71
C GLY D 521 -7.44 37.27 -39.46
N GLU D 522 -7.37 37.97 -40.58
CA GLU D 522 -6.20 37.94 -41.47
C GLU D 522 -4.93 38.51 -40.82
N VAL D 523 -5.10 39.53 -39.98
CA VAL D 523 -3.97 40.17 -39.28
C VAL D 523 -3.27 39.19 -38.34
N GLY D 524 -4.05 38.41 -37.59
CA GLY D 524 -3.50 37.39 -36.69
C GLY D 524 -2.94 36.19 -37.41
N PHE D 525 -3.58 35.81 -38.52
CA PHE D 525 -3.14 34.72 -39.38
C PHE D 525 -1.81 35.05 -40.04
N LYS D 526 -1.62 36.32 -40.39
CA LYS D 526 -0.39 36.82 -41.00
C LYS D 526 0.80 36.74 -40.05
N ILE D 527 0.55 36.99 -38.76
CA ILE D 527 1.59 36.88 -37.72
C ILE D 527 2.23 35.49 -37.73
N ILE D 528 1.42 34.45 -37.90
CA ILE D 528 1.91 33.08 -38.01
C ILE D 528 2.69 32.86 -39.31
N ASN D 529 2.09 33.24 -40.43
CA ASN D 529 2.64 32.93 -41.76
C ASN D 529 3.86 33.76 -42.16
N THR D 530 4.17 34.79 -41.37
CA THR D 530 5.34 35.63 -41.63
C THR D 530 6.38 35.50 -40.51
N ALA D 531 6.12 34.62 -39.55
CA ALA D 531 6.98 34.43 -38.40
C ALA D 531 8.36 33.90 -38.78
N SER D 532 9.37 34.36 -38.05
CA SER D 532 10.75 33.89 -38.18
C SER D 532 11.47 34.14 -36.86
N ILE D 533 12.63 33.53 -36.68
CA ILE D 533 13.44 33.78 -35.48
C ILE D 533 13.96 35.23 -35.45
N GLN D 534 14.20 35.80 -36.62
CA GLN D 534 14.65 37.20 -36.73
C GLN D 534 13.57 38.19 -36.31
N SER D 535 12.36 38.01 -36.81
CA SER D 535 11.23 38.91 -36.52
C SER D 535 10.77 38.79 -35.06
N LEU D 536 10.89 37.60 -34.49
CA LEU D 536 10.59 37.36 -33.07
C LEU D 536 11.49 38.20 -32.16
N ILE D 537 12.79 38.20 -32.48
CA ILE D 537 13.78 39.00 -31.76
C ILE D 537 13.61 40.50 -32.08
N CYS D 538 13.37 40.80 -33.35
CA CYS D 538 13.24 42.19 -33.81
C CYS D 538 12.08 42.95 -33.16
N ASN D 539 10.97 42.24 -32.95
CA ASN D 539 9.76 42.84 -32.38
C ASN D 539 9.78 42.96 -30.86
N ASN D 540 10.64 42.18 -30.21
CA ASN D 540 10.58 42.04 -28.76
C ASN D 540 11.88 42.38 -28.02
N VAL D 541 12.97 42.56 -28.76
CA VAL D 541 14.25 42.94 -28.16
C VAL D 541 14.67 44.32 -28.64
N LYS D 542 15.10 45.15 -27.70
CA LYS D 542 15.48 46.54 -27.96
C LYS D 542 16.61 46.65 -28.99
N GLY D 543 16.38 47.48 -30.01
CA GLY D 543 17.39 47.74 -31.04
C GLY D 543 17.38 46.80 -32.23
N CYS D 544 16.46 45.83 -32.23
CA CYS D 544 16.34 44.81 -33.29
C CYS D 544 17.70 44.22 -33.70
N PRO D 545 18.34 43.46 -32.80
CA PRO D 545 19.65 42.91 -33.14
C PRO D 545 19.55 41.76 -34.14
N PHE D 546 20.53 41.67 -35.02
CA PHE D 546 20.63 40.56 -35.97
C PHE D 546 20.76 39.24 -35.20
N THR D 547 20.02 38.23 -35.62
CA THR D 547 20.13 36.90 -35.04
C THR D 547 19.99 35.80 -36.09
N SER D 548 20.55 34.64 -35.77
CA SER D 548 20.50 33.46 -36.63
C SER D 548 20.74 32.22 -35.77
N PHE D 549 20.46 31.04 -36.34
CA PHE D 549 20.78 29.79 -35.68
C PHE D 549 22.20 29.32 -36.02
N ASN D 550 22.87 30.07 -36.89
CA ASN D 550 24.26 29.80 -37.24
C ASN D 550 25.17 31.02 -37.10
N VAL D 551 26.45 30.76 -36.86
CA VAL D 551 27.48 31.81 -36.88
C VAL D 551 27.76 32.24 -38.34
N GLN D 552 28.41 33.39 -38.49
CA GLN D 552 28.70 33.92 -39.83
C GLN D 552 30.00 33.36 -40.38
C1 NAG E . 2.14 -24.61 38.46
C2 NAG E . 3.30 -25.59 38.44
C3 NAG E . 2.82 -27.04 38.52
C4 NAG E . 1.78 -27.27 39.62
C5 NAG E . 0.71 -26.16 39.61
C6 NAG E . -0.21 -26.25 40.81
C7 NAG E . 5.42 -25.23 37.29
C8 NAG E . 6.12 -25.16 35.97
N2 NAG E . 4.10 -25.41 37.24
O3 NAG E . 3.92 -27.90 38.74
O4 NAG E . 1.18 -28.53 39.38
O5 NAG E . 1.31 -24.88 39.59
O6 NAG E . 0.52 -26.03 42.00
O7 NAG E . 6.06 -25.10 38.34
C1 NAG E . 1.36 -29.49 40.46
C2 NAG E . 0.46 -30.68 40.14
C3 NAG E . 0.50 -31.74 41.24
C4 NAG E . 1.92 -32.06 41.75
C5 NAG E . 2.89 -30.86 41.70
C6 NAG E . 4.33 -31.36 41.64
C7 NAG E . -1.75 -29.60 40.67
C8 NAG E . -3.07 -29.23 40.07
N2 NAG E . -0.92 -30.27 39.85
O3 NAG E . -0.08 -32.93 40.76
O4 NAG E . 1.74 -32.51 43.08
O5 NAG E . 2.68 -29.98 40.61
O6 NAG E . 5.22 -30.28 41.80
O7 NAG E . -1.50 -29.28 41.84
C1 NAG E . 2.39 -33.75 43.51
C2 NAG E . 2.79 -34.75 42.40
C3 NAG E . 3.46 -35.99 43.02
C4 NAG E . 4.51 -35.65 44.08
C5 NAG E . 3.98 -34.60 45.06
C6 NAG E . 5.05 -34.15 46.05
C7 NAG E . 0.95 -36.24 41.56
C8 NAG E . 1.09 -37.12 40.35
N2 NAG E . 1.65 -35.10 41.55
O3 NAG E . 4.08 -36.76 42.00
O4 NAG E . 4.87 -36.82 44.77
O5 NAG E . 3.51 -33.47 44.33
O6 NAG E . 5.07 -35.01 47.16
O7 NAG E . 0.21 -36.57 42.49
C1 NAG F . 11.93 -25.51 21.72
C2 NAG F . 10.95 -26.66 21.98
C3 NAG F . 11.69 -27.99 22.13
C4 NAG F . 12.67 -28.23 20.96
C5 NAG F . 13.53 -26.99 20.72
C6 NAG F . 14.38 -27.11 19.44
C7 NAG F . 8.83 -26.32 23.15
C8 NAG F . 8.16 -26.19 24.48
N2 NAG F . 10.16 -26.41 23.17
O3 NAG F . 10.76 -29.05 22.20
O4 NAG F . 13.45 -29.36 21.27
O5 NAG F . 12.73 -25.81 20.59
O6 NAG F . 13.55 -27.29 18.33
O7 NAG F . 8.15 -26.36 22.12
C1 NAG F . 13.30 -30.41 20.30
C2 NAG F . 14.34 -31.52 20.55
C3 NAG F . 14.27 -32.57 19.44
C4 NAG F . 12.83 -33.09 19.26
C5 NAG F . 11.85 -31.92 19.18
C6 NAG F . 10.40 -32.38 19.12
C7 NAG F . 16.39 -30.21 19.92
C8 NAG F . 17.47 -29.39 20.57
N2 NAG F . 15.69 -31.00 20.75
O3 NAG F . 15.16 -33.62 19.75
O4 NAG F . 12.71 -33.88 18.09
O5 NAG F . 12.02 -31.02 20.26
O6 NAG F . 9.98 -32.86 20.37
O7 NAG F . 16.20 -30.14 18.71
C1 NAG F . 13.04 -35.29 18.28
C2 NAG F . 11.99 -36.04 19.10
C3 NAG F . 11.47 -37.28 18.36
C4 NAG F . 11.09 -36.91 16.94
C5 NAG F . 12.29 -36.33 16.17
C6 NAG F . 11.86 -35.19 15.25
C7 NAG F . 13.68 -36.82 20.77
C8 NAG F . 14.35 -36.09 21.90
N2 NAG F . 12.45 -36.39 20.45
O3 NAG F . 10.36 -37.82 19.04
O4 NAG F . 10.60 -38.05 16.26
O5 NAG F . 13.36 -35.94 17.04
O6 NAG F . 12.98 -34.69 14.54
O7 NAG F . 14.26 -37.75 20.21
C1 NAG G . -11.32 22.23 -17.29
C2 NAG G . -10.23 22.28 -16.22
C3 NAG G . -10.80 22.47 -14.82
C4 NAG G . -11.83 23.61 -14.75
C5 NAG G . -12.84 23.48 -15.91
C6 NAG G . -13.79 24.67 -15.98
C7 NAG G . -8.13 21.06 -16.54
C8 NAG G . -7.45 19.73 -16.42
N2 NAG G . -9.44 21.06 -16.27
O3 NAG G . -9.76 22.74 -13.91
O4 NAG G . -12.49 23.55 -13.50
O5 NAG G . -12.17 23.36 -17.15
O6 NAG G . -13.07 25.87 -16.13
O7 NAG G . -7.50 22.06 -16.88
C1 NAG G . -12.32 24.76 -12.72
C2 NAG G . -13.21 24.67 -11.48
C3 NAG G . -13.12 25.94 -10.62
C4 NAG G . -11.66 26.37 -10.37
C5 NAG G . -10.83 26.27 -11.66
C6 NAG G . -9.35 26.54 -11.42
C7 NAG G . -15.45 24.97 -12.58
C8 NAG G . -16.62 24.17 -13.08
N2 NAG G . -14.60 24.30 -11.79
O3 NAG G . -13.78 25.70 -9.40
O4 NAG G . -11.59 27.71 -9.89
O5 NAG G . -11.00 25.02 -12.30
O6 NAG G . -8.73 25.44 -10.81
O7 NAG G . -15.32 26.15 -12.91
C1 NAG G . -11.79 27.86 -8.46
C2 NAG G . -10.50 27.66 -7.64
C3 NAG G . -10.05 28.96 -6.93
C4 NAG G . -10.29 30.19 -7.80
C5 NAG G . -11.75 30.30 -8.25
C6 NAG G . -11.83 30.87 -9.68
C7 NAG G . -11.30 26.61 -5.53
C8 NAG G . -10.49 26.28 -4.31
N2 NAG G . -10.65 26.56 -6.70
O3 NAG G . -8.68 28.88 -6.59
O4 NAG G . -9.92 31.35 -7.06
O5 NAG G . -12.46 29.07 -8.12
O6 NAG G . -13.13 30.67 -10.20
O7 NAG G . -12.49 26.89 -5.42
C1 NAG H . -1.04 5.74 -15.42
C2 NAG H . -2.10 6.05 -14.35
C3 NAG H . -1.45 6.32 -12.99
C4 NAG H . -0.46 5.22 -12.60
C5 NAG H . 0.49 4.90 -13.76
C6 NAG H . 1.35 3.67 -13.48
C7 NAG H . -4.25 7.07 -14.89
C8 NAG H . -4.98 8.33 -15.24
N2 NAG H . -2.93 7.17 -14.73
O3 NAG H . -2.43 6.45 -11.98
O4 NAG H . 0.27 5.67 -11.47
O5 NAG H . -0.22 4.67 -14.97
O6 NAG H . 0.54 2.54 -13.26
O7 NAG H . -4.88 6.01 -14.76
C1 NAG H . 0.06 4.85 -10.30
C2 NAG H . 0.96 5.37 -9.17
C3 NAG H . 0.81 4.52 -7.89
C4 NAG H . -0.66 4.29 -7.52
C5 NAG H . -1.48 3.90 -8.76
C6 NAG H . -2.97 3.79 -8.46
C7 NAG H . 3.10 4.62 -10.19
C8 NAG H . 4.19 5.17 -11.07
N2 NAG H . 2.35 5.52 -9.56
O3 NAG H . 1.50 5.19 -6.85
O4 NAG H . -0.83 3.27 -6.54
O5 NAG H . -1.28 4.83 -9.82
O6 NAG H . -3.58 5.06 -8.48
O7 NAG H . 2.97 3.40 -10.07
C1 NAG H . -0.42 3.60 -5.19
C2 NAG H . -1.35 4.61 -4.48
C3 NAG H . -1.50 4.30 -2.98
C4 NAG H . -1.98 2.87 -2.75
C5 NAG H . -1.24 1.85 -3.62
C6 NAG H . -2.21 1.03 -4.50
C7 NAG H . 0.06 6.63 -4.04
C8 NAG H . -0.19 8.09 -3.79
N2 NAG H . -0.90 5.98 -4.72
O3 NAG H . -2.42 5.20 -2.39
O4 NAG H . -1.80 2.54 -1.40
O5 NAG H . -0.19 2.42 -4.40
O6 NAG H . -3.12 0.33 -3.68
O7 NAG H . 1.11 6.12 -3.65
CHA HEM I . -17.24 -24.43 27.51
CHB HEM I . -20.38 -26.90 24.78
CHC HEM I . -20.86 -23.05 21.86
CHD HEM I . -18.16 -20.38 24.88
C1A HEM I . -18.02 -25.46 27.02
C2A HEM I . -18.08 -26.81 27.53
C3A HEM I . -18.96 -27.49 26.78
C4A HEM I . -19.46 -26.59 25.76
CMA HEM I . -19.37 -28.99 26.95
CAA HEM I . -17.29 -27.36 28.74
CBA HEM I . -15.99 -28.01 28.30
CGA HEM I . -15.62 -29.12 29.24
O1A HEM I . -15.58 -28.88 30.48
O2A HEM I . -15.37 -30.26 28.76
C1B HEM I . -20.73 -26.11 23.71
C2B HEM I . -21.46 -26.53 22.53
C3B HEM I . -21.60 -25.47 21.73
C4B HEM I . -20.95 -24.33 22.36
CMB HEM I . -22.00 -27.95 22.26
CAB HEM I . -22.32 -25.47 20.36
CBB HEM I . -21.68 -25.04 19.27
C1C HEM I . -20.21 -21.98 22.42
C2C HEM I . -20.18 -20.62 21.92
C3C HEM I . -19.43 -19.88 22.75
C4C HEM I . -18.96 -20.74 23.81
CMC HEM I . -20.89 -20.12 20.64
CAC HEM I . -19.13 -18.37 22.60
CBC HEM I . -17.86 -17.94 22.55
C1D HEM I . -17.53 -21.25 25.75
C2D HEM I . -16.32 -20.96 26.50
C3D HEM I . -16.04 -22.24 27.31
C4D HEM I . -17.10 -23.16 26.98
CMD HEM I . -15.49 -19.66 26.48
CAD HEM I . -14.86 -22.47 28.27
CBD HEM I . -13.80 -23.28 27.54
CGD HEM I . -12.68 -23.68 28.48
O1D HEM I . -12.61 -23.13 29.61
O2D HEM I . -11.85 -24.54 28.09
NA HEM I . -18.87 -25.37 25.94
NB HEM I . -20.43 -24.77 23.57
NC HEM I . -19.46 -22.01 23.58
ND HEM I . -17.95 -22.54 26.07
FE HEM I . -19.19 -23.66 24.80
C1 NAG J . -13.29 1.48 56.49
C2 NAG J . -14.08 0.48 57.34
C3 NAG J . -14.81 1.15 58.52
C4 NAG J . -14.05 2.39 59.01
C5 NAG J . -13.86 3.41 57.87
C6 NAG J . -12.60 4.24 58.07
C7 NAG J . -15.09 -1.54 56.42
C8 NAG J . -15.41 -2.07 55.05
N2 NAG J . -15.07 -0.22 56.55
O3 NAG J . -14.96 0.23 59.58
O4 NAG J . -14.75 2.98 60.06
O5 NAG J . -13.84 2.79 56.58
O6 NAG J . -12.76 5.50 57.45
O7 NAG J . -14.88 -2.33 57.34
C1 NAG K . -25.12 -36.83 11.10
C2 NAG K . -26.33 -37.60 11.66
C3 NAG K . -27.12 -38.31 10.57
C4 NAG K . -27.37 -37.42 9.36
C5 NAG K . -26.08 -36.73 8.92
C6 NAG K . -26.33 -35.75 7.78
C7 NAG K . -26.37 -38.53 13.93
C8 NAG K . -25.68 -39.41 14.92
N2 NAG K . -25.90 -38.54 12.68
O3 NAG K . -28.36 -38.74 11.09
O4 NAG K . -27.89 -38.21 8.30
O5 NAG K . -25.55 -36.01 10.01
O6 NAG K . -25.16 -35.66 6.99
O7 NAG K . -27.34 -37.85 14.28
C1 BOG L . -36.60 -27.99 34.48
O1 BOG L . -37.72 -27.13 34.63
C2 BOG L . -36.92 -29.37 35.05
O2 BOG L . -37.16 -29.26 36.47
C3 BOG L . -35.79 -30.36 34.80
O3 BOG L . -36.25 -31.69 35.11
C4 BOG L . -35.29 -30.32 33.36
O4 BOG L . -34.06 -31.05 33.25
C5 BOG L . -35.07 -28.88 32.88
O5 BOG L . -36.26 -28.10 33.10
C6 BOG L . -34.69 -28.80 31.40
O6 BOG L . -35.71 -29.40 30.59
C1' BOG L . -37.34 -25.84 35.13
C2' BOG L . -38.15 -24.77 34.41
C3' BOG L . -37.42 -24.29 33.16
C4' BOG L . -37.84 -25.06 31.91
C5' BOG L . -38.86 -24.28 31.09
C6' BOG L . -38.59 -24.44 29.60
C7' BOG L . -39.53 -25.45 28.96
C8' BOG L . -39.16 -25.68 27.51
CAA T1N M . -15.28 -9.71 25.24
CAB T1N M . -14.24 -1.17 21.29
OAC T1N M . -13.59 -0.59 24.03
OAD T1N M . -15.72 0.01 24.31
CAE T1N M . -17.84 -6.48 24.76
CAF T1N M . -14.14 -3.71 22.82
CAG T1N M . -17.76 -5.16 24.33
CAH T1N M . -14.23 -5.04 23.23
CAI T1N M . -15.53 -6.84 24.18
CAJ T1N M . -16.45 -3.36 23.40
SAK T1N M . -16.90 -8.97 25.22
CAL T1N M . -14.80 -0.58 23.69
CAM T1N M . -16.74 -7.32 24.68
CAN T1N M . -15.26 -2.88 22.89
CAO T1N M . -15.43 -5.52 23.74
CAP T1N M . -16.54 -4.69 23.83
CAQ T1N M . -15.21 -1.41 22.46
C1 BOG N . -14.09 3.84 28.63
O1 BOG N . -13.75 4.27 27.31
C2 BOG N . -12.84 3.83 29.49
O2 BOG N . -11.87 2.93 28.94
C3 BOG N . -13.16 3.42 30.93
O3 BOG N . -12.01 3.59 31.75
C4 BOG N . -14.32 4.26 31.50
O4 BOG N . -14.76 3.66 32.73
C5 BOG N . -15.50 4.36 30.52
O5 BOG N . -15.05 4.74 29.21
C6 BOG N . -16.55 5.36 30.99
O6 BOG N . -16.11 6.70 30.75
C1' BOG N . -14.78 3.99 26.36
C2' BOG N . -14.34 4.44 24.97
C3' BOG N . -14.01 5.92 24.92
C4' BOG N . -14.82 6.64 23.85
C5' BOG N . -14.53 8.14 23.85
C6' BOG N . -15.59 8.92 24.62
C7' BOG N . -15.03 9.44 25.94
C8' BOG N . -15.79 10.66 26.42
CHA HEM O . 30.94 -21.71 32.23
CHB HEM O . 34.38 -23.42 35.18
CHC HEM O . 34.52 -19.16 37.53
CHD HEM O . 31.55 -17.27 34.19
C1A HEM O . 31.82 -22.57 32.84
C2A HEM O . 31.97 -23.99 32.57
C3A HEM O . 32.92 -24.46 33.39
C4A HEM O . 33.40 -23.36 34.21
CMA HEM O . 33.43 -25.92 33.46
CAA HEM O . 31.19 -24.79 31.50
CBA HEM O . 31.82 -24.50 30.14
CGA HEM O . 31.12 -25.21 29.01
O1A HEM O . 30.00 -24.77 28.62
O2A HEM O . 31.69 -26.21 28.49
C1B HEM O . 34.66 -22.44 36.12
C2B HEM O . 35.48 -22.61 37.31
C3B HEM O . 35.52 -21.44 37.96
C4B HEM O . 34.73 -20.48 37.22
CMB HEM O . 36.17 -23.93 37.73
CAB HEM O . 36.29 -21.18 39.29
CBB HEM O . 35.66 -20.65 40.34
C1C HEM O . 33.74 -18.26 36.82
C2C HEM O . 33.56 -16.85 37.13
C3C HEM O . 32.74 -16.32 36.21
C4C HEM O . 32.38 -17.38 35.29
CMC HEM O . 34.21 -16.09 38.31
CAC HEM O . 32.27 -14.86 36.13
CBC HEM O . 30.96 -14.56 36.07
C1D HEM O . 30.97 -18.30 33.48
C2D HEM O . 29.74 -18.24 32.74
C3D HEM O . 29.55 -19.63 32.13
C4D HEM O . 30.70 -20.39 32.56
CMD HEM O . 28.79 -17.03 32.59
CAD HEM O . 28.38 -20.13 31.24
CBD HEM O . 27.33 -20.79 32.12
CGD HEM O . 26.30 -21.50 31.28
O1D HEM O . 25.95 -21.00 30.18
O2D HEM O . 25.82 -22.57 31.72
NA HEM O . 32.70 -22.22 33.85
NB HEM O . 34.22 -21.13 36.10
NC HEM O . 33.01 -18.54 35.70
ND HEM O . 31.50 -19.58 33.34
FE HEM O . 32.87 -20.35 34.75
C1 NAG P . 24.86 -1.37 -0.09
C2 NAG P . 25.41 -2.53 -0.94
C3 NAG P . 26.51 -2.08 -1.91
C4 NAG P . 26.09 -0.80 -2.63
C5 NAG P . 25.74 0.31 -1.64
C6 NAG P . 24.51 1.09 -2.08
C7 NAG P . 26.93 -3.81 0.60
C8 NAG P . 27.36 -5.22 0.88
N2 NAG P . 25.81 -3.67 -0.12
O3 NAG P . 26.78 -3.10 -2.84
O4 NAG P . 27.15 -0.38 -3.47
O5 NAG P . 25.58 -0.16 -0.29
O6 NAG P . 24.61 2.43 -1.65
O7 NAG P . 27.60 -2.87 1.05
C1 NAG Q . 40.18 -30.56 50.48
C2 NAG Q . 41.47 -30.98 49.76
C3 NAG Q . 42.59 -31.33 50.75
C4 NAG Q . 42.69 -30.34 51.90
C5 NAG Q . 41.31 -30.09 52.51
C6 NAG Q . 41.34 -29.11 53.68
C7 NAG Q . 41.77 -32.25 47.68
C8 NAG Q . 41.13 -33.25 46.77
N2 NAG Q . 41.23 -32.12 48.90
O3 NAG Q . 43.82 -31.38 50.06
O4 NAG Q . 43.60 -30.84 52.87
O5 NAG Q . 40.45 -29.61 51.50
O6 NAG Q . 41.42 -27.78 53.21
O7 NAG Q . 42.75 -31.61 47.29
CAA T1N R . 27.73 -6.98 32.27
CAB T1N R . 25.57 1.82 34.89
OAC T1N R . 27.10 2.82 31.83
OAD T1N R . 25.02 2.08 32.12
CAE T1N R . 29.94 -3.43 32.31
CAF T1N R . 25.90 -0.86 33.79
CAG T1N R . 29.69 -2.08 32.53
CAH T1N R . 26.15 -2.21 33.59
CAI T1N R . 27.67 -3.97 32.94
CAJ T1N R . 28.17 -0.32 33.16
SAK T1N R . 29.28 -6.08 32.23
CAL T1N R . 26.21 2.22 32.49
CAM T1N R . 28.93 -4.38 32.51
CAN T1N R . 26.90 0.09 33.59
CAO T1N R . 27.42 -2.62 33.16
CAP T1N R . 28.42 -1.67 32.95
CAQ T1N R . 26.63 1.58 33.82
C1 BOG S . 25.29 5.49 26.58
O1 BOG S . 24.87 6.12 27.78
C2 BOG S . 24.06 5.17 25.72
O2 BOG S . 23.22 4.25 26.41
C3 BOG S . 24.48 4.59 24.37
O3 BOG S . 23.33 4.52 23.52
C4 BOG S . 25.55 5.42 23.69
O4 BOG S . 26.09 4.67 22.60
C5 BOG S . 26.68 5.83 24.63
O5 BOG S . 26.15 6.38 25.85
C6 BOG S . 27.59 6.86 23.99
O6 BOG S . 26.96 8.15 23.95
C1' BOG S . 25.85 6.02 28.82
C2' BOG S . 25.24 6.46 30.14
C3' BOG S . 24.93 7.96 30.14
C4' BOG S . 25.70 8.67 31.25
C5' BOG S . 25.19 10.10 31.42
C6' BOG S . 26.17 11.10 30.81
C7' BOG S . 26.37 12.29 31.74
C8' BOG S . 27.81 12.37 32.19
CHA HEM T . -30.15 10.65 -17.56
CHB HEM T . -33.36 8.01 -15.09
CHC HEM T . -33.66 4.89 -18.82
CHD HEM T . -30.90 7.84 -21.51
C1A HEM T . -30.96 10.21 -16.55
C2A HEM T . -31.12 10.82 -15.22
C3A HEM T . -32.01 10.07 -14.55
C4A HEM T . -32.45 8.99 -15.41
CMA HEM T . -32.49 10.32 -13.10
CAA HEM T . -30.38 12.09 -14.71
CBA HEM T . -30.80 13.29 -15.57
CGA HEM T . -30.70 14.60 -14.82
O1A HEM T . -31.68 14.95 -14.10
O2A HEM T . -29.67 15.30 -14.96
C1B HEM T . -33.66 6.89 -15.84
C2B HEM T . -34.38 5.71 -15.39
C3B HEM T . -34.46 4.85 -16.42
C4B HEM T . -33.79 5.45 -17.57
CMB HEM T . -34.95 5.50 -13.98
CAB HEM T . -35.15 3.47 -16.37
CBB HEM T . -34.46 2.37 -16.69
C1C HEM T . -32.97 5.42 -19.89
C2C HEM T . -32.90 4.88 -21.24
C3C HEM T . -32.14 5.68 -21.99
C4C HEM T . -31.70 6.78 -21.14
CMC HEM T . -33.58 3.58 -21.71
CAC HEM T . -31.80 5.49 -23.48
CBC HEM T . -30.53 5.39 -23.89
C1D HEM T . -30.32 8.76 -20.68
C2D HEM T . -29.13 9.53 -20.96
C3D HEM T . -28.90 10.41 -19.72
C4D HEM T . -29.97 10.08 -18.81
CMD HEM T . -28.26 9.49 -22.24
CAD HEM T . -27.77 11.43 -19.48
CBD HEM T . -26.58 10.68 -18.89
CGD HEM T . -25.62 11.64 -18.25
O1D HEM T . -25.37 12.72 -18.85
O2D HEM T . -25.10 11.33 -17.15
NA HEM T . -31.79 9.12 -16.62
NB HEM T . -33.31 6.68 -17.17
NC HEM T . -32.23 6.59 -19.88
ND HEM T . -30.77 9.11 -19.40
FE HEM T . -32.04 7.89 -18.29
C1 NAG U . -26.41 38.30 -44.34
C2 NAG U . -27.08 39.20 -43.29
C3 NAG U . -27.84 40.36 -43.94
C4 NAG U . -27.24 40.71 -45.29
C5 NAG U . -27.34 39.51 -46.25
C6 NAG U . -26.39 39.64 -47.42
C7 NAG U . -28.08 38.62 -41.13
C8 NAG U . -28.63 37.49 -40.32
N2 NAG U . -27.98 38.43 -42.45
O3 NAG U . -27.78 41.50 -43.08
O4 NAG U . -27.92 41.82 -45.84
O5 NAG U . -27.13 38.26 -45.57
O6 NAG U . -26.85 38.82 -48.48
O7 NAG U . -27.75 39.68 -40.57
C1 NAG V . -38.36 -5.26 -4.70
C2 NAG V . -39.53 -4.79 -3.84
C3 NAG V . -40.23 -5.96 -3.10
C4 NAG V . -39.50 -7.31 -3.15
C5 NAG V . -38.69 -7.57 -4.44
C6 NAG V . -39.15 -8.85 -5.15
C7 NAG V . -39.43 -2.50 -2.96
C8 NAG V . -38.77 -1.58 -1.98
N2 NAG V . -39.08 -3.79 -2.88
O3 NAG V . -41.53 -6.10 -3.62
O4 NAG V . -38.64 -7.41 -2.05
O5 NAG V . -38.73 -6.46 -5.33
O6 NAG V . -40.05 -8.55 -6.19
O7 NAG V . -40.25 -2.05 -3.76
CAA T1N W . -27.79 7.60 -32.09
CAB T1N W . -26.27 3.37 -40.39
OAC T1N W . -25.94 6.16 -41.10
OAD T1N W . -28.00 6.04 -41.91
CAE T1N W . -30.24 6.96 -35.40
CAF T1N W . -26.38 4.98 -37.95
CAG T1N W . -30.09 6.45 -36.69
CAH T1N W . -26.53 5.48 -36.66
CAI T1N W . -27.91 6.47 -34.94
CAJ T1N W . -28.71 5.47 -38.40
SAK T1N W . -29.36 7.61 -32.91
CAL T1N W . -27.07 5.64 -41.18
CAM T1N W . -29.15 6.97 -34.53
CAN T1N W . -27.48 4.96 -38.82
CAO T1N W . -27.76 5.97 -36.24
CAP T1N W . -28.86 5.96 -37.11
CAQ T1N W . -27.37 4.44 -40.26
C1 BOG X . -26.42 10.24 -45.72
O1 BOG X . -26.07 8.90 -46.10
C2 BOG X . -25.14 11.07 -45.66
O2 BOG X . -24.25 10.51 -44.69
C3 BOG X . -25.48 12.51 -45.30
O3 BOG X . -24.30 13.31 -45.34
C4 BOG X . -26.51 13.09 -46.26
O4 BOG X . -26.95 14.36 -45.79
C5 BOG X . -27.72 12.15 -46.46
O5 BOG X . -27.30 10.80 -46.70
C6 BOG X . -28.58 12.62 -47.62
O6 BOG X . -27.95 12.32 -48.86
C1' BOG X . -27.01 7.94 -45.63
C2' BOG X . -26.54 6.54 -46.01
C3' BOG X . -26.34 6.42 -47.52
C4' BOG X . -26.67 5.02 -48.01
C5' BOG X . -27.07 5.05 -49.48
C6' BOG X . -27.23 3.65 -50.03
C7' BOG X . -27.96 3.67 -51.38
C8' BOG X . -27.03 3.23 -52.49
CHA HEM Y . 17.79 16.92 -19.11
CHB HEM Y . 21.22 19.95 -17.54
CHC HEM Y . 21.27 22.11 -21.89
CHD HEM Y . 18.41 18.62 -23.67
C1A HEM Y . 18.67 17.58 -18.27
C2A HEM Y . 18.85 17.35 -16.85
C3A HEM Y . 19.80 18.18 -16.42
C4A HEM Y . 20.26 18.97 -17.56
CMA HEM Y . 20.32 18.30 -14.97
CAA HEM Y . 18.08 16.33 -16.00
CBA HEM Y . 16.68 16.84 -15.71
CGA HEM Y . 16.23 16.41 -14.33
O1A HEM Y . 16.34 15.20 -14.01
O2A HEM Y . 15.76 17.29 -13.56
C1B HEM Y . 21.45 20.86 -18.55
C2B HEM Y . 22.17 22.12 -18.41
C3B HEM Y . 22.18 22.72 -19.61
C4B HEM Y . 21.48 21.88 -20.55
CMB HEM Y . 22.80 22.66 -17.11
CAB HEM Y . 22.84 24.08 -19.91
CBB HEM Y . 22.14 25.04 -20.54
C1C HEM Y . 20.54 21.34 -22.78
C2C HEM Y . 20.40 21.56 -24.20
C3C HEM Y . 19.61 20.59 -24.70
C4C HEM Y . 19.22 19.73 -23.60
CMC HEM Y . 21.05 22.71 -25.02
CAC HEM Y . 19.19 20.43 -26.18
CBC HEM Y . 17.89 20.39 -26.50
C1D HEM Y . 17.88 17.92 -22.61
C2D HEM Y . 16.73 17.03 -22.67
C3D HEM Y . 16.54 16.50 -21.24
C4D HEM Y . 17.59 17.12 -20.46
CMD HEM Y . 15.86 16.69 -23.91
CAD HEM Y . 15.46 15.54 -20.72
CBD HEM Y . 14.27 16.37 -20.26
CGD HEM Y . 13.27 15.53 -19.50
O1D HEM Y . 13.11 14.33 -19.84
O2D HEM Y . 12.63 16.06 -18.57
NA HEM Y . 19.54 18.56 -18.67
NB HEM Y . 21.05 20.75 -19.87
NC HEM Y . 19.81 20.22 -22.45
ND HEM Y . 18.35 17.95 -21.29
FE HEM Y . 19.71 19.36 -20.58
C1 NAG Z . 13.21 -16.73 -38.33
C2 NAG Z . 14.07 -17.29 -37.19
C3 NAG Z . 14.67 -18.65 -37.55
C4 NAG Z . 13.93 -19.33 -38.71
C5 NAG Z . 13.84 -18.42 -39.94
C6 NAG Z . 12.64 -18.79 -40.82
C7 NAG Z . 15.69 -16.30 -35.64
C8 NAG Z . 15.54 -15.00 -34.88
N2 NAG Z . 15.12 -16.35 -36.85
O3 NAG Z . 14.64 -19.49 -36.42
O4 NAG Z . 14.62 -20.52 -39.04
O5 NAG Z . 13.78 -17.04 -39.59
O6 NAG Z . 12.97 -18.57 -42.17
O7 NAG Z . 16.32 -17.23 -35.15
C1 NAG AA . 26.05 35.51 -10.99
C2 NAG AA . 27.28 35.08 -10.19
C3 NAG AA . 28.17 36.28 -9.79
C4 NAG AA . 28.32 37.31 -10.90
C5 NAG AA . 26.98 37.61 -11.58
C6 NAG AA . 27.14 38.56 -12.76
C7 NAG AA . 27.36 33.19 -8.64
C8 NAG AA . 26.90 32.66 -7.31
N2 NAG AA . 26.87 34.37 -8.99
O3 NAG AA . 29.45 35.81 -9.42
O4 NAG AA . 28.87 38.49 -10.36
O5 NAG AA . 26.42 36.39 -12.03
O6 NAG AA . 25.93 39.28 -12.93
O7 NAG AA . 28.13 32.53 -9.34
C1 BOG BA . 37.43 10.99 -15.82
O1 BOG BA . 38.48 10.78 -16.76
C2 BOG BA . 37.89 10.59 -14.41
O2 BOG BA . 38.07 9.17 -14.38
C3 BOG BA . 36.88 10.98 -13.34
O3 BOG BA . 37.47 10.83 -12.04
C4 BOG BA . 36.38 12.42 -13.51
O4 BOG BA . 35.28 12.65 -12.62
C5 BOG BA . 35.95 12.66 -14.96
O5 BOG BA . 37.04 12.37 -15.84
C6 BOG BA . 35.50 14.10 -15.19
O6 BOG BA . 36.58 15.01 -14.94
C1' BOG BA . 37.99 10.48 -18.06
C2' BOG BA . 38.99 10.91 -19.11
C3' BOG BA . 38.59 12.25 -19.72
C4' BOG BA . 39.82 13.12 -19.97
C5' BOG BA . 39.41 14.48 -20.55
C6' BOG BA . 39.77 15.61 -19.59
C7' BOG BA . 40.42 16.76 -20.33
C8' BOG BA . 39.50 17.96 -20.41
CAA T1N CA . 14.94 16.06 -33.87
CAB T1N CA . 13.04 18.07 -42.87
OAC T1N CA . 12.72 15.19 -42.90
OAD T1N CA . 14.81 15.08 -43.64
CAE T1N CA . 17.28 15.94 -37.30
CAF T1N CA . 13.28 17.10 -40.11
CAG T1N CA . 17.07 16.10 -38.68
CAH T1N CA . 13.49 16.95 -38.74
CAI T1N CA . 14.96 16.44 -36.89
CAJ T1N CA . 15.60 16.59 -40.52
SAK T1N CA . 16.51 15.90 -34.70
CAL T1N CA . 13.86 15.67 -43.08
CAM T1N CA . 16.22 16.11 -36.42
CAN T1N CA . 14.35 16.93 -41.00
CAO T1N CA . 14.75 16.61 -38.26
CAP T1N CA . 15.81 16.43 -39.15
CAQ T1N CA . 14.16 17.07 -42.52
C1 BOG DA . 12.98 9.86 -46.46
O1 BOG DA . 12.52 10.96 -47.24
C2 BOG DA . 11.78 9.01 -46.04
O2 BOG DA . 10.92 9.80 -45.20
C3 BOG DA . 12.23 7.76 -45.27
O3 BOG DA . 11.11 6.89 -45.08
C4 BOG DA . 13.34 7.01 -46.00
O4 BOG DA . 13.90 6.04 -45.11
C5 BOG DA . 14.43 7.95 -46.53
O5 BOG DA . 13.86 9.05 -47.25
C6 BOG DA . 15.42 7.21 -47.43
O6 BOG DA . 14.83 6.94 -48.71
C1' BOG DA . 13.40 12.08 -47.16
C2' BOG DA . 12.72 13.30 -47.77
C3' BOG DA . 12.65 13.21 -49.29
C4' BOG DA . 13.59 14.20 -49.95
C5' BOG DA . 12.94 14.86 -51.18
C6' BOG DA . 13.33 14.14 -52.46
C7' BOG DA . 14.49 14.83 -53.17
C8' BOG DA . 15.68 13.90 -53.27
#